data_2MIE
# 
_entry.id   2MIE 
# 
_audit_conform.dict_name       mmcif_pdbx.dic 
_audit_conform.dict_version    5.392 
_audit_conform.dict_location   http://mmcif.pdb.org/dictionaries/ascii/mmcif_pdbx.dic 
# 
loop_
_database_2.database_id 
_database_2.database_code 
_database_2.pdbx_database_accession 
_database_2.pdbx_DOI 
PDB   2MIE         pdb_00002mie 10.2210/pdb2mie/pdb 
RCSB  RCSB103650   ?            ?                   
BMRB  19675        ?            10.13018/BMR19675   
WWPDB D_1000103650 ?            ?                   
# 
loop_
_pdbx_audit_revision_history.ordinal 
_pdbx_audit_revision_history.data_content_type 
_pdbx_audit_revision_history.major_revision 
_pdbx_audit_revision_history.minor_revision 
_pdbx_audit_revision_history.revision_date 
1 'Structure model' 1 0 2014-12-24 
2 'Structure model' 1 1 2023-06-14 
3 'Structure model' 1 2 2024-05-15 
# 
_pdbx_audit_revision_details.ordinal             1 
_pdbx_audit_revision_details.revision_ordinal    1 
_pdbx_audit_revision_details.data_content_type   'Structure model' 
_pdbx_audit_revision_details.provider            repository 
_pdbx_audit_revision_details.type                'Initial release' 
_pdbx_audit_revision_details.description         ? 
_pdbx_audit_revision_details.details             ? 
# 
loop_
_pdbx_audit_revision_group.ordinal 
_pdbx_audit_revision_group.revision_ordinal 
_pdbx_audit_revision_group.data_content_type 
_pdbx_audit_revision_group.group 
1 2 'Structure model' 'Data collection'     
2 2 'Structure model' 'Database references' 
3 2 'Structure model' Other                 
4 3 'Structure model' 'Data collection'     
5 3 'Structure model' 'Database references' 
# 
loop_
_pdbx_audit_revision_category.ordinal 
_pdbx_audit_revision_category.revision_ordinal 
_pdbx_audit_revision_category.data_content_type 
_pdbx_audit_revision_category.category 
1 2 'Structure model' database_2            
2 2 'Structure model' pdbx_database_status  
3 2 'Structure model' pdbx_nmr_spectrometer 
4 3 'Structure model' chem_comp_atom        
5 3 'Structure model' chem_comp_bond        
6 3 'Structure model' database_2            
# 
loop_
_pdbx_audit_revision_item.ordinal 
_pdbx_audit_revision_item.revision_ordinal 
_pdbx_audit_revision_item.data_content_type 
_pdbx_audit_revision_item.item 
1 2 'Structure model' '_database_2.pdbx_DOI'                       
2 2 'Structure model' '_database_2.pdbx_database_accession'        
3 2 'Structure model' '_pdbx_database_status.status_code_nmr_data' 
4 2 'Structure model' '_pdbx_nmr_spectrometer.model'               
5 3 'Structure model' '_database_2.pdbx_DOI'                       
# 
_pdbx_database_status.deposit_site                    BMRB 
_pdbx_database_status.entry_id                        2MIE 
_pdbx_database_status.process_site                    RCSB 
_pdbx_database_status.recvd_initial_deposition_date   2013-12-13 
_pdbx_database_status.SG_entry                        ? 
_pdbx_database_status.status_code                     REL 
_pdbx_database_status.status_code_mr                  REL 
_pdbx_database_status.status_code_sf                  ? 
_pdbx_database_status.status_code_cs                  REL 
_pdbx_database_status.methods_development_category    ? 
_pdbx_database_status.pdb_format_compatible           Y 
_pdbx_database_status.status_code_nmr_data            REL 
# 
loop_
_pdbx_database_related.content_type 
_pdbx_database_related.db_id 
_pdbx_database_related.db_name 
_pdbx_database_related.details 
unspecified 19675 BMRB . 
unspecified 2MID  PDB  . 
unspecified 2MIF  PDB  . 
unspecified 2MIG  PDB  . 
unspecified 2MIH  PDB  . 
# 
loop_
_audit_author.name 
_audit_author.pdbx_ordinal 
'Bobay, B.G.'     1 
'DiGennaro, P.M.' 2 
'Bird, D.M.'      3 
# 
_citation.id                        primary 
_citation.title                     'Inferring function of CLE peptides from high resolution tertiary structures' 
_citation.journal_abbrev            'To be Published' 
_citation.journal_volume            ? 
_citation.page_first                ? 
_citation.page_last                 ? 
_citation.year                      ? 
_citation.journal_id_ASTM           ? 
_citation.country                   ? 
_citation.journal_id_ISSN           ? 
_citation.journal_id_CSD            0353 
_citation.book_publisher            ? 
_citation.pdbx_database_id_PubMed   ? 
_citation.pdbx_database_id_DOI      ? 
# 
loop_
_citation_author.citation_id 
_citation_author.name 
_citation_author.ordinal 
_citation_author.identifier_ORCID 
primary 'DiGennaro, P.M.' 1 ? 
primary 'Bobay, B.G.'     2 ? 
primary 'Bird, D.M.'      3 ? 
# 
_entity.id                         1 
_entity.type                       polymer 
_entity.src_method                 syn 
_entity.pdbx_description           'CLAVATA3/ESR (CLE)-related protein 44' 
_entity.formula_weight             1248.322 
_entity.pdbx_number_of_molecules   1 
_entity.pdbx_ec                    ? 
_entity.pdbx_mutation              ? 
_entity.pdbx_fragment              'UNP residues 101-112' 
_entity.details                    ? 
# 
_entity_name_com.entity_id   1 
_entity_name_com.name        'Tracheary element differentiation inhibitory factor-like protein, TDIF-like protein, CLE44p' 
# 
_entity_poly.entity_id                      1 
_entity_poly.type                           'polypeptide(L)' 
_entity_poly.nstd_linkage                   no 
_entity_poly.nstd_monomer                   no 
_entity_poly.pdbx_seq_one_letter_code       HEVPSGPNPISN 
_entity_poly.pdbx_seq_one_letter_code_can   HEVPSGPNPISN 
_entity_poly.pdbx_strand_id                 A 
_entity_poly.pdbx_target_identifier         ? 
# 
loop_
_entity_poly_seq.entity_id 
_entity_poly_seq.num 
_entity_poly_seq.mon_id 
_entity_poly_seq.hetero 
1 1  HIS n 
1 2  GLU n 
1 3  VAL n 
1 4  PRO n 
1 5  SER n 
1 6  GLY n 
1 7  PRO n 
1 8  ASN n 
1 9  PRO n 
1 10 ILE n 
1 11 SER n 
1 12 ASN n 
# 
_pdbx_entity_src_syn.entity_id              1 
_pdbx_entity_src_syn.pdbx_src_id            1 
_pdbx_entity_src_syn.pdbx_alt_source_flag   sample 
_pdbx_entity_src_syn.pdbx_beg_seq_num       ? 
_pdbx_entity_src_syn.pdbx_end_seq_num       ? 
_pdbx_entity_src_syn.organism_scientific    'Arabidopsis thaliana' 
_pdbx_entity_src_syn.organism_common_name   'mouse-ear cress,thale-cress' 
_pdbx_entity_src_syn.ncbi_taxonomy_id       3702 
_pdbx_entity_src_syn.details                ? 
# 
loop_
_chem_comp.id 
_chem_comp.type 
_chem_comp.mon_nstd_flag 
_chem_comp.name 
_chem_comp.pdbx_synonyms 
_chem_comp.formula 
_chem_comp.formula_weight 
ASN 'L-peptide linking' y ASPARAGINE      ? 'C4 H8 N2 O3'    132.118 
GLU 'L-peptide linking' y 'GLUTAMIC ACID' ? 'C5 H9 N O4'     147.129 
GLY 'peptide linking'   y GLYCINE         ? 'C2 H5 N O2'     75.067  
HIS 'L-peptide linking' y HISTIDINE       ? 'C6 H10 N3 O2 1' 156.162 
ILE 'L-peptide linking' y ISOLEUCINE      ? 'C6 H13 N O2'    131.173 
PRO 'L-peptide linking' y PROLINE         ? 'C5 H9 N O2'     115.130 
SER 'L-peptide linking' y SERINE          ? 'C3 H7 N O3'     105.093 
VAL 'L-peptide linking' y VALINE          ? 'C5 H11 N O2'    117.146 
# 
loop_
_pdbx_poly_seq_scheme.asym_id 
_pdbx_poly_seq_scheme.entity_id 
_pdbx_poly_seq_scheme.seq_id 
_pdbx_poly_seq_scheme.mon_id 
_pdbx_poly_seq_scheme.ndb_seq_num 
_pdbx_poly_seq_scheme.pdb_seq_num 
_pdbx_poly_seq_scheme.auth_seq_num 
_pdbx_poly_seq_scheme.pdb_mon_id 
_pdbx_poly_seq_scheme.auth_mon_id 
_pdbx_poly_seq_scheme.pdb_strand_id 
_pdbx_poly_seq_scheme.pdb_ins_code 
_pdbx_poly_seq_scheme.hetero 
A 1 1  HIS 1  1  1  HIS HIS A . n 
A 1 2  GLU 2  2  2  GLU GLU A . n 
A 1 3  VAL 3  3  3  VAL VAL A . n 
A 1 4  PRO 4  4  4  PRO PRO A . n 
A 1 5  SER 5  5  5  SER SER A . n 
A 1 6  GLY 6  6  6  GLY GLY A . n 
A 1 7  PRO 7  7  7  PRO PRO A . n 
A 1 8  ASN 8  8  8  ASN ASN A . n 
A 1 9  PRO 9  9  9  PRO PRO A . n 
A 1 10 ILE 10 10 10 ILE ILE A . n 
A 1 11 SER 11 11 11 SER SER A . n 
A 1 12 ASN 12 12 12 ASN ASN A . n 
# 
_exptl.absorpt_coefficient_mu     ? 
_exptl.absorpt_correction_T_max   ? 
_exptl.absorpt_correction_T_min   ? 
_exptl.absorpt_correction_type    ? 
_exptl.absorpt_process_details    ? 
_exptl.crystals_number            ? 
_exptl.details                    ? 
_exptl.entry_id                   2MIE 
_exptl.method                     'SOLUTION NMR' 
_exptl.method_details             ? 
# 
_struct.entry_id                  2MIE 
_struct.title                     'Solution structure of the CLAVATA encoded peptide of Arabidopsis thaliana - AtCLE44' 
_struct.pdbx_model_details        ? 
_struct.pdbx_CASP_flag            ? 
_struct.pdbx_model_type_details   ? 
# 
_struct_keywords.entry_id        2MIE 
_struct_keywords.pdbx_keywords   'UNKNOWN FUNCTION' 
_struct_keywords.text            'CLE, CLAVATA, UNKNOWN FUNCTION' 
# 
_struct_asym.id                            A 
_struct_asym.pdbx_blank_PDB_chainid_flag   N 
_struct_asym.pdbx_modified                 N 
_struct_asym.entity_id                     1 
_struct_asym.details                       ? 
# 
_struct_ref.id                         1 
_struct_ref.db_name                    UNP 
_struct_ref.db_code                    CLE44_ARATH 
_struct_ref.pdbx_db_accession          Q941C5 
_struct_ref.entity_id                  1 
_struct_ref.pdbx_seq_one_letter_code   HEVPSGPNPISN 
_struct_ref.pdbx_align_begin           101 
_struct_ref.pdbx_db_isoform            ? 
# 
_struct_ref_seq.align_id                      1 
_struct_ref_seq.ref_id                        1 
_struct_ref_seq.pdbx_PDB_id_code              2MIE 
_struct_ref_seq.pdbx_strand_id                A 
_struct_ref_seq.seq_align_beg                 1 
_struct_ref_seq.pdbx_seq_align_beg_ins_code   ? 
_struct_ref_seq.seq_align_end                 12 
_struct_ref_seq.pdbx_seq_align_end_ins_code   ? 
_struct_ref_seq.pdbx_db_accession             Q941C5 
_struct_ref_seq.db_align_beg                  101 
_struct_ref_seq.pdbx_db_align_beg_ins_code    ? 
_struct_ref_seq.db_align_end                  112 
_struct_ref_seq.pdbx_db_align_end_ins_code    ? 
_struct_ref_seq.pdbx_auth_seq_align_beg       1 
_struct_ref_seq.pdbx_auth_seq_align_end       12 
# 
_pdbx_struct_assembly.id                   1 
_pdbx_struct_assembly.details              author_defined_assembly 
_pdbx_struct_assembly.method_details       ? 
_pdbx_struct_assembly.oligomeric_details   monomeric 
_pdbx_struct_assembly.oligomeric_count     1 
# 
_pdbx_struct_assembly_gen.assembly_id       1 
_pdbx_struct_assembly_gen.oper_expression   1 
_pdbx_struct_assembly_gen.asym_id_list      A 
# 
_pdbx_struct_oper_list.id                   1 
_pdbx_struct_oper_list.type                 'identity operation' 
_pdbx_struct_oper_list.name                 1_555 
_pdbx_struct_oper_list.symmetry_operation   x,y,z 
_pdbx_struct_oper_list.matrix[1][1]         1.0000000000 
_pdbx_struct_oper_list.matrix[1][2]         0.0000000000 
_pdbx_struct_oper_list.matrix[1][3]         0.0000000000 
_pdbx_struct_oper_list.vector[1]            0.0000000000 
_pdbx_struct_oper_list.matrix[2][1]         0.0000000000 
_pdbx_struct_oper_list.matrix[2][2]         1.0000000000 
_pdbx_struct_oper_list.matrix[2][3]         0.0000000000 
_pdbx_struct_oper_list.vector[2]            0.0000000000 
_pdbx_struct_oper_list.matrix[3][1]         0.0000000000 
_pdbx_struct_oper_list.matrix[3][2]         0.0000000000 
_pdbx_struct_oper_list.matrix[3][3]         1.0000000000 
_pdbx_struct_oper_list.vector[3]            0.0000000000 
# 
_struct_biol.id        1 
_struct_biol.details   ? 
# 
loop_
_pdbx_validate_torsion.id 
_pdbx_validate_torsion.PDB_model_num 
_pdbx_validate_torsion.auth_comp_id 
_pdbx_validate_torsion.auth_asym_id 
_pdbx_validate_torsion.auth_seq_id 
_pdbx_validate_torsion.PDB_ins_code 
_pdbx_validate_torsion.label_alt_id 
_pdbx_validate_torsion.phi 
_pdbx_validate_torsion.psi 
1  1  GLU A 2  ? ? -92.57  -92.72  
2  1  VAL A 3  ? ? -149.53 50.12   
3  1  ASN A 8  ? ? 33.98   61.36   
4  1  ILE A 10 ? ? -131.08 -39.51  
5  2  GLU A 2  ? ? -167.72 -87.72  
6  2  VAL A 3  ? ? -152.07 54.77   
7  2  PRO A 7  ? ? -68.85  56.26   
8  3  ASN A 8  ? ? 37.54   60.96   
9  3  ILE A 10 ? ? -135.01 -50.45  
10 4  GLU A 2  ? ? -120.22 -136.86 
11 4  PRO A 7  ? ? -69.15  66.17   
12 4  ASN A 8  ? ? 37.13   55.46   
13 5  GLU A 2  ? ? -105.56 -93.42  
14 5  VAL A 3  ? ? -157.39 55.94   
15 5  ASN A 8  ? ? 35.41   58.50   
16 6  GLU A 2  ? ? -121.32 -99.38  
17 6  PRO A 7  ? ? -68.54  -82.50  
18 6  PRO A 9  ? ? -26.64  -69.13  
19 6  SER A 11 ? ? -151.93 -40.58  
20 7  GLU A 2  ? ? -96.85  -96.55  
21 7  PRO A 7  ? ? -53.23  -73.97  
22 7  ASN A 8  ? ? -157.96 54.35   
23 8  PRO A 7  ? ? -57.65  -73.94  
24 8  ASN A 8  ? ? -154.87 53.22   
25 9  GLU A 2  ? ? -105.13 -96.41  
26 9  VAL A 3  ? ? -162.92 47.32   
27 9  PRO A 7  ? ? -58.59  -79.54  
28 9  ASN A 8  ? ? -148.13 46.96   
29 9  SER A 11 ? ? -100.06 72.47   
30 10 GLU A 2  ? ? -77.28  -88.43  
31 10 VAL A 3  ? ? -164.31 45.03   
32 10 PRO A 7  ? ? -48.17  -73.44  
33 10 ASN A 8  ? ? -156.94 55.17   
# 
_pdbx_nmr_ensemble.average_constraint_violations_per_residue     ? 
_pdbx_nmr_ensemble.average_constraints_per_residue               ? 
_pdbx_nmr_ensemble.average_distance_constraint_violation         ? 
_pdbx_nmr_ensemble.average_torsion_angle_constraint_violation    ? 
_pdbx_nmr_ensemble.conformer_selection_criteria                  'structures with the lowest energy' 
_pdbx_nmr_ensemble.conformers_calculated_total_number            20 
_pdbx_nmr_ensemble.conformers_submitted_total_number             10 
_pdbx_nmr_ensemble.distance_constraint_violation_method          ? 
_pdbx_nmr_ensemble.entry_id                                      2MIE 
_pdbx_nmr_ensemble.maximum_distance_constraint_violation         ? 
_pdbx_nmr_ensemble.maximum_lower_distance_constraint_violation   ? 
_pdbx_nmr_ensemble.maximum_torsion_angle_constraint_violation    ? 
_pdbx_nmr_ensemble.maximum_upper_distance_constraint_violation   ? 
_pdbx_nmr_ensemble.torsion_angle_constraint_violation_method     ? 
# 
_pdbx_nmr_representative.conformer_id         1 
_pdbx_nmr_representative.entry_id             2MIE 
_pdbx_nmr_representative.selection_criteria   'lowest energy' 
# 
_pdbx_nmr_sample_details.contents         
;4 mg/mL peptide, 2.7 mM potassium chloride, 1.8 mM potassium phosphate, 137 mM sodium chloride, 10 mM sodium phosphate, 90% H2O/10% D2O
;
_pdbx_nmr_sample_details.solution_id      1 
_pdbx_nmr_sample_details.solvent_system   '90% H2O/10% D2O' 
# 
loop_
_pdbx_nmr_exptl_sample.component 
_pdbx_nmr_exptl_sample.concentration 
_pdbx_nmr_exptl_sample.concentration_range 
_pdbx_nmr_exptl_sample.concentration_units 
_pdbx_nmr_exptl_sample.isotopic_labeling 
_pdbx_nmr_exptl_sample.solution_id 
entity-1                4   ? mg/mL ? 1 
'potassium chloride-2'  2.7 ? mM    ? 1 
'potassium phosphate-3' 1.8 ? mM    ? 1 
'sodium chloride-4'     137 ? mM    ? 1 
'sodium phosphate-5'    10  ? mM    ? 1 
# 
_pdbx_nmr_exptl_sample_conditions.conditions_id       1 
_pdbx_nmr_exptl_sample_conditions.ionic_strength      140 
_pdbx_nmr_exptl_sample_conditions.pH                  7.0 
_pdbx_nmr_exptl_sample_conditions.pressure            ambient 
_pdbx_nmr_exptl_sample_conditions.pressure_units      ? 
_pdbx_nmr_exptl_sample_conditions.temperature         298 
_pdbx_nmr_exptl_sample_conditions.temperature_units   K 
# 
loop_
_pdbx_nmr_exptl.conditions_id 
_pdbx_nmr_exptl.experiment_id 
_pdbx_nmr_exptl.solution_id 
_pdbx_nmr_exptl.type 
1 1 1 '2D 1H-15N HSQC' 
1 2 1 '2D 1H-13C HSQC' 
1 3 1 '2D 1H-1H TOCSY' 
1 4 1 '2D 1H-1H NOESY' 
# 
_pdbx_nmr_refine.entry_id           2MIE 
_pdbx_nmr_refine.method             'simulated annealing' 
_pdbx_nmr_refine.details            ? 
_pdbx_nmr_refine.software_ordinal   1 
# 
loop_
_pdbx_nmr_software.authors 
_pdbx_nmr_software.classification 
_pdbx_nmr_software.name 
_pdbx_nmr_software.version 
_pdbx_nmr_software.ordinal 
;Linge, O'Donoghue and Nilges
;
refinement                  ARIA    ? 1 
;Linge, O'Donoghue and Nilges
;
'structure solution'        ARIA    ? 2 
'Delaglio, Grzesiek, Vuister, Zhu, Pfeifer and Bax' processing                  NMRPipe ? 3 
'Johnson, One Moon Scientific'                      'chemical shift assignment' NMRView ? 4 
'Johnson, One Moon Scientific'                      'peak picking'              NMRView ? 5 
'Johnson, One Moon Scientific'                      'data analysis'             NMRView ? 6 
# 
loop_
_chem_comp_atom.comp_id 
_chem_comp_atom.atom_id 
_chem_comp_atom.type_symbol 
_chem_comp_atom.pdbx_aromatic_flag 
_chem_comp_atom.pdbx_stereo_config 
_chem_comp_atom.pdbx_ordinal 
ASN N    N N N 1   
ASN CA   C N S 2   
ASN C    C N N 3   
ASN O    O N N 4   
ASN CB   C N N 5   
ASN CG   C N N 6   
ASN OD1  O N N 7   
ASN ND2  N N N 8   
ASN OXT  O N N 9   
ASN H    H N N 10  
ASN H2   H N N 11  
ASN HA   H N N 12  
ASN HB2  H N N 13  
ASN HB3  H N N 14  
ASN HD21 H N N 15  
ASN HD22 H N N 16  
ASN HXT  H N N 17  
GLU N    N N N 18  
GLU CA   C N S 19  
GLU C    C N N 20  
GLU O    O N N 21  
GLU CB   C N N 22  
GLU CG   C N N 23  
GLU CD   C N N 24  
GLU OE1  O N N 25  
GLU OE2  O N N 26  
GLU OXT  O N N 27  
GLU H    H N N 28  
GLU H2   H N N 29  
GLU HA   H N N 30  
GLU HB2  H N N 31  
GLU HB3  H N N 32  
GLU HG2  H N N 33  
GLU HG3  H N N 34  
GLU HE2  H N N 35  
GLU HXT  H N N 36  
GLY N    N N N 37  
GLY CA   C N N 38  
GLY C    C N N 39  
GLY O    O N N 40  
GLY OXT  O N N 41  
GLY H    H N N 42  
GLY H2   H N N 43  
GLY HA2  H N N 44  
GLY HA3  H N N 45  
GLY HXT  H N N 46  
HIS N    N N N 47  
HIS CA   C N S 48  
HIS C    C N N 49  
HIS O    O N N 50  
HIS CB   C N N 51  
HIS CG   C Y N 52  
HIS ND1  N Y N 53  
HIS CD2  C Y N 54  
HIS CE1  C Y N 55  
HIS NE2  N Y N 56  
HIS OXT  O N N 57  
HIS H    H N N 58  
HIS H2   H N N 59  
HIS HA   H N N 60  
HIS HB2  H N N 61  
HIS HB3  H N N 62  
HIS HD1  H N N 63  
HIS HD2  H N N 64  
HIS HE1  H N N 65  
HIS HE2  H N N 66  
HIS HXT  H N N 67  
ILE N    N N N 68  
ILE CA   C N S 69  
ILE C    C N N 70  
ILE O    O N N 71  
ILE CB   C N S 72  
ILE CG1  C N N 73  
ILE CG2  C N N 74  
ILE CD1  C N N 75  
ILE OXT  O N N 76  
ILE H    H N N 77  
ILE H2   H N N 78  
ILE HA   H N N 79  
ILE HB   H N N 80  
ILE HG12 H N N 81  
ILE HG13 H N N 82  
ILE HG21 H N N 83  
ILE HG22 H N N 84  
ILE HG23 H N N 85  
ILE HD11 H N N 86  
ILE HD12 H N N 87  
ILE HD13 H N N 88  
ILE HXT  H N N 89  
PRO N    N N N 90  
PRO CA   C N S 91  
PRO C    C N N 92  
PRO O    O N N 93  
PRO CB   C N N 94  
PRO CG   C N N 95  
PRO CD   C N N 96  
PRO OXT  O N N 97  
PRO H    H N N 98  
PRO HA   H N N 99  
PRO HB2  H N N 100 
PRO HB3  H N N 101 
PRO HG2  H N N 102 
PRO HG3  H N N 103 
PRO HD2  H N N 104 
PRO HD3  H N N 105 
PRO HXT  H N N 106 
SER N    N N N 107 
SER CA   C N S 108 
SER C    C N N 109 
SER O    O N N 110 
SER CB   C N N 111 
SER OG   O N N 112 
SER OXT  O N N 113 
SER H    H N N 114 
SER H2   H N N 115 
SER HA   H N N 116 
SER HB2  H N N 117 
SER HB3  H N N 118 
SER HG   H N N 119 
SER HXT  H N N 120 
VAL N    N N N 121 
VAL CA   C N S 122 
VAL C    C N N 123 
VAL O    O N N 124 
VAL CB   C N N 125 
VAL CG1  C N N 126 
VAL CG2  C N N 127 
VAL OXT  O N N 128 
VAL H    H N N 129 
VAL H2   H N N 130 
VAL HA   H N N 131 
VAL HB   H N N 132 
VAL HG11 H N N 133 
VAL HG12 H N N 134 
VAL HG13 H N N 135 
VAL HG21 H N N 136 
VAL HG22 H N N 137 
VAL HG23 H N N 138 
VAL HXT  H N N 139 
# 
loop_
_chem_comp_bond.comp_id 
_chem_comp_bond.atom_id_1 
_chem_comp_bond.atom_id_2 
_chem_comp_bond.value_order 
_chem_comp_bond.pdbx_aromatic_flag 
_chem_comp_bond.pdbx_stereo_config 
_chem_comp_bond.pdbx_ordinal 
ASN N   CA   sing N N 1   
ASN N   H    sing N N 2   
ASN N   H2   sing N N 3   
ASN CA  C    sing N N 4   
ASN CA  CB   sing N N 5   
ASN CA  HA   sing N N 6   
ASN C   O    doub N N 7   
ASN C   OXT  sing N N 8   
ASN CB  CG   sing N N 9   
ASN CB  HB2  sing N N 10  
ASN CB  HB3  sing N N 11  
ASN CG  OD1  doub N N 12  
ASN CG  ND2  sing N N 13  
ASN ND2 HD21 sing N N 14  
ASN ND2 HD22 sing N N 15  
ASN OXT HXT  sing N N 16  
GLU N   CA   sing N N 17  
GLU N   H    sing N N 18  
GLU N   H2   sing N N 19  
GLU CA  C    sing N N 20  
GLU CA  CB   sing N N 21  
GLU CA  HA   sing N N 22  
GLU C   O    doub N N 23  
GLU C   OXT  sing N N 24  
GLU CB  CG   sing N N 25  
GLU CB  HB2  sing N N 26  
GLU CB  HB3  sing N N 27  
GLU CG  CD   sing N N 28  
GLU CG  HG2  sing N N 29  
GLU CG  HG3  sing N N 30  
GLU CD  OE1  doub N N 31  
GLU CD  OE2  sing N N 32  
GLU OE2 HE2  sing N N 33  
GLU OXT HXT  sing N N 34  
GLY N   CA   sing N N 35  
GLY N   H    sing N N 36  
GLY N   H2   sing N N 37  
GLY CA  C    sing N N 38  
GLY CA  HA2  sing N N 39  
GLY CA  HA3  sing N N 40  
GLY C   O    doub N N 41  
GLY C   OXT  sing N N 42  
GLY OXT HXT  sing N N 43  
HIS N   CA   sing N N 44  
HIS N   H    sing N N 45  
HIS N   H2   sing N N 46  
HIS CA  C    sing N N 47  
HIS CA  CB   sing N N 48  
HIS CA  HA   sing N N 49  
HIS C   O    doub N N 50  
HIS C   OXT  sing N N 51  
HIS CB  CG   sing N N 52  
HIS CB  HB2  sing N N 53  
HIS CB  HB3  sing N N 54  
HIS CG  ND1  sing Y N 55  
HIS CG  CD2  doub Y N 56  
HIS ND1 CE1  doub Y N 57  
HIS ND1 HD1  sing N N 58  
HIS CD2 NE2  sing Y N 59  
HIS CD2 HD2  sing N N 60  
HIS CE1 NE2  sing Y N 61  
HIS CE1 HE1  sing N N 62  
HIS NE2 HE2  sing N N 63  
HIS OXT HXT  sing N N 64  
ILE N   CA   sing N N 65  
ILE N   H    sing N N 66  
ILE N   H2   sing N N 67  
ILE CA  C    sing N N 68  
ILE CA  CB   sing N N 69  
ILE CA  HA   sing N N 70  
ILE C   O    doub N N 71  
ILE C   OXT  sing N N 72  
ILE CB  CG1  sing N N 73  
ILE CB  CG2  sing N N 74  
ILE CB  HB   sing N N 75  
ILE CG1 CD1  sing N N 76  
ILE CG1 HG12 sing N N 77  
ILE CG1 HG13 sing N N 78  
ILE CG2 HG21 sing N N 79  
ILE CG2 HG22 sing N N 80  
ILE CG2 HG23 sing N N 81  
ILE CD1 HD11 sing N N 82  
ILE CD1 HD12 sing N N 83  
ILE CD1 HD13 sing N N 84  
ILE OXT HXT  sing N N 85  
PRO N   CA   sing N N 86  
PRO N   CD   sing N N 87  
PRO N   H    sing N N 88  
PRO CA  C    sing N N 89  
PRO CA  CB   sing N N 90  
PRO CA  HA   sing N N 91  
PRO C   O    doub N N 92  
PRO C   OXT  sing N N 93  
PRO CB  CG   sing N N 94  
PRO CB  HB2  sing N N 95  
PRO CB  HB3  sing N N 96  
PRO CG  CD   sing N N 97  
PRO CG  HG2  sing N N 98  
PRO CG  HG3  sing N N 99  
PRO CD  HD2  sing N N 100 
PRO CD  HD3  sing N N 101 
PRO OXT HXT  sing N N 102 
SER N   CA   sing N N 103 
SER N   H    sing N N 104 
SER N   H2   sing N N 105 
SER CA  C    sing N N 106 
SER CA  CB   sing N N 107 
SER CA  HA   sing N N 108 
SER C   O    doub N N 109 
SER C   OXT  sing N N 110 
SER CB  OG   sing N N 111 
SER CB  HB2  sing N N 112 
SER CB  HB3  sing N N 113 
SER OG  HG   sing N N 114 
SER OXT HXT  sing N N 115 
VAL N   CA   sing N N 116 
VAL N   H    sing N N 117 
VAL N   H2   sing N N 118 
VAL CA  C    sing N N 119 
VAL CA  CB   sing N N 120 
VAL CA  HA   sing N N 121 
VAL C   O    doub N N 122 
VAL C   OXT  sing N N 123 
VAL CB  CG1  sing N N 124 
VAL CB  CG2  sing N N 125 
VAL CB  HB   sing N N 126 
VAL CG1 HG11 sing N N 127 
VAL CG1 HG12 sing N N 128 
VAL CG1 HG13 sing N N 129 
VAL CG2 HG21 sing N N 130 
VAL CG2 HG22 sing N N 131 
VAL CG2 HG23 sing N N 132 
VAL OXT HXT  sing N N 133 
# 
_pdbx_nmr_spectrometer.field_strength    700 
_pdbx_nmr_spectrometer.manufacturer      Bruker 
_pdbx_nmr_spectrometer.model             AVANCE 
_pdbx_nmr_spectrometer.spectrometer_id   1 
_pdbx_nmr_spectrometer.type              'Bruker Avance' 
# 
_atom_sites.entry_id                    2MIE 
_atom_sites.fract_transf_matrix[1][1]   1.000000 
_atom_sites.fract_transf_matrix[1][2]   0.000000 
_atom_sites.fract_transf_matrix[1][3]   0.000000 
_atom_sites.fract_transf_matrix[2][1]   0.000000 
_atom_sites.fract_transf_matrix[2][2]   1.000000 
_atom_sites.fract_transf_matrix[2][3]   0.000000 
_atom_sites.fract_transf_matrix[3][1]   0.000000 
_atom_sites.fract_transf_matrix[3][2]   0.000000 
_atom_sites.fract_transf_matrix[3][3]   1.000000 
_atom_sites.fract_transf_vector[1]      0.00000 
_atom_sites.fract_transf_vector[2]      0.00000 
_atom_sites.fract_transf_vector[3]      0.00000 
# 
loop_
_atom_type.symbol 
C 
H 
N 
O 
# 
loop_
_atom_site.group_PDB 
_atom_site.id 
_atom_site.type_symbol 
_atom_site.label_atom_id 
_atom_site.label_alt_id 
_atom_site.label_comp_id 
_atom_site.label_asym_id 
_atom_site.label_entity_id 
_atom_site.label_seq_id 
_atom_site.pdbx_PDB_ins_code 
_atom_site.Cartn_x 
_atom_site.Cartn_y 
_atom_site.Cartn_z 
_atom_site.occupancy 
_atom_site.B_iso_or_equiv 
_atom_site.pdbx_formal_charge 
_atom_site.auth_seq_id 
_atom_site.auth_comp_id 
_atom_site.auth_asym_id 
_atom_site.auth_atom_id 
_atom_site.pdbx_PDB_model_num 
ATOM 1    N N    . HIS A 1 1  ? -6.596  0.933  2.869  1.00 3.20 ? 1  HIS A N    1  
ATOM 2    C CA   . HIS A 1 1  ? -5.433  1.148  1.978  1.00 2.79 ? 1  HIS A CA   1  
ATOM 3    C C    . HIS A 1 1  ? -5.834  0.858  0.543  1.00 2.15 ? 1  HIS A C    1  
ATOM 4    O O    . HIS A 1 1  ? -6.317  -0.233 0.237  1.00 2.66 ? 1  HIS A O    1  
ATOM 5    C CB   . HIS A 1 1  ? -4.261  0.238  2.372  1.00 3.59 ? 1  HIS A CB   1  
ATOM 6    C CG   . HIS A 1 1  ? -3.780  0.416  3.781  1.00 4.44 ? 1  HIS A CG   1  
ATOM 7    N ND1  . HIS A 1 1  ? -3.658  -0.629 4.669  1.00 5.02 ? 1  HIS A ND1  1  
ATOM 8    C CD2  . HIS A 1 1  ? -3.365  1.520  4.449  1.00 5.19 ? 1  HIS A CD2  1  
ATOM 9    C CE1  . HIS A 1 1  ? -3.191  -0.180 5.818  1.00 5.90 ? 1  HIS A CE1  1  
ATOM 10   N NE2  . HIS A 1 1  ? -3.005  1.122  5.711  1.00 6.01 ? 1  HIS A NE2  1  
ATOM 11   H H1   . HIS A 1 1  ? -6.342  1.144  3.855  1.00 3.14 ? 1  HIS A H1   1  
ATOM 12   H H2   . HIS A 1 1  ? -6.918  -0.053 2.808  1.00 3.66 ? 1  HIS A H2   1  
ATOM 13   H H3   . HIS A 1 1  ? -7.378  1.557  2.584  1.00 3.64 ? 1  HIS A H3   1  
ATOM 14   H HA   . HIS A 1 1  ? -5.131  2.179  2.057  1.00 2.96 ? 1  HIS A HA   1  
ATOM 15   H HB2  . HIS A 1 1  ? -4.565  -0.790 2.258  1.00 4.02 ? 1  HIS A HB2  1  
ATOM 16   H HB3  . HIS A 1 1  ? -3.429  0.434  1.710  1.00 3.65 ? 1  HIS A HB3  1  
ATOM 17   H HD1  . HIS A 1 1  ? -3.882  -1.571 4.484  1.00 5.04 ? 1  HIS A HD1  1  
ATOM 18   H HD2  . HIS A 1 1  ? -3.328  2.527  4.060  1.00 5.39 ? 1  HIS A HD2  1  
ATOM 19   H HE1  . HIS A 1 1  ? -2.993  -0.775 6.695  1.00 6.61 ? 1  HIS A HE1  1  
ATOM 20   H HE2  . HIS A 1 1  ? -2.826  1.726  6.467  1.00 6.72 ? 1  HIS A HE2  1  
ATOM 21   N N    . GLU A 1 2  ? -5.649  1.833  -0.340 1.00 1.36 ? 2  GLU A N    1  
ATOM 22   C CA   . GLU A 1 2  ? -6.043  1.660  -1.728 1.00 0.94 ? 2  GLU A CA   1  
ATOM 23   C C    . GLU A 1 2  ? -4.877  1.135  -2.567 1.00 0.89 ? 2  GLU A C    1  
ATOM 24   O O    . GLU A 1 2  ? -4.657  -0.073 -2.631 1.00 1.36 ? 2  GLU A O    1  
ATOM 25   C CB   . GLU A 1 2  ? -6.594  2.964  -2.313 1.00 0.96 ? 2  GLU A CB   1  
ATOM 26   C CG   . GLU A 1 2  ? -7.285  2.776  -3.654 1.00 0.86 ? 2  GLU A CG   1  
ATOM 27   C CD   . GLU A 1 2  ? -8.541  1.935  -3.547 1.00 1.36 ? 2  GLU A CD   1  
ATOM 28   O OE1  . GLU A 1 2  ? -8.434  0.694  -3.438 1.00 1.95 ? 2  GLU A OE1  1  
ATOM 29   O OE2  . GLU A 1 2  ? -9.647  2.513  -3.561 1.00 1.39 ? 2  GLU A OE2  1  
ATOM 30   H H    . GLU A 1 2  ? -5.249  2.682  -0.051 1.00 1.48 ? 2  GLU A H    1  
ATOM 31   H HA   . GLU A 1 2  ? -6.829  0.920  -1.745 1.00 1.37 ? 2  GLU A HA   1  
ATOM 32   H HB2  . GLU A 1 2  ? -7.307  3.383  -1.620 1.00 1.42 ? 2  GLU A HB2  1  
ATOM 33   H HB3  . GLU A 1 2  ? -5.781  3.659  -2.446 1.00 1.39 ? 2  GLU A HB3  1  
ATOM 34   H HG2  . GLU A 1 2  ? -7.551  3.746  -4.046 1.00 1.04 ? 2  GLU A HG2  1  
ATOM 35   H HG3  . GLU A 1 2  ? -6.598  2.290  -4.333 1.00 0.98 ? 2  GLU A HG3  1  
ATOM 36   N N    . VAL A 1 3  ? -4.111  2.032  -3.181 1.00 0.45 ? 3  VAL A N    1  
ATOM 37   C CA   . VAL A 1 3  ? -2.996  1.616  -4.019 1.00 0.55 ? 3  VAL A CA   1  
ATOM 38   C C    . VAL A 1 3  ? -1.838  2.648  -4.021 1.00 0.37 ? 3  VAL A C    1  
ATOM 39   O O    . VAL A 1 3  ? -1.331  3.039  -5.073 1.00 0.62 ? 3  VAL A O    1  
ATOM 40   C CB   . VAL A 1 3  ? -3.510  1.344  -5.456 1.00 0.90 ? 3  VAL A CB   1  
ATOM 41   C CG1  . VAL A 1 3  ? -3.989  2.622  -6.133 1.00 1.63 ? 3  VAL A CG1  1  
ATOM 42   C CG2  . VAL A 1 3  ? -2.466  0.624  -6.300 1.00 1.79 ? 3  VAL A CG2  1  
ATOM 43   H H    . VAL A 1 3  ? -4.309  2.987  -3.090 1.00 0.32 ? 3  VAL A H    1  
ATOM 44   H HA   . VAL A 1 3  ? -2.620  0.686  -3.620 1.00 0.73 ? 3  VAL A HA   1  
ATOM 45   H HB   . VAL A 1 3  ? -4.366  0.693  -5.365 1.00 1.01 ? 3  VAL A HB   1  
ATOM 46   H HG11 . VAL A 1 3  ? -4.793  3.055  -5.556 1.00 1.86 ? 3  VAL A HG11 1  
ATOM 47   H HG12 . VAL A 1 3  ? -4.342  2.394  -7.127 1.00 2.18 ? 3  VAL A HG12 1  
ATOM 48   H HG13 . VAL A 1 3  ? -3.172  3.325  -6.193 1.00 2.28 ? 3  VAL A HG13 1  
ATOM 49   H HG21 . VAL A 1 3  ? -2.854  0.470  -7.297 1.00 2.37 ? 3  VAL A HG21 1  
ATOM 50   H HG22 . VAL A 1 3  ? -2.236  -0.331 -5.852 1.00 2.34 ? 3  VAL A HG22 1  
ATOM 51   H HG23 . VAL A 1 3  ? -1.570  1.224  -6.352 1.00 2.05 ? 3  VAL A HG23 1  
ATOM 52   N N    . PRO A 1 4  ? -1.373  3.100  -2.838 1.00 0.21 ? 4  PRO A N    1  
ATOM 53   C CA   . PRO A 1 4  ? -0.268  4.046  -2.749 1.00 0.40 ? 4  PRO A CA   1  
ATOM 54   C C    . PRO A 1 4  ? 1.088   3.346  -2.689 1.00 0.36 ? 4  PRO A C    1  
ATOM 55   O O    . PRO A 1 4  ? 2.136   3.991  -2.626 1.00 0.45 ? 4  PRO A O    1  
ATOM 56   C CB   . PRO A 1 4  ? -0.541  4.795  -1.437 1.00 0.61 ? 4  PRO A CB   1  
ATOM 57   C CG   . PRO A 1 4  ? -1.668  4.070  -0.764 1.00 0.57 ? 4  PRO A CG   1  
ATOM 58   C CD   . PRO A 1 4  ? -1.875  2.778  -1.504 1.00 0.37 ? 4  PRO A CD   1  
ATOM 59   H HA   . PRO A 1 4  ? -0.277  4.743  -3.573 1.00 0.59 ? 4  PRO A HA   1  
ATOM 60   H HB2  . PRO A 1 4  ? 0.349   4.784  -0.826 1.00 0.76 ? 4  PRO A HB2  1  
ATOM 61   H HB3  . PRO A 1 4  ? -0.814  5.814  -1.658 1.00 0.79 ? 4  PRO A HB3  1  
ATOM 62   H HG2  . PRO A 1 4  ? -1.407  3.870  0.264  1.00 0.79 ? 4  PRO A HG2  1  
ATOM 63   H HG3  . PRO A 1 4  ? -2.561  4.674  -0.811 1.00 0.65 ? 4  PRO A HG3  1  
ATOM 64   H HD2  . PRO A 1 4  ? -1.300  1.981  -1.055 1.00 0.53 ? 4  PRO A HD2  1  
ATOM 65   H HD3  . PRO A 1 4  ? -2.924  2.522  -1.538 1.00 0.45 ? 4  PRO A HD3  1  
ATOM 66   N N    . SER A 1 5  ? 1.035   2.009  -2.718 1.00 0.31 ? 5  SER A N    1  
ATOM 67   C CA   . SER A 1 5  ? 2.214   1.139  -2.641 1.00 0.35 ? 5  SER A CA   1  
ATOM 68   C C    . SER A 1 5  ? 3.156   1.547  -1.517 1.00 0.30 ? 5  SER A C    1  
ATOM 69   O O    . SER A 1 5  ? 4.372   1.553  -1.678 1.00 0.54 ? 5  SER A O    1  
ATOM 70   C CB   . SER A 1 5  ? 2.948   1.093  -3.991 1.00 0.49 ? 5  SER A CB   1  
ATOM 71   O OG   . SER A 1 5  ? 3.238   2.395  -4.480 1.00 1.41 ? 5  SER A OG   1  
ATOM 72   H H    . SER A 1 5  ? 0.156   1.585  -2.814 1.00 0.33 ? 5  SER A H    1  
ATOM 73   H HA   . SER A 1 5  ? 1.853   0.149  -2.414 1.00 0.38 ? 5  SER A HA   1  
ATOM 74   H HB2  . SER A 1 5  ? 3.876   0.555  -3.874 1.00 0.85 ? 5  SER A HB2  1  
ATOM 75   H HB3  . SER A 1 5  ? 2.328   0.581  -4.713 1.00 1.26 ? 5  SER A HB3  1  
ATOM 76   H HG   . SER A 1 5  ? 2.986   3.050  -3.813 1.00 1.96 ? 5  SER A HG   1  
ATOM 77   N N    . GLY A 1 6  ? 2.579   1.854  -0.368 1.00 0.20 ? 6  GLY A N    1  
ATOM 78   C CA   . GLY A 1 6  ? 3.370   2.322  0.751  1.00 0.29 ? 6  GLY A CA   1  
ATOM 79   C C    . GLY A 1 6  ? 2.929   1.724  2.072  1.00 0.34 ? 6  GLY A C    1  
ATOM 80   O O    . GLY A 1 6  ? 3.588   0.819  2.581  1.00 0.45 ? 6  GLY A O    1  
ATOM 81   H H    . GLY A 1 6  ? 1.614   1.750  -0.280 1.00 0.34 ? 6  GLY A H    1  
ATOM 82   H HA2  . GLY A 1 6  ? 4.401   2.057  0.578  1.00 0.39 ? 6  GLY A HA2  1  
ATOM 83   H HA3  . GLY A 1 6  ? 3.290   3.396  0.809  1.00 0.35 ? 6  GLY A HA3  1  
ATOM 84   N N    . PRO A 1 7  ? 1.818   2.216  2.653  1.00 0.39 ? 7  PRO A N    1  
ATOM 85   C CA   . PRO A 1 7  ? 1.292   1.710  3.933  1.00 0.54 ? 7  PRO A CA   1  
ATOM 86   C C    . PRO A 1 7  ? 0.704   0.304  3.819  1.00 0.68 ? 7  PRO A C    1  
ATOM 87   O O    . PRO A 1 7  ? -0.504  0.110  3.968  1.00 1.75 ? 7  PRO A O    1  
ATOM 88   C CB   . PRO A 1 7  ? 0.196   2.709  4.290  1.00 0.62 ? 7  PRO A CB   1  
ATOM 89   C CG   . PRO A 1 7  ? -0.228  3.295  2.987  1.00 0.66 ? 7  PRO A CG   1  
ATOM 90   C CD   . PRO A 1 7  ? 1.002   3.323  2.124  1.00 0.46 ? 7  PRO A CD   1  
ATOM 91   H HA   . PRO A 1 7  ? 2.050   1.714  4.700  1.00 0.58 ? 7  PRO A HA   1  
ATOM 92   H HB2  . PRO A 1 7  ? -0.614  2.186  4.772  1.00 0.79 ? 7  PRO A HB2  1  
ATOM 93   H HB3  . PRO A 1 7  ? 0.594   3.463  4.954  1.00 0.76 ? 7  PRO A HB3  1  
ATOM 94   H HG2  . PRO A 1 7  ? -0.988  2.674  2.537  1.00 1.01 ? 7  PRO A HG2  1  
ATOM 95   H HG3  . PRO A 1 7  ? -0.602  4.297  3.140  1.00 0.91 ? 7  PRO A HG3  1  
ATOM 96   H HD2  . PRO A 1 7  ? 0.741   3.149  1.091  1.00 0.60 ? 7  PRO A HD2  1  
ATOM 97   H HD3  . PRO A 1 7  ? 1.515   4.266  2.231  1.00 0.58 ? 7  PRO A HD3  1  
ATOM 98   N N    . ASN A 1 8  ? 1.591   -0.650 3.546  1.00 0.49 ? 8  ASN A N    1  
ATOM 99   C CA   . ASN A 1 8  ? 1.259   -2.071 3.361  1.00 0.47 ? 8  ASN A CA   1  
ATOM 100  C C    . ASN A 1 8  ? -0.103  -2.312 2.707  1.00 0.35 ? 8  ASN A C    1  
ATOM 101  O O    . ASN A 1 8  ? -0.984  -2.933 3.299  1.00 0.75 ? 8  ASN A O    1  
ATOM 102  C CB   . ASN A 1 8  ? 1.372   -2.856 4.681  1.00 0.83 ? 8  ASN A CB   1  
ATOM 103  C CG   . ASN A 1 8  ? 0.702   -2.177 5.864  1.00 1.39 ? 8  ASN A CG   1  
ATOM 104  O OD1  . ASN A 1 8  ? 1.323   -1.383 6.573  1.00 1.97 ? 8  ASN A OD1  1  
ATOM 105  N ND2  . ASN A 1 8  ? -0.559  -2.492 6.095  1.00 2.07 ? 8  ASN A ND2  1  
ATOM 106  H H    . ASN A 1 8  ? 2.531   -0.382 3.464  1.00 1.30 ? 8  ASN A H    1  
ATOM 107  H HA   . ASN A 1 8  ? 2.006   -2.464 2.686  1.00 0.55 ? 8  ASN A HA   1  
ATOM 108  H HB2  . ASN A 1 8  ? 0.910   -3.821 4.549  1.00 1.04 ? 8  ASN A HB2  1  
ATOM 109  H HB3  . ASN A 1 8  ? 2.418   -2.996 4.912  1.00 1.28 ? 8  ASN A HB3  1  
ATOM 110  H HD21 . ASN A 1 8  ? -0.992  -3.139 5.496  1.00 2.32 ? 8  ASN A HD21 1  
ATOM 111  H HD22 . ASN A 1 8  ? -1.011  -2.072 6.856  1.00 2.62 ? 8  ASN A HD22 1  
ATOM 112  N N    . PRO A 1 9  ? -0.300  -1.833 1.468  1.00 0.33 ? 9  PRO A N    1  
ATOM 113  C CA   . PRO A 1 9  ? -1.488  -2.147 0.689  1.00 0.33 ? 9  PRO A CA   1  
ATOM 114  C C    . PRO A 1 9  ? -1.312  -3.499 0.011  1.00 0.31 ? 9  PRO A C    1  
ATOM 115  O O    . PRO A 1 9  ? -2.040  -4.454 0.280  1.00 0.44 ? 9  PRO A O    1  
ATOM 116  C CB   . PRO A 1 9  ? -1.557  -1.014 -0.350 1.00 0.40 ? 9  PRO A CB   1  
ATOM 117  C CG   . PRO A 1 9  ? -0.372  -0.132 -0.082 1.00 0.53 ? 9  PRO A CG   1  
ATOM 118  C CD   . PRO A 1 9  ? 0.596   -0.951 0.721  1.00 0.75 ? 9  PRO A CD   1  
ATOM 119  H HA   . PRO A 1 9  ? -2.381  -2.153 1.299  1.00 0.49 ? 9  PRO A HA   1  
ATOM 120  H HB2  . PRO A 1 9  ? -1.514  -1.436 -1.343 1.00 0.43 ? 9  PRO A HB2  1  
ATOM 121  H HB3  . PRO A 1 9  ? -2.483  -0.472 -0.229 1.00 0.59 ? 9  PRO A HB3  1  
ATOM 122  H HG2  . PRO A 1 9  ? 0.079   0.170  -1.015 1.00 0.53 ? 9  PRO A HG2  1  
ATOM 123  H HG3  . PRO A 1 9  ? -0.683  0.737  0.481  1.00 0.68 ? 9  PRO A HG3  1  
ATOM 124  H HD2  . PRO A 1 9  ? 1.249   -1.517 0.073  1.00 1.02 ? 9  PRO A HD2  1  
ATOM 125  H HD3  . PRO A 1 9  ? 1.166   -0.321 1.389  1.00 1.15 ? 9  PRO A HD3  1  
ATOM 126  N N    . ILE A 1 10 ? -0.312  -3.561 -0.855 1.00 0.34 ? 10 ILE A N    1  
ATOM 127  C CA   . ILE A 1 10 ? 0.134   -4.810 -1.449 1.00 0.50 ? 10 ILE A CA   1  
ATOM 128  C C    . ILE A 1 10 ? 1.647   -4.894 -1.315 1.00 0.58 ? 10 ILE A C    1  
ATOM 129  O O    . ILE A 1 10 ? 2.210   -5.950 -1.026 1.00 1.16 ? 10 ILE A O    1  
ATOM 130  C CB   . ILE A 1 10 ? -0.267  -4.921 -2.940 1.00 0.69 ? 10 ILE A CB   1  
ATOM 131  C CG1  . ILE A 1 10 ? -1.791  -4.928 -3.084 1.00 1.46 ? 10 ILE A CG1  1  
ATOM 132  C CG2  . ILE A 1 10 ? 0.331   -6.177 -3.564 1.00 1.47 ? 10 ILE A CG2  1  
ATOM 133  C CD1  . ILE A 1 10 ? -2.265  -4.987 -4.519 1.00 1.75 ? 10 ILE A CD1  1  
ATOM 134  H H    . ILE A 1 10 ? 0.147   -2.731 -1.101 1.00 0.35 ? 10 ILE A H    1  
ATOM 135  H HA   . ILE A 1 10 ? -0.317  -5.627 -0.904 1.00 0.57 ? 10 ILE A HA   1  
ATOM 136  H HB   . ILE A 1 10 ? 0.133   -4.065 -3.461 1.00 1.04 ? 10 ILE A HB   1  
ATOM 137  H HG12 . ILE A 1 10 ? -2.191  -5.787 -2.568 1.00 1.94 ? 10 ILE A HG12 1  
ATOM 138  H HG13 . ILE A 1 10 ? -2.191  -4.028 -2.637 1.00 2.04 ? 10 ILE A HG13 1  
ATOM 139  H HG21 . ILE A 1 10 ? -0.037  -7.049 -3.042 1.00 1.79 ? 10 ILE A HG21 1  
ATOM 140  H HG22 . ILE A 1 10 ? 1.409   -6.141 -3.486 1.00 2.09 ? 10 ILE A HG22 1  
ATOM 141  H HG23 . ILE A 1 10 ? 0.047   -6.233 -4.603 1.00 1.89 ? 10 ILE A HG23 1  
ATOM 142  H HD11 . ILE A 1 10 ? -1.902  -5.894 -4.980 1.00 2.11 ? 10 ILE A HD11 1  
ATOM 143  H HD12 . ILE A 1 10 ? -1.888  -4.131 -5.060 1.00 1.93 ? 10 ILE A HD12 1  
ATOM 144  H HD13 . ILE A 1 10 ? -3.344  -4.980 -4.541 1.00 2.22 ? 10 ILE A HD13 1  
ATOM 145  N N    . SER A 1 11 ? 2.291   -3.755 -1.514 1.00 0.54 ? 11 SER A N    1  
ATOM 146  C CA   . SER A 1 11 ? 3.726   -3.633 -1.346 1.00 0.74 ? 11 SER A CA   1  
ATOM 147  C C    . SER A 1 11 ? 4.096   -3.641 0.136  1.00 0.91 ? 11 SER A C    1  
ATOM 148  O O    . SER A 1 11 ? 4.084   -2.599 0.794  1.00 1.56 ? 11 SER A O    1  
ATOM 149  C CB   . SER A 1 11 ? 4.184   -2.329 -1.993 1.00 1.26 ? 11 SER A CB   1  
ATOM 150  O OG   . SER A 1 11 ? 3.411   -2.050 -3.150 1.00 2.26 ? 11 SER A OG   1  
ATOM 151  H H    . SER A 1 11 ? 1.788   -2.970 -1.804 1.00 0.86 ? 11 SER A H    1  
ATOM 152  H HA   . SER A 1 11 ? 4.201   -4.465 -1.841 1.00 0.80 ? 11 SER A HA   1  
ATOM 153  H HB2  . SER A 1 11 ? 4.068   -1.517 -1.289 1.00 1.45 ? 11 SER A HB2  1  
ATOM 154  H HB3  . SER A 1 11 ? 5.222   -2.415 -2.279 1.00 1.62 ? 11 SER A HB3  1  
ATOM 155  H HG   . SER A 1 11 ? 3.844   -2.431 -3.922 1.00 2.81 ? 11 SER A HG   1  
ATOM 156  N N    . ASN A 1 12 ? 4.393   -4.819 0.663  1.00 1.13 ? 12 ASN A N    1  
ATOM 157  C CA   . ASN A 1 12 ? 4.822   -4.953 2.049  1.00 1.54 ? 12 ASN A CA   1  
ATOM 158  C C    . ASN A 1 12 ? 5.700   -6.182 2.205  1.00 2.23 ? 12 ASN A C    1  
ATOM 159  O O    . ASN A 1 12 ? 6.934   -6.027 2.252  1.00 2.89 ? 12 ASN A O    1  
ATOM 160  C CB   . ASN A 1 12 ? 3.624   -5.046 2.999  1.00 1.64 ? 12 ASN A CB   1  
ATOM 161  C CG   . ASN A 1 12 ? 4.050   -5.219 4.445  1.00 2.54 ? 12 ASN A CG   1  
ATOM 162  O OD1  . ASN A 1 12 ? 4.277   -4.242 5.156  1.00 3.25 ? 12 ASN A OD1  1  
ATOM 163  N ND2  . ASN A 1 12 ? 4.162   -6.459 4.889  1.00 3.14 ? 12 ASN A ND2  1  
ATOM 164  O OXT  . ASN A 1 12 ? 5.150   -7.304 2.252  1.00 2.65 ? 12 ASN A OXT  1  
ATOM 165  H H    . ASN A 1 12 ? 4.323   -5.626 0.104  1.00 1.47 ? 12 ASN A H    1  
ATOM 166  H HA   . ASN A 1 12 ? 5.404   -4.078 2.300  1.00 1.73 ? 12 ASN A HA   1  
ATOM 167  H HB2  . ASN A 1 12 ? 3.040   -4.141 2.926  1.00 1.94 ? 12 ASN A HB2  1  
ATOM 168  H HB3  . ASN A 1 12 ? 3.014   -5.891 2.717  1.00 1.63 ? 12 ASN A HB3  1  
ATOM 169  H HD21 . ASN A 1 12 ? 3.970   -7.192 4.267  1.00 3.13 ? 12 ASN A HD21 1  
ATOM 170  H HD22 . ASN A 1 12 ? 4.433   -6.596 5.821  1.00 3.87 ? 12 ASN A HD22 1  
ATOM 171  N N    . HIS A 1 1  ? -4.957  4.678  2.128  1.00 3.20 ? 1  HIS A N    2  
ATOM 172  C CA   . HIS A 1 1  ? -5.554  5.626  1.161  1.00 2.79 ? 1  HIS A CA   2  
ATOM 173  C C    . HIS A 1 1  ? -6.226  4.868  0.023  1.00 2.15 ? 1  HIS A C    2  
ATOM 174  O O    . HIS A 1 1  ? -7.401  5.093  -0.269 1.00 2.66 ? 1  HIS A O    2  
ATOM 175  C CB   . HIS A 1 1  ? -4.486  6.577  0.606  1.00 3.59 ? 1  HIS A CB   2  
ATOM 176  C CG   . HIS A 1 1  ? -5.038  7.680  -0.251 1.00 4.44 ? 1  HIS A CG   2  
ATOM 177  N ND1  . HIS A 1 1  ? -5.367  8.925  0.243  1.00 5.02 ? 1  HIS A ND1  2  
ATOM 178  C CD2  . HIS A 1 1  ? -5.317  7.721  -1.576 1.00 5.19 ? 1  HIS A CD2  2  
ATOM 179  C CE1  . HIS A 1 1  ? -5.824  9.678  -0.737 1.00 5.90 ? 1  HIS A CE1  2  
ATOM 180  N NE2  . HIS A 1 1  ? -5.805  8.973  -1.850 1.00 6.01 ? 1  HIS A NE2  2  
ATOM 181  H H1   . HIS A 1 1  ? -4.225  4.102  1.666  1.00 3.14 ? 1  HIS A H1   2  
ATOM 182  H H2   . HIS A 1 1  ? -5.690  4.046  2.507  1.00 3.66 ? 1  HIS A H2   2  
ATOM 183  H H3   . HIS A 1 1  ? -4.524  5.196  2.919  1.00 3.64 ? 1  HIS A H3   2  
ATOM 184  H HA   . HIS A 1 1  ? -6.304  6.203  1.679  1.00 2.96 ? 1  HIS A HA   2  
ATOM 185  H HB2  . HIS A 1 1  ? -3.957  7.033  1.430  1.00 4.02 ? 1  HIS A HB2  2  
ATOM 186  H HB3  . HIS A 1 1  ? -3.786  6.010  0.008  1.00 3.65 ? 1  HIS A HB3  2  
ATOM 187  H HD1  . HIS A 1 1  ? -5.273  9.215  1.178  1.00 5.04 ? 1  HIS A HD1  2  
ATOM 188  H HD2  . HIS A 1 1  ? -5.183  6.915  -2.284 1.00 5.39 ? 1  HIS A HD2  2  
ATOM 189  H HE1  . HIS A 1 1  ? -6.157  10.702 -0.645 1.00 6.61 ? 1  HIS A HE1  2  
ATOM 190  H HE2  . HIS A 1 1  ? -6.004  9.326  -2.749 1.00 6.72 ? 1  HIS A HE2  2  
ATOM 191  N N    . GLU A 1 2  ? -5.479  3.979  -0.623 1.00 1.36 ? 2  GLU A N    2  
ATOM 192  C CA   . GLU A 1 2  ? -6.019  3.176  -1.713 1.00 0.94 ? 2  GLU A CA   2  
ATOM 193  C C    . GLU A 1 2  ? -5.061  2.040  -2.072 1.00 0.89 ? 2  GLU A C    2  
ATOM 194  O O    . GLU A 1 2  ? -5.162  0.940  -1.533 1.00 1.36 ? 2  GLU A O    2  
ATOM 195  C CB   . GLU A 1 2  ? -6.299  4.045  -2.944 1.00 0.96 ? 2  GLU A CB   2  
ATOM 196  C CG   . GLU A 1 2  ? -7.056  3.319  -4.041 1.00 0.86 ? 2  GLU A CG   2  
ATOM 197  C CD   . GLU A 1 2  ? -8.500  3.050  -3.667 1.00 1.36 ? 2  GLU A CD   2  
ATOM 198  O OE1  . GLU A 1 2  ? -8.749  2.122  -2.866 1.00 1.95 ? 2  GLU A OE1  2  
ATOM 199  O OE2  . GLU A 1 2  ? -9.396  3.760  -4.176 1.00 1.39 ? 2  GLU A OE2  2  
ATOM 200  H H    . GLU A 1 2  ? -4.543  3.844  -0.353 1.00 1.48 ? 2  GLU A H    2  
ATOM 201  H HA   . GLU A 1 2  ? -6.949  2.746  -1.372 1.00 1.37 ? 2  GLU A HA   2  
ATOM 202  H HB2  . GLU A 1 2  ? -6.883  4.900  -2.639 1.00 1.42 ? 2  GLU A HB2  2  
ATOM 203  H HB3  . GLU A 1 2  ? -5.362  4.388  -3.349 1.00 1.39 ? 2  GLU A HB3  2  
ATOM 204  H HG2  . GLU A 1 2  ? -7.035  3.927  -4.932 1.00 1.04 ? 2  GLU A HG2  2  
ATOM 205  H HG3  . GLU A 1 2  ? -6.567  2.376  -4.236 1.00 0.98 ? 2  GLU A HG3  2  
ATOM 206  N N    . VAL A 1 3  ? -4.117  2.317  -2.965 1.00 0.45 ? 3  VAL A N    2  
ATOM 207  C CA   . VAL A 1 3  ? -3.130  1.329  -3.367 1.00 0.55 ? 3  VAL A CA   2  
ATOM 208  C C    . VAL A 1 3  ? -1.817  2.010  -3.813 1.00 0.37 ? 3  VAL A C    2  
ATOM 209  O O    . VAL A 1 3  ? -1.294  1.764  -4.900 1.00 0.62 ? 3  VAL A O    2  
ATOM 210  C CB   . VAL A 1 3  ? -3.717  0.432  -4.484 1.00 0.90 ? 3  VAL A CB   2  
ATOM 211  C CG1  . VAL A 1 3  ? -3.994  1.220  -5.759 1.00 1.63 ? 3  VAL A CG1  2  
ATOM 212  C CG2  . VAL A 1 3  ? -2.827  -0.773 -4.755 1.00 1.79 ? 3  VAL A CG2  2  
ATOM 213  H H    . VAL A 1 3  ? -4.095  3.201  -3.380 1.00 0.32 ? 3  VAL A H    2  
ATOM 214  H HA   . VAL A 1 3  ? -2.921  0.705  -2.510 1.00 0.73 ? 3  VAL A HA   2  
ATOM 215  H HB   . VAL A 1 3  ? -4.668  0.069  -4.125 1.00 1.01 ? 3  VAL A HB   2  
ATOM 216  H HG11 . VAL A 1 3  ? -3.073  1.653  -6.122 1.00 1.86 ? 3  VAL A HG11 2  
ATOM 217  H HG12 . VAL A 1 3  ? -4.702  2.007  -5.549 1.00 2.18 ? 3  VAL A HG12 2  
ATOM 218  H HG13 . VAL A 1 3  ? -4.401  0.558  -6.509 1.00 2.28 ? 3  VAL A HG13 2  
ATOM 219  H HG21 . VAL A 1 3  ? -1.859  -0.436 -5.095 1.00 2.37 ? 3  VAL A HG21 2  
ATOM 220  H HG22 . VAL A 1 3  ? -3.280  -1.391 -5.515 1.00 2.34 ? 3  VAL A HG22 2  
ATOM 221  H HG23 . VAL A 1 3  ? -2.710  -1.347 -3.847 1.00 2.05 ? 3  VAL A HG23 2  
ATOM 222  N N    . PRO A 1 4  ? -1.237  2.860  -2.945 1.00 0.21 ? 4  PRO A N    2  
ATOM 223  C CA   . PRO A 1 4  ? -0.067  3.664  -3.281 1.00 0.40 ? 4  PRO A CA   2  
ATOM 224  C C    . PRO A 1 4  ? 1.241   2.935  -3.004 1.00 0.36 ? 4  PRO A C    2  
ATOM 225  O O    . PRO A 1 4  ? 2.324   3.517  -3.091 1.00 0.45 ? 4  PRO A O    2  
ATOM 226  C CB   . PRO A 1 4  ? -0.208  4.884  -2.357 1.00 0.61 ? 4  PRO A CB   2  
ATOM 227  C CG   . PRO A 1 4  ? -1.284  4.550  -1.365 1.00 0.57 ? 4  PRO A CG   2  
ATOM 228  C CD   . PRO A 1 4  ? -1.650  3.109  -1.564 1.00 0.37 ? 4  PRO A CD   2  
ATOM 229  H HA   . PRO A 1 4  ? -0.090  3.986  -4.310 1.00 0.59 ? 4  PRO A HA   2  
ATOM 230  H HB2  . PRO A 1 4  ? 0.735   5.069  -1.861 1.00 0.76 ? 4  PRO A HB2  2  
ATOM 231  H HB3  . PRO A 1 4  ? -0.479  5.747  -2.943 1.00 0.79 ? 4  PRO A HB3  2  
ATOM 232  H HG2  . PRO A 1 4  ? -0.915  4.700  -0.359 1.00 0.79 ? 4  PRO A HG2  2  
ATOM 233  H HG3  . PRO A 1 4  ? -2.144  5.180  -1.548 1.00 0.65 ? 4  PRO A HG3  2  
ATOM 234  H HD2  . PRO A 1 4  ? -1.106  2.480  -0.875 1.00 0.53 ? 4  PRO A HD2  2  
ATOM 235  H HD3  . PRO A 1 4  ? -2.715  2.968  -1.448 1.00 0.45 ? 4  PRO A HD3  2  
ATOM 236  N N    . SER A 1 5  ? 1.121   1.650  -2.669 1.00 0.31 ? 5  SER A N    2  
ATOM 237  C CA   . SER A 1 5  ? 2.262   0.813  -2.310 1.00 0.35 ? 5  SER A CA   2  
ATOM 238  C C    . SER A 1 5  ? 3.031   1.408  -1.129 1.00 0.30 ? 5  SER A C    2  
ATOM 239  O O    . SER A 1 5  ? 4.233   1.205  -0.984 1.00 0.54 ? 5  SER A O    2  
ATOM 240  C CB   . SER A 1 5  ? 3.187   0.624  -3.517 1.00 0.49 ? 5  SER A CB   2  
ATOM 241  O OG   . SER A 1 5  ? 2.466   0.114  -4.628 1.00 1.41 ? 5  SER A OG   2  
ATOM 242  H H    . SER A 1 5  ? 0.229   1.250  -2.685 1.00 0.33 ? 5  SER A H    2  
ATOM 243  H HA   . SER A 1 5  ? 1.876   -0.152 -2.014 1.00 0.38 ? 5  SER A HA   2  
ATOM 244  H HB2  . SER A 1 5  ? 3.621   1.575  -3.790 1.00 0.85 ? 5  SER A HB2  2  
ATOM 245  H HB3  . SER A 1 5  ? 3.972   -0.071 -3.262 1.00 1.26 ? 5  SER A HB3  2  
ATOM 246  H HG   . SER A 1 5  ? 2.332   0.823  -5.271 1.00 1.96 ? 5  SER A HG   2  
ATOM 247  N N    . GLY A 1 6  ? 2.318   2.130  -0.279 1.00 0.20 ? 6  GLY A N    2  
ATOM 248  C CA   . GLY A 1 6  ? 2.946   2.773  0.855  1.00 0.29 ? 6  GLY A CA   2  
ATOM 249  C C    . GLY A 1 6  ? 2.758   1.992  2.141  1.00 0.34 ? 6  GLY A C    2  
ATOM 250  O O    . GLY A 1 6  ? 3.535   1.079  2.422  1.00 0.45 ? 6  GLY A O    2  
ATOM 251  H H    . GLY A 1 6  ? 1.358   2.234  -0.425 1.00 0.34 ? 6  GLY A H    2  
ATOM 252  H HA2  . GLY A 1 6  ? 4.004   2.866  0.656  1.00 0.39 ? 6  GLY A HA2  2  
ATOM 253  H HA3  . GLY A 1 6  ? 2.527   3.757  0.975  1.00 0.35 ? 6  GLY A HA3  2  
ATOM 254  N N    . PRO A 1 7  ? 1.728   2.331  2.943  1.00 0.39 ? 7  PRO A N    2  
ATOM 255  C CA   . PRO A 1 7  ? 1.430   1.650  4.220  1.00 0.54 ? 7  PRO A CA   2  
ATOM 256  C C    . PRO A 1 7  ? 0.931   0.211  4.041  1.00 0.68 ? 7  PRO A C    2  
ATOM 257  O O    . PRO A 1 7  ? -0.150  -0.148 4.514  1.00 1.75 ? 7  PRO A O    2  
ATOM 258  C CB   . PRO A 1 7  ? 0.324   2.504  4.848  1.00 0.62 ? 7  PRO A CB   2  
ATOM 259  C CG   . PRO A 1 7  ? 0.303   3.778  4.074  1.00 0.66 ? 7  PRO A CG   2  
ATOM 260  C CD   . PRO A 1 7  ? 0.791   3.440  2.695  1.00 0.46 ? 7  PRO A CD   2  
ATOM 261  H HA   . PRO A 1 7  ? 2.291   1.645  4.869  1.00 0.58 ? 7  PRO A HA   2  
ATOM 262  H HB2  . PRO A 1 7  ? -0.616  1.979  4.766  1.00 0.79 ? 7  PRO A HB2  2  
ATOM 263  H HB3  . PRO A 1 7  ? 0.552   2.680  5.889  1.00 0.76 ? 7  PRO A HB3  2  
ATOM 264  H HG2  . PRO A 1 7  ? -0.704  4.165  4.029  1.00 1.01 ? 7  PRO A HG2  2  
ATOM 265  H HG3  . PRO A 1 7  ? 0.961   4.497  4.538  1.00 0.91 ? 7  PRO A HG3  2  
ATOM 266  H HD2  . PRO A 1 7  ? -0.030  3.129  2.062  1.00 0.60 ? 7  PRO A HD2  2  
ATOM 267  H HD3  . PRO A 1 7  ? 1.302   4.287  2.263  1.00 0.58 ? 7  PRO A HD3  2  
ATOM 268  N N    . ASN A 1 8  ? 1.734   -0.591 3.359  1.00 0.49 ? 8  ASN A N    2  
ATOM 269  C CA   . ASN A 1 8  ? 1.445   -2.009 3.114  1.00 0.47 ? 8  ASN A CA   2  
ATOM 270  C C    . ASN A 1 8  ? 0.042   -2.218 2.528  1.00 0.35 ? 8  ASN A C    2  
ATOM 271  O O    . ASN A 1 8  ? -0.822  -2.831 3.155  1.00 0.75 ? 8  ASN A O    2  
ATOM 272  C CB   . ASN A 1 8  ? 1.626   -2.821 4.406  1.00 0.83 ? 8  ASN A CB   2  
ATOM 273  C CG   . ASN A 1 8  ? 1.552   -4.326 4.185  1.00 1.39 ? 8  ASN A CG   2  
ATOM 274  O OD1  . ASN A 1 8  ? 0.487   -4.935 4.264  1.00 1.97 ? 8  ASN A OD1  2  
ATOM 275  N ND2  . ASN A 1 8  ? 2.690   -4.938 3.917  1.00 2.07 ? 8  ASN A ND2  2  
ATOM 276  H H    . ASN A 1 8  ? 2.564   -0.211 2.997  1.00 1.30 ? 8  ASN A H    2  
ATOM 277  H HA   . ASN A 1 8  ? 2.164   -2.359 2.389  1.00 0.55 ? 8  ASN A HA   2  
ATOM 278  H HB2  . ASN A 1 8  ? 2.596   -2.593 4.825  1.00 1.04 ? 8  ASN A HB2  2  
ATOM 279  H HB3  . ASN A 1 8  ? 0.858   -2.540 5.109  1.00 1.28 ? 8  ASN A HB3  2  
ATOM 280  H HD21 . ASN A 1 8  ? 3.509   -4.402 3.877  1.00 2.32 ? 8  ASN A HD21 2  
ATOM 281  H HD22 . ASN A 1 8  ? 2.671   -5.906 3.756  1.00 2.62 ? 8  ASN A HD22 2  
ATOM 282  N N    . PRO A 1 9  ? -0.219  -1.675 1.328  1.00 0.33 ? 9  PRO A N    2  
ATOM 283  C CA   . PRO A 1 9  ? -1.439  -1.956 0.587  1.00 0.33 ? 9  PRO A CA   2  
ATOM 284  C C    . PRO A 1 9  ? -1.270  -3.203 -0.272 1.00 0.31 ? 9  PRO A C    2  
ATOM 285  O O    . PRO A 1 9  ? -1.961  -4.202 -0.087 1.00 0.44 ? 9  PRO A O    2  
ATOM 286  C CB   . PRO A 1 9  ? -1.623  -0.711 -0.295 1.00 0.40 ? 9  PRO A CB   2  
ATOM 287  C CG   . PRO A 1 9  ? -0.423  0.155  -0.046 1.00 0.53 ? 9  PRO A CG   2  
ATOM 288  C CD   . PRO A 1 9  ? 0.609   -0.717 0.609  1.00 0.75 ? 9  PRO A CD   2  
ATOM 289  H HA   . PRO A 1 9  ? -2.288  -2.078 1.243  1.00 0.49 ? 9  PRO A HA   2  
ATOM 290  H HB2  . PRO A 1 9  ? -1.678  -1.012 -1.331 1.00 0.43 ? 9  PRO A HB2  2  
ATOM 291  H HB3  . PRO A 1 9  ? -2.536  -0.205 -0.016 1.00 0.59 ? 9  PRO A HB3  2  
ATOM 292  H HG2  . PRO A 1 9  ? -0.048  0.536  -0.983 1.00 0.53 ? 9  PRO A HG2  2  
ATOM 293  H HG3  . PRO A 1 9  ? -0.693  0.973  0.608  1.00 0.68 ? 9  PRO A HG3  2  
ATOM 294  H HD2  . PRO A 1 9  ? 1.220   -1.208 -0.133 1.00 1.02 ? 9  PRO A HD2  2  
ATOM 295  H HD3  . PRO A 1 9  ? 1.220   -0.141 1.291  1.00 1.15 ? 9  PRO A HD3  2  
ATOM 296  N N    . ILE A 1 10 ? -0.324  -3.136 -1.200 1.00 0.34 ? 10 ILE A N    2  
ATOM 297  C CA   . ILE A 1 10 ? 0.004   -4.273 -2.041 1.00 0.50 ? 10 ILE A CA   2  
ATOM 298  C C    . ILE A 1 10 ? 1.450   -4.712 -1.798 1.00 0.58 ? 10 ILE A C    2  
ATOM 299  O O    . ILE A 1 10 ? 1.826   -5.854 -2.069 1.00 1.16 ? 10 ILE A O    2  
ATOM 300  C CB   . ILE A 1 10 ? -0.211  -3.929 -3.535 1.00 0.69 ? 10 ILE A CB   2  
ATOM 301  C CG1  . ILE A 1 10 ? 0.006   -5.163 -4.415 1.00 1.46 ? 10 ILE A CG1  2  
ATOM 302  C CG2  . ILE A 1 10 ? 0.707   -2.790 -3.964 1.00 1.47 ? 10 ILE A CG2  2  
ATOM 303  C CD1  . ILE A 1 10 ? -0.276  -4.923 -5.882 1.00 1.75 ? 10 ILE A CD1  2  
ATOM 304  H H    . ILE A 1 10 ? 0.155   -2.293 -1.329 1.00 0.35 ? 10 ILE A H    2  
ATOM 305  H HA   . ILE A 1 10 ? -0.659  -5.084 -1.780 1.00 0.57 ? 10 ILE A HA   2  
ATOM 306  H HB   . ILE A 1 10 ? -1.228  -3.590 -3.651 1.00 1.04 ? 10 ILE A HB   2  
ATOM 307  H HG12 . ILE A 1 10 ? 1.034   -5.483 -4.326 1.00 1.94 ? 10 ILE A HG12 2  
ATOM 308  H HG13 . ILE A 1 10 ? -0.643  -5.958 -4.077 1.00 2.04 ? 10 ILE A HG13 2  
ATOM 309  H HG21 . ILE A 1 10 ? 1.735   -3.087 -3.821 1.00 1.79 ? 10 ILE A HG21 2  
ATOM 310  H HG22 . ILE A 1 10 ? 0.498   -1.916 -3.364 1.00 2.09 ? 10 ILE A HG22 2  
ATOM 311  H HG23 . ILE A 1 10 ? 0.539   -2.563 -5.005 1.00 1.89 ? 10 ILE A HG23 2  
ATOM 312  H HD11 . ILE A 1 10 ? 0.357   -4.127 -6.243 1.00 2.11 ? 10 ILE A HD11 2  
ATOM 313  H HD12 . ILE A 1 10 ? -1.312  -4.646 -6.007 1.00 1.93 ? 10 ILE A HD12 2  
ATOM 314  H HD13 . ILE A 1 10 ? -0.075  -5.826 -6.439 1.00 2.22 ? 10 ILE A HD13 2  
ATOM 315  N N    . SER A 1 11 ? 2.254   -3.793 -1.270 1.00 0.54 ? 11 SER A N    2  
ATOM 316  C CA   . SER A 1 11 ? 3.657   -4.060 -0.979 1.00 0.74 ? 11 SER A CA   2  
ATOM 317  C C    . SER A 1 11 ? 4.169   -3.072 0.067  1.00 0.91 ? 11 SER A C    2  
ATOM 318  O O    . SER A 1 11 ? 3.697   -1.935 0.125  1.00 1.56 ? 11 SER A O    2  
ATOM 319  C CB   . SER A 1 11 ? 4.499   -3.929 -2.255 1.00 1.26 ? 11 SER A CB   2  
ATOM 320  O OG   . SER A 1 11 ? 4.003   -4.759 -3.292 1.00 2.26 ? 11 SER A OG   2  
ATOM 321  H H    . SER A 1 11 ? 1.896   -2.914 -1.061 1.00 0.86 ? 11 SER A H    2  
ATOM 322  H HA   . SER A 1 11 ? 3.741   -5.066 -0.596 1.00 0.80 ? 11 SER A HA   2  
ATOM 323  H HB2  . SER A 1 11 ? 4.476   -2.905 -2.593 1.00 1.45 ? 11 SER A HB2  2  
ATOM 324  H HB3  . SER A 1 11 ? 5.520   -4.212 -2.041 1.00 1.62 ? 11 SER A HB3  2  
ATOM 325  H HG   . SER A 1 11 ? 3.369   -5.387 -2.922 1.00 2.81 ? 11 SER A HG   2  
ATOM 326  N N    . ASN A 1 12 ? 5.109   -3.513 0.895  1.00 1.13 ? 12 ASN A N    2  
ATOM 327  C CA   . ASN A 1 12 ? 5.799   -2.628 1.832  1.00 1.54 ? 12 ASN A CA   2  
ATOM 328  C C    . ASN A 1 12 ? 6.996   -3.339 2.441  1.00 2.23 ? 12 ASN A C    2  
ATOM 329  O O    . ASN A 1 12 ? 8.097   -3.254 1.858  1.00 2.89 ? 12 ASN A O    2  
ATOM 330  C CB   . ASN A 1 12 ? 4.872   -2.132 2.948  1.00 1.64 ? 12 ASN A CB   2  
ATOM 331  C CG   . ASN A 1 12 ? 5.560   -1.127 3.854  1.00 2.54 ? 12 ASN A CG   2  
ATOM 332  O OD1  . ASN A 1 12 ? 6.409   -0.352 3.412  1.00 3.25 ? 12 ASN A OD1  2  
ATOM 333  N ND2  . ASN A 1 12 ? 5.210   -1.137 5.130  1.00 3.14 ? 12 ASN A ND2  2  
ATOM 334  O OXT  . ASN A 1 12 ? 6.832   -3.996 3.488  1.00 2.65 ? 12 ASN A OXT  2  
ATOM 335  H H    . ASN A 1 12 ? 5.352   -4.469 0.881  1.00 1.47 ? 12 ASN A H    2  
ATOM 336  H HA   . ASN A 1 12 ? 6.154   -1.775 1.271  1.00 1.73 ? 12 ASN A HA   2  
ATOM 337  H HB2  . ASN A 1 12 ? 4.010   -1.659 2.507  1.00 1.94 ? 12 ASN A HB2  2  
ATOM 338  H HB3  . ASN A 1 12 ? 4.550   -2.972 3.547  1.00 1.63 ? 12 ASN A HB3  2  
ATOM 339  H HD21 . ASN A 1 12 ? 4.537   -1.788 5.422  1.00 3.13 ? 12 ASN A HD21 2  
ATOM 340  H HD22 . ASN A 1 12 ? 5.638   -0.491 5.732  1.00 3.87 ? 12 ASN A HD22 2  
ATOM 341  N N    . HIS A 1 1  ? -3.847  6.709  -2.768 1.00 3.20 ? 1  HIS A N    3  
ATOM 342  C CA   . HIS A 1 1  ? -5.000  6.682  -1.836 1.00 2.79 ? 1  HIS A CA   3  
ATOM 343  C C    . HIS A 1 1  ? -4.991  5.410  -1.001 1.00 2.15 ? 1  HIS A C    3  
ATOM 344  O O    . HIS A 1 1  ? -4.525  5.408  0.136  1.00 2.66 ? 1  HIS A O    3  
ATOM 345  C CB   . HIS A 1 1  ? -6.332  6.789  -2.592 1.00 3.59 ? 1  HIS A CB   3  
ATOM 346  C CG   . HIS A 1 1  ? -6.773  8.195  -2.866 1.00 4.44 ? 1  HIS A CG   3  
ATOM 347  N ND1  . HIS A 1 1  ? -8.053  8.642  -2.615 1.00 5.02 ? 1  HIS A ND1  3  
ATOM 348  C CD2  . HIS A 1 1  ? -6.107  9.253  -3.386 1.00 5.19 ? 1  HIS A CD2  3  
ATOM 349  C CE1  . HIS A 1 1  ? -8.154  9.908  -2.968 1.00 5.90 ? 1  HIS A CE1  3  
ATOM 350  N NE2  . HIS A 1 1  ? -6.988  10.301 -3.438 1.00 6.01 ? 1  HIS A NE2  3  
ATOM 351  H H1   . HIS A 1 1  ? -2.955  6.700  -2.229 1.00 3.14 ? 1  HIS A H1   3  
ATOM 352  H H2   . HIS A 1 1  ? -3.872  7.567  -3.355 1.00 3.66 ? 1  HIS A H2   3  
ATOM 353  H H3   . HIS A 1 1  ? -3.868  5.879  -3.391 1.00 3.64 ? 1  HIS A H3   3  
ATOM 354  H HA   . HIS A 1 1  ? -4.908  7.527  -1.171 1.00 2.96 ? 1  HIS A HA   3  
ATOM 355  H HB2  . HIS A 1 1  ? -6.239  6.283  -3.540 1.00 4.02 ? 1  HIS A HB2  3  
ATOM 356  H HB3  . HIS A 1 1  ? -7.103  6.307  -2.011 1.00 3.65 ? 1  HIS A HB3  3  
ATOM 357  H HD1  . HIS A 1 1  ? -8.784  8.106  -2.235 1.00 5.04 ? 1  HIS A HD1  3  
ATOM 358  H HD2  . HIS A 1 1  ? -5.073  9.268  -3.701 1.00 5.39 ? 1  HIS A HD2  3  
ATOM 359  H HE1  . HIS A 1 1  ? -9.041  10.519 -2.884 1.00 6.61 ? 1  HIS A HE1  3  
ATOM 360  H HE2  . HIS A 1 1  ? -6.790  11.196 -3.793 1.00 6.72 ? 1  HIS A HE2  3  
ATOM 361  N N    . GLU A 1 2  ? -5.481  4.324  -1.580 1.00 1.36 ? 2  GLU A N    3  
ATOM 362  C CA   . GLU A 1 2  ? -5.623  3.068  -0.857 1.00 0.94 ? 2  GLU A CA   3  
ATOM 363  C C    . GLU A 1 2  ? -4.505  2.094  -1.214 1.00 0.89 ? 2  GLU A C    3  
ATOM 364  O O    . GLU A 1 2  ? -4.114  1.258  -0.401 1.00 1.36 ? 2  GLU A O    3  
ATOM 365  C CB   . GLU A 1 2  ? -6.986  2.448  -1.162 1.00 0.96 ? 2  GLU A CB   3  
ATOM 366  C CG   . GLU A 1 2  ? -7.238  2.243  -2.647 1.00 0.86 ? 2  GLU A CG   3  
ATOM 367  C CD   . GLU A 1 2  ? -8.632  1.738  -2.938 1.00 1.36 ? 2  GLU A CD   3  
ATOM 368  O OE1  . GLU A 1 2  ? -8.862  0.516  -2.830 1.00 1.95 ? 2  GLU A OE1  3  
ATOM 369  O OE2  . GLU A 1 2  ? -9.509  2.561  -3.269 1.00 1.39 ? 2  GLU A OE2  3  
ATOM 370  H H    . GLU A 1 2  ? -5.758  4.365  -2.522 1.00 1.48 ? 2  GLU A H    3  
ATOM 371  H HA   . GLU A 1 2  ? -5.568  3.287  0.198  1.00 1.37 ? 2  GLU A HA   3  
ATOM 372  H HB2  . GLU A 1 2  ? -7.052  1.489  -0.672 1.00 1.42 ? 2  GLU A HB2  3  
ATOM 373  H HB3  . GLU A 1 2  ? -7.759  3.095  -0.774 1.00 1.39 ? 2  GLU A HB3  3  
ATOM 374  H HG2  . GLU A 1 2  ? -7.101  3.185  -3.155 1.00 1.04 ? 2  GLU A HG2  3  
ATOM 375  H HG3  . GLU A 1 2  ? -6.525  1.525  -3.024 1.00 0.98 ? 2  GLU A HG3  3  
ATOM 376  N N    . VAL A 1 3  ? -3.972  2.223  -2.421 1.00 0.45 ? 3  VAL A N    3  
ATOM 377  C CA   . VAL A 1 3  ? -2.946  1.312  -2.904 1.00 0.55 ? 3  VAL A CA   3  
ATOM 378  C C    . VAL A 1 3  ? -1.806  2.081  -3.595 1.00 0.37 ? 3  VAL A C    3  
ATOM 379  O O    . VAL A 1 3  ? -1.532  1.916  -4.783 1.00 0.62 ? 3  VAL A O    3  
ATOM 380  C CB   . VAL A 1 3  ? -3.573  0.247  -3.842 1.00 0.90 ? 3  VAL A CB   3  
ATOM 381  C CG1  . VAL A 1 3  ? -4.238  0.885  -5.055 1.00 1.63 ? 3  VAL A CG1  3  
ATOM 382  C CG2  . VAL A 1 3  ? -2.543  -0.795 -4.264 1.00 1.79 ? 3  VAL A CG2  3  
ATOM 383  H H    . VAL A 1 3  ? -4.271  2.950  -3.000 1.00 0.32 ? 3  VAL A H    3  
ATOM 384  H HA   . VAL A 1 3  ? -2.539  0.799  -2.044 1.00 0.73 ? 3  VAL A HA   3  
ATOM 385  H HB   . VAL A 1 3  ? -4.344  -0.258 -3.284 1.00 1.01 ? 3  VAL A HB   3  
ATOM 386  H HG11 . VAL A 1 3  ? -3.504  1.447  -5.614 1.00 1.86 ? 3  VAL A HG11 3  
ATOM 387  H HG12 . VAL A 1 3  ? -5.025  1.547  -4.727 1.00 2.18 ? 3  VAL A HG12 3  
ATOM 388  H HG13 . VAL A 1 3  ? -4.655  0.113  -5.684 1.00 2.28 ? 3  VAL A HG13 3  
ATOM 389  H HG21 . VAL A 1 3  ? -3.005  -1.508 -4.930 1.00 2.37 ? 3  VAL A HG21 3  
ATOM 390  H HG22 . VAL A 1 3  ? -2.172  -1.309 -3.390 1.00 2.34 ? 3  VAL A HG22 3  
ATOM 391  H HG23 . VAL A 1 3  ? -1.724  -0.308 -4.770 1.00 2.05 ? 3  VAL A HG23 3  
ATOM 392  N N    . PRO A 1 4  ? -1.113  2.950  -2.842 1.00 0.21 ? 4  PRO A N    3  
ATOM 393  C CA   . PRO A 1 4  ? -0.025  3.766  -3.355 1.00 0.40 ? 4  PRO A CA   3  
ATOM 394  C C    . PRO A 1 4  ? 1.337   3.132  -3.100 1.00 0.36 ? 4  PRO A C    3  
ATOM 395  O O    . PRO A 1 4  ? 2.363   3.812  -3.107 1.00 0.45 ? 4  PRO A O    3  
ATOM 396  C CB   . PRO A 1 4  ? -0.176  5.063  -2.539 1.00 0.61 ? 4  PRO A CB   3  
ATOM 397  C CG   . PRO A 1 4  ? -1.151  4.747  -1.437 1.00 0.57 ? 4  PRO A CG   3  
ATOM 398  C CD   . PRO A 1 4  ? -1.333  3.258  -1.436 1.00 0.37 ? 4  PRO A CD   3  
ATOM 399  H HA   . PRO A 1 4  ? -0.143  3.978  -4.406 1.00 0.59 ? 4  PRO A HA   3  
ATOM 400  H HB2  . PRO A 1 4  ? 0.785   5.351  -2.140 1.00 0.76 ? 4  PRO A HB2  3  
ATOM 401  H HB3  . PRO A 1 4  ? -0.553  5.848  -3.175 1.00 0.79 ? 4  PRO A HB3  3  
ATOM 402  H HG2  . PRO A 1 4  ? -0.758  5.077  -0.486 1.00 0.79 ? 4  PRO A HG2  3  
ATOM 403  H HG3  . PRO A 1 4  ? -2.096  5.232  -1.642 1.00 0.65 ? 4  PRO A HG3  3  
ATOM 404  H HD2  . PRO A 1 4  ? -0.593  2.782  -0.809 1.00 0.53 ? 4  PRO A HD2  3  
ATOM 405  H HD3  . PRO A 1 4  ? -2.332  2.990  -1.130 1.00 0.45 ? 4  PRO A HD3  3  
ATOM 406  N N    . SER A 1 5  ? 1.324   1.817  -2.866 1.00 0.31 ? 5  SER A N    3  
ATOM 407  C CA   . SER A 1 5  ? 2.523   1.068  -2.496 1.00 0.35 ? 5  SER A CA   3  
ATOM 408  C C    . SER A 1 5  ? 3.241   1.732  -1.331 1.00 0.30 ? 5  SER A C    3  
ATOM 409  O O    . SER A 1 5  ? 4.435   2.005  -1.395 1.00 0.54 ? 5  SER A O    3  
ATOM 410  C CB   . SER A 1 5  ? 3.461   0.918  -3.695 1.00 0.49 ? 5  SER A CB   3  
ATOM 411  O OG   . SER A 1 5  ? 2.876   0.106  -4.699 1.00 1.41 ? 5  SER A OG   3  
ATOM 412  H H    . SER A 1 5  ? 0.479   1.333  -2.966 1.00 0.33 ? 5  SER A H    3  
ATOM 413  H HA   . SER A 1 5  ? 2.204   0.089  -2.177 1.00 0.38 ? 5  SER A HA   3  
ATOM 414  H HB2  . SER A 1 5  ? 3.666   1.892  -4.112 1.00 0.85 ? 5  SER A HB2  3  
ATOM 415  H HB3  . SER A 1 5  ? 4.384   0.461  -3.372 1.00 1.26 ? 5  SER A HB3  3  
ATOM 416  H HG   . SER A 1 5  ? 3.562   -0.453 -5.092 1.00 1.96 ? 5  SER A HG   3  
ATOM 417  N N    . GLY A 1 6  ? 2.501   1.983  -0.266 1.00 0.20 ? 6  GLY A N    3  
ATOM 418  C CA   . GLY A 1 6  ? 3.070   2.659  0.877  1.00 0.29 ? 6  GLY A CA   3  
ATOM 419  C C    . GLY A 1 6  ? 2.686   2.015  2.191  1.00 0.34 ? 6  GLY A C    3  
ATOM 420  O O    . GLY A 1 6  ? 3.458   1.226  2.735  1.00 0.45 ? 6  GLY A O    3  
ATOM 421  H H    . GLY A 1 6  ? 1.567   1.702  -0.253 1.00 0.34 ? 6  GLY A H    3  
ATOM 422  H HA2  . GLY A 1 6  ? 4.143   2.638  0.784  1.00 0.39 ? 6  GLY A HA2  3  
ATOM 423  H HA3  . GLY A 1 6  ? 2.735   3.680  0.877  1.00 0.35 ? 6  GLY A HA3  3  
ATOM 424  N N    . PRO A 1 7  ? 1.492   2.323  2.730  1.00 0.39 ? 7  PRO A N    3  
ATOM 425  C CA   . PRO A 1 7  ? 1.009   1.741  3.988  1.00 0.54 ? 7  PRO A CA   3  
ATOM 426  C C    . PRO A 1 7  ? 0.582   0.286  3.816  1.00 0.68 ? 7  PRO A C    3  
ATOM 427  O O    . PRO A 1 7  ? -0.562  -0.075 4.090  1.00 1.75 ? 7  PRO A O    3  
ATOM 428  C CB   . PRO A 1 7  ? -0.204  2.605  4.355  1.00 0.62 ? 7  PRO A CB   3  
ATOM 429  C CG   . PRO A 1 7  ? -0.177  3.763  3.411  1.00 0.66 ? 7  PRO A CG   3  
ATOM 430  C CD   . PRO A 1 7  ? 0.520   3.274  2.179  1.00 0.46 ? 7  PRO A CD   3  
ATOM 431  H HA   . PRO A 1 7  ? 1.754   1.807  4.769  1.00 0.58 ? 7  PRO A HA   3  
ATOM 432  H HB2  . PRO A 1 7  ? -1.102  2.019  4.234  1.00 0.79 ? 7  PRO A HB2  3  
ATOM 433  H HB3  . PRO A 1 7  ? -0.118  2.931  5.381  1.00 0.76 ? 7  PRO A HB3  3  
ATOM 434  H HG2  . PRO A 1 7  ? -1.185  4.069  3.174  1.00 1.01 ? 7  PRO A HG2  3  
ATOM 435  H HG3  . PRO A 1 7  ? 0.372   4.583  3.852  1.00 0.91 ? 7  PRO A HG3  3  
ATOM 436  H HD2  . PRO A 1 7  ? -0.177  2.780  1.516  1.00 0.60 ? 7  PRO A HD2  3  
ATOM 437  H HD3  . PRO A 1 7  ? 1.016   4.088  1.672  1.00 0.58 ? 7  PRO A HD3  3  
ATOM 438  N N    . ASN A 1 8  ? 1.531   -0.523 3.350  1.00 0.49 ? 8  ASN A N    3  
ATOM 439  C CA   . ASN A 1 8  ? 1.332   -1.947 3.049  1.00 0.47 ? 8  ASN A CA   3  
ATOM 440  C C    . ASN A 1 8  ? -0.038  -2.253 2.439  1.00 0.35 ? 8  ASN A C    3  
ATOM 441  O O    . ASN A 1 8  ? -0.818  -3.019 3.005  1.00 0.75 ? 8  ASN A O    3  
ATOM 442  C CB   . ASN A 1 8  ? 1.584   -2.839 4.281  1.00 0.83 ? 8  ASN A CB   3  
ATOM 443  C CG   . ASN A 1 8  ? 0.859   -2.387 5.539  1.00 1.39 ? 8  ASN A CG   3  
ATOM 444  O OD1  . ASN A 1 8  ? -0.280  -2.781 5.792  1.00 1.97 ? 8  ASN A OD1  3  
ATOM 445  N ND2  . ASN A 1 8  ? 1.520   -1.568 6.343  1.00 2.07 ? 8  ASN A ND2  3  
ATOM 446  H H    . ASN A 1 8  ? 2.420   -0.137 3.198  1.00 1.30 ? 8  ASN A H    3  
ATOM 447  H HA   . ASN A 1 8  ? 2.074   -2.203 2.306  1.00 0.55 ? 8  ASN A HA   3  
ATOM 448  H HB2  . ASN A 1 8  ? 1.256   -3.841 4.053  1.00 1.04 ? 8  ASN A HB2  3  
ATOM 449  H HB3  . ASN A 1 8  ? 2.645   -2.860 4.486  1.00 1.28 ? 8  ASN A HB3  3  
ATOM 450  H HD21 . ASN A 1 8  ? 2.428   -1.301 6.087  1.00 2.32 ? 8  ASN A HD21 3  
ATOM 451  H HD22 . ASN A 1 8  ? 1.076   -1.268 7.165  1.00 2.62 ? 8  ASN A HD22 3  
ATOM 452  N N    . PRO A 1 9  ? -0.352  -1.675 1.266  1.00 0.33 ? 9  PRO A N    3  
ATOM 453  C CA   . PRO A 1 9  ? -1.570  -2.011 0.543  1.00 0.33 ? 9  PRO A CA   3  
ATOM 454  C C    . PRO A 1 9  ? -1.404  -3.355 -0.147 1.00 0.31 ? 9  PRO A C    3  
ATOM 455  O O    . PRO A 1 9  ? -2.205  -4.272 0.032  1.00 0.44 ? 9  PRO A O    3  
ATOM 456  C CB   . PRO A 1 9  ? -1.726  -0.890 -0.491 1.00 0.40 ? 9  PRO A CB   3  
ATOM 457  C CG   . PRO A 1 9  ? -0.578  0.050  -0.282 1.00 0.53 ? 9  PRO A CG   3  
ATOM 458  C CD   . PRO A 1 9  ? 0.443   -0.674 0.551  1.00 0.75 ? 9  PRO A CD   3  
ATOM 459  H HA   . PRO A 1 9  ? -2.430  -2.041 1.196  1.00 0.49 ? 9  PRO A HA   3  
ATOM 460  H HB2  . PRO A 1 9  ? -1.705  -1.314 -1.483 1.00 0.43 ? 9  PRO A HB2  3  
ATOM 461  H HB3  . PRO A 1 9  ? -2.672  -0.390 -0.335 1.00 0.59 ? 9  PRO A HB3  3  
ATOM 462  H HG2  . PRO A 1 9  ? -0.153  0.317  -1.237 1.00 0.53 ? 9  PRO A HG2  3  
ATOM 463  H HG3  . PRO A 1 9  ? -0.923  0.937  0.230  1.00 0.68 ? 9  PRO A HG3  3  
ATOM 464  H HD2  . PRO A 1 9  ? 1.179   -1.147 -0.082 1.00 1.02 ? 9  PRO A HD2  3  
ATOM 465  H HD3  . PRO A 1 9  ? 0.917   0.007  1.241  1.00 1.15 ? 9  PRO A HD3  3  
ATOM 466  N N    . ILE A 1 10 ? -0.335  -3.459 -0.924 1.00 0.34 ? 10 ILE A N    3  
ATOM 467  C CA   . ILE A 1 10 ? 0.053   -4.718 -1.542 1.00 0.50 ? 10 ILE A CA   3  
ATOM 468  C C    . ILE A 1 10 ? 1.552   -4.912 -1.374 1.00 0.58 ? 10 ILE A C    3  
ATOM 469  O O    . ILE A 1 10 ? 2.008   -5.957 -0.916 1.00 1.16 ? 10 ILE A O    3  
ATOM 470  C CB   . ILE A 1 10 ? -0.306  -4.782 -3.043 1.00 0.69 ? 10 ILE A CB   3  
ATOM 471  C CG1  . ILE A 1 10 ? -1.812  -4.605 -3.250 1.00 1.46 ? 10 ILE A CG1  3  
ATOM 472  C CG2  . ILE A 1 10 ? 0.156   -6.104 -3.641 1.00 1.47 ? 10 ILE A CG2  3  
ATOM 473  C CD1  . ILE A 1 10 ? -2.236  -4.634 -4.702 1.00 1.75 ? 10 ILE A CD1  3  
ATOM 474  H H    . ILE A 1 10 ? 0.220   -2.659 -1.079 1.00 0.35 ? 10 ILE A H    3  
ATOM 475  H HA   . ILE A 1 10 ? -0.463  -5.517 -1.028 1.00 0.57 ? 10 ILE A HA   3  
ATOM 476  H HB   . ILE A 1 10 ? 0.217   -3.986 -3.551 1.00 1.04 ? 10 ILE A HB   3  
ATOM 477  H HG12 . ILE A 1 10 ? -2.334  -5.399 -2.737 1.00 1.94 ? 10 ILE A HG12 3  
ATOM 478  H HG13 . ILE A 1 10 ? -2.117  -3.656 -2.834 1.00 2.04 ? 10 ILE A HG13 3  
ATOM 479  H HG21 . ILE A 1 10 ? 1.227   -6.192 -3.537 1.00 1.79 ? 10 ILE A HG21 3  
ATOM 480  H HG22 . ILE A 1 10 ? -0.108  -6.138 -4.687 1.00 2.09 ? 10 ILE A HG22 3  
ATOM 481  H HG23 . ILE A 1 10 ? -0.324  -6.920 -3.122 1.00 1.89 ? 10 ILE A HG23 3  
ATOM 482  H HD11 . ILE A 1 10 ? -3.309  -4.556 -4.766 1.00 2.11 ? 10 ILE A HD11 3  
ATOM 483  H HD12 . ILE A 1 10 ? -1.915  -5.565 -5.149 1.00 1.93 ? 10 ILE A HD12 3  
ATOM 484  H HD13 . ILE A 1 10 ? -1.781  -3.807 -5.225 1.00 2.22 ? 10 ILE A HD13 3  
ATOM 485  N N    . SER A 1 11 ? 2.310   -3.886 -1.737 1.00 0.54 ? 11 SER A N    3  
ATOM 486  C CA   . SER A 1 11 ? 3.751   -3.898 -1.557 1.00 0.74 ? 11 SER A CA   3  
ATOM 487  C C    . SER A 1 11 ? 4.106   -3.804 -0.073 1.00 0.91 ? 11 SER A C    3  
ATOM 488  O O    . SER A 1 11 ? 4.129   -2.716 0.504  1.00 1.56 ? 11 SER A O    3  
ATOM 489  C CB   . SER A 1 11 ? 4.370   -2.730 -2.325 1.00 1.26 ? 11 SER A CB   3  
ATOM 490  O OG   . SER A 1 11 ? 3.888   -2.690 -3.659 1.00 2.26 ? 11 SER A OG   3  
ATOM 491  H H    . SER A 1 11 ? 1.891   -3.106 -2.156 1.00 0.86 ? 11 SER A H    3  
ATOM 492  H HA   . SER A 1 11 ? 4.133   -4.827 -1.954 1.00 0.80 ? 11 SER A HA   3  
ATOM 493  H HB2  . SER A 1 11 ? 4.115   -1.803 -1.834 1.00 1.45 ? 11 SER A HB2  3  
ATOM 494  H HB3  . SER A 1 11 ? 5.445   -2.845 -2.346 1.00 1.62 ? 11 SER A HB3  3  
ATOM 495  H HG   . SER A 1 11 ? 3.865   -3.588 -4.017 1.00 2.81 ? 11 SER A HG   3  
ATOM 496  N N    . ASN A 1 12 ? 4.343   -4.952 0.544  1.00 1.13 ? 12 ASN A N    3  
ATOM 497  C CA   . ASN A 1 12 ? 4.738   -5.008 1.945  1.00 1.54 ? 12 ASN A CA   3  
ATOM 498  C C    . ASN A 1 12 ? 5.874   -6.001 2.124  1.00 2.23 ? 12 ASN A C    3  
ATOM 499  O O    . ASN A 1 12 ? 5.631   -7.220 2.004  1.00 2.89 ? 12 ASN A O    3  
ATOM 500  C CB   . ASN A 1 12 ? 3.549   -5.383 2.837  1.00 1.64 ? 12 ASN A CB   3  
ATOM 501  C CG   . ASN A 1 12 ? 3.957   -5.657 4.273  1.00 2.54 ? 12 ASN A CG   3  
ATOM 502  O OD1  . ASN A 1 12 ? 4.055   -4.740 5.089  1.00 3.25 ? 12 ASN A OD1  3  
ATOM 503  N ND2  . ASN A 1 12 ? 4.183   -6.919 4.599  1.00 3.14 ? 12 ASN A ND2  3  
ATOM 504  O OXT  . ASN A 1 12 ? 7.016   -5.561 2.358  1.00 2.65 ? 12 ASN A OXT  3  
ATOM 505  H H    . ASN A 1 12 ? 4.244   -5.791 0.045  1.00 1.47 ? 12 ASN A H    3  
ATOM 506  H HA   . ASN A 1 12 ? 5.093   -4.027 2.226  1.00 1.73 ? 12 ASN A HA   3  
ATOM 507  H HB2  . ASN A 1 12 ? 2.839   -4.566 2.840  1.00 1.94 ? 12 ASN A HB2  3  
ATOM 508  H HB3  . ASN A 1 12 ? 3.071   -6.267 2.441  1.00 1.63 ? 12 ASN A HB3  3  
ATOM 509  H HD21 . ASN A 1 12 ? 4.075   -7.602 3.902  1.00 3.13 ? 12 ASN A HD21 3  
ATOM 510  H HD22 . ASN A 1 12 ? 4.447   -7.121 5.520  1.00 3.87 ? 12 ASN A HD22 3  
ATOM 511  N N    . HIS A 1 1  ? -4.204  4.822  3.447  1.00 3.20 ? 1  HIS A N    4  
ATOM 512  C CA   . HIS A 1 1  ? -5.486  5.381  2.952  1.00 2.79 ? 1  HIS A CA   4  
ATOM 513  C C    . HIS A 1 1  ? -5.938  4.669  1.681  1.00 2.15 ? 1  HIS A C    4  
ATOM 514  O O    . HIS A 1 1  ? -7.041  4.123  1.627  1.00 2.66 ? 1  HIS A O    4  
ATOM 515  C CB   . HIS A 1 1  ? -5.363  6.888  2.688  1.00 3.59 ? 1  HIS A CB   4  
ATOM 516  C CG   . HIS A 1 1  ? -5.243  7.715  3.932  1.00 4.44 ? 1  HIS A CG   4  
ATOM 517  N ND1  . HIS A 1 1  ? -4.130  8.475  4.232  1.00 5.02 ? 1  HIS A ND1  4  
ATOM 518  C CD2  . HIS A 1 1  ? -6.113  7.908  4.952  1.00 5.19 ? 1  HIS A CD2  4  
ATOM 519  C CE1  . HIS A 1 1  ? -4.322  9.094  5.382  1.00 5.90 ? 1  HIS A CE1  4  
ATOM 520  N NE2  . HIS A 1 1  ? -5.515  8.767  5.837  1.00 6.01 ? 1  HIS A NE2  4  
ATOM 521  H H1   . HIS A 1 1  ? -3.923  5.289  4.333  1.00 3.14 ? 1  HIS A H1   4  
ATOM 522  H H2   . HIS A 1 1  ? -3.455  4.964  2.745  1.00 3.66 ? 1  HIS A H2   4  
ATOM 523  H H3   . HIS A 1 1  ? -4.306  3.803  3.626  1.00 3.64 ? 1  HIS A H3   4  
ATOM 524  H HA   . HIS A 1 1  ? -6.234  5.222  3.712  1.00 2.96 ? 1  HIS A HA   4  
ATOM 525  H HB2  . HIS A 1 1  ? -4.487  7.069  2.085  1.00 4.02 ? 1  HIS A HB2  4  
ATOM 526  H HB3  . HIS A 1 1  ? -6.238  7.222  2.148  1.00 3.65 ? 1  HIS A HB3  4  
ATOM 527  H HD1  . HIS A 1 1  ? -3.322  8.555  3.680  1.00 5.04 ? 1  HIS A HD1  4  
ATOM 528  H HD2  . HIS A 1 1  ? -7.093  7.467  5.049  1.00 5.39 ? 1  HIS A HD2  4  
ATOM 529  H HE1  . HIS A 1 1  ? -3.619  9.756  5.868  1.00 6.61 ? 1  HIS A HE1  4  
ATOM 530  H HE2  . HIS A 1 1  ? -5.870  9.009  6.724  1.00 6.72 ? 1  HIS A HE2  4  
ATOM 531  N N    . GLU A 1 2  ? -5.090  4.669  0.660  1.00 1.36 ? 2  GLU A N    4  
ATOM 532  C CA   . GLU A 1 2  ? -5.422  4.028  -0.602 1.00 0.94 ? 2  GLU A CA   4  
ATOM 533  C C    . GLU A 1 2  ? -4.405  2.927  -0.916 1.00 0.89 ? 2  GLU A C    4  
ATOM 534  O O    . GLU A 1 2  ? -4.010  2.169  -0.028 1.00 1.36 ? 2  GLU A O    4  
ATOM 535  C CB   . GLU A 1 2  ? -5.473  5.074  -1.722 1.00 0.96 ? 2  GLU A CB   4  
ATOM 536  C CG   . GLU A 1 2  ? -6.218  4.609  -2.966 1.00 0.86 ? 2  GLU A CG   4  
ATOM 537  C CD   . GLU A 1 2  ? -6.267  5.668  -4.045 1.00 1.36 ? 2  GLU A CD   4  
ATOM 538  O OE1  . GLU A 1 2  ? -5.268  5.824  -4.775 1.00 1.95 ? 2  GLU A OE1  4  
ATOM 539  O OE2  . GLU A 1 2  ? -7.299  6.357  -4.158 1.00 1.39 ? 2  GLU A OE2  4  
ATOM 540  H H    . GLU A 1 2  ? -4.219  5.106  0.756  1.00 1.48 ? 2  GLU A H    4  
ATOM 541  H HA   . GLU A 1 2  ? -6.400  3.577  -0.497 1.00 1.37 ? 2  GLU A HA   4  
ATOM 542  H HB2  . GLU A 1 2  ? -5.962  5.962  -1.347 1.00 1.42 ? 2  GLU A HB2  4  
ATOM 543  H HB3  . GLU A 1 2  ? -4.461  5.326  -2.009 1.00 1.39 ? 2  GLU A HB3  4  
ATOM 544  H HG2  . GLU A 1 2  ? -5.724  3.731  -3.368 1.00 1.04 ? 2  GLU A HG2  4  
ATOM 545  H HG3  . GLU A 1 2  ? -7.230  4.354  -2.688 1.00 0.98 ? 2  GLU A HG3  4  
ATOM 546  N N    . VAL A 1 3  ? -3.964  2.853  -2.168 1.00 0.45 ? 3  VAL A N    4  
ATOM 547  C CA   . VAL A 1 3  ? -3.120  1.758  -2.630 1.00 0.55 ? 3  VAL A CA   4  
ATOM 548  C C    . VAL A 1 3  ? -1.957  2.298  -3.477 1.00 0.37 ? 3  VAL A C    4  
ATOM 549  O O    . VAL A 1 3  ? -1.835  1.995  -4.663 1.00 0.62 ? 3  VAL A O    4  
ATOM 550  C CB   . VAL A 1 3  ? -3.945  0.741  -3.462 1.00 0.90 ? 3  VAL A CB   4  
ATOM 551  C CG1  . VAL A 1 3  ? -3.119  -0.490 -3.811 1.00 1.63 ? 3  VAL A CG1  4  
ATOM 552  C CG2  . VAL A 1 3  ? -5.213  0.331  -2.729 1.00 1.79 ? 3  VAL A CG2  4  
ATOM 553  H H    . VAL A 1 3  ? -4.186  3.574  -2.795 1.00 0.32 ? 3  VAL A H    4  
ATOM 554  H HA   . VAL A 1 3  ? -2.720  1.250  -1.763 1.00 0.73 ? 3  VAL A HA   4  
ATOM 555  H HB   . VAL A 1 3  ? -4.236  1.228  -4.384 1.00 1.01 ? 3  VAL A HB   4  
ATOM 556  H HG11 . VAL A 1 3  ? -2.244  -0.192 -4.370 1.00 1.86 ? 3  VAL A HG11 4  
ATOM 557  H HG12 . VAL A 1 3  ? -3.714  -1.166 -4.407 1.00 2.18 ? 3  VAL A HG12 4  
ATOM 558  H HG13 . VAL A 1 3  ? -2.813  -0.986 -2.902 1.00 2.28 ? 3  VAL A HG13 4  
ATOM 559  H HG21 . VAL A 1 3  ? -5.823  1.203  -2.547 1.00 2.37 ? 3  VAL A HG21 4  
ATOM 560  H HG22 . VAL A 1 3  ? -4.952  -0.127 -1.786 1.00 2.34 ? 3  VAL A HG22 4  
ATOM 561  H HG23 . VAL A 1 3  ? -5.765  -0.375 -3.332 1.00 2.05 ? 3  VAL A HG23 4  
ATOM 562  N N    . PRO A 1 4  ? -1.091  3.136  -2.882 1.00 0.21 ? 4  PRO A N    4  
ATOM 563  C CA   . PRO A 1 4  ? 0.046   3.735  -3.560 1.00 0.40 ? 4  PRO A CA   4  
ATOM 564  C C    . PRO A 1 4  ? 1.349   2.995  -3.261 1.00 0.36 ? 4  PRO A C    4  
ATOM 565  O O    . PRO A 1 4  ? 2.430   3.586  -3.281 1.00 0.45 ? 4  PRO A O    4  
ATOM 566  C CB   . PRO A 1 4  ? 0.077   5.144  -2.946 1.00 0.61 ? 4  PRO A CB   4  
ATOM 567  C CG   . PRO A 1 4  ? -0.777  5.073  -1.705 1.00 0.57 ? 4  PRO A CG   4  
ATOM 568  C CD   . PRO A 1 4  ? -1.151  3.630  -1.515 1.00 0.37 ? 4  PRO A CD   4  
ATOM 569  H HA   . PRO A 1 4  ? -0.106  3.800  -4.626 1.00 0.59 ? 4  PRO A HA   4  
ATOM 570  H HB2  . PRO A 1 4  ? 1.095   5.409  -2.706 1.00 0.76 ? 4  PRO A HB2  4  
ATOM 571  H HB3  . PRO A 1 4  ? -0.325  5.853  -3.653 1.00 0.79 ? 4  PRO A HB3  4  
ATOM 572  H HG2  . PRO A 1 4  ? -0.218  5.429  -0.853 1.00 0.79 ? 4  PRO A HG2  4  
ATOM 573  H HG3  . PRO A 1 4  ? -1.669  5.671  -1.849 1.00 0.65 ? 4  PRO A HG3  4  
ATOM 574  H HD2  . PRO A 1 4  ? -0.432  3.128  -0.885 1.00 0.53 ? 4  PRO A HD2  4  
ATOM 575  H HD3  . PRO A 1 4  ? -2.150  3.541  -1.110 1.00 0.45 ? 4  PRO A HD3  4  
ATOM 576  N N    . SER A 1 5  ? 1.221   1.698  -2.980 1.00 0.31 ? 5  SER A N    4  
ATOM 577  C CA   . SER A 1 5  ? 2.352   0.867  -2.570 1.00 0.35 ? 5  SER A CA   4  
ATOM 578  C C    . SER A 1 5  ? 3.104   1.499  -1.406 1.00 0.30 ? 5  SER A C    4  
ATOM 579  O O    . SER A 1 5  ? 4.332   1.562  -1.402 1.00 0.54 ? 5  SER A O    4  
ATOM 580  C CB   . SER A 1 5  ? 3.294   0.617  -3.751 1.00 0.49 ? 5  SER A CB   4  
ATOM 581  O OG   . SER A 1 5  ? 2.639   -0.111 -4.779 1.00 1.41 ? 5  SER A OG   4  
ATOM 582  H H    . SER A 1 5  ? 0.339   1.284  -3.069 1.00 0.33 ? 5  SER A H    4  
ATOM 583  H HA   . SER A 1 5  ? 1.952   -0.078 -2.238 1.00 0.38 ? 5  SER A HA   4  
ATOM 584  H HB2  . SER A 1 5  ? 3.624   1.564  -4.152 1.00 0.85 ? 5  SER A HB2  4  
ATOM 585  H HB3  . SER A 1 5  ? 4.148   0.051  -3.411 1.00 1.26 ? 5  SER A HB3  4  
ATOM 586  H HG   . SER A 1 5  ? 3.269   -0.288 -5.493 1.00 1.96 ? 5  SER A HG   4  
ATOM 587  N N    . GLY A 1 6  ? 2.351   1.958  -0.419 1.00 0.20 ? 6  GLY A N    4  
ATOM 588  C CA   . GLY A 1 6  ? 2.947   2.613  0.724  1.00 0.29 ? 6  GLY A CA   4  
ATOM 589  C C    . GLY A 1 6  ? 2.560   1.964  2.037  1.00 0.34 ? 6  GLY A C    4  
ATOM 590  O O    . GLY A 1 6  ? 3.306   1.135  2.554  1.00 0.45 ? 6  GLY A O    4  
ATOM 591  H H    . GLY A 1 6  ? 1.382   1.845  -0.466 1.00 0.34 ? 6  GLY A H    4  
ATOM 592  H HA2  . GLY A 1 6  ? 4.020   2.575  0.620  1.00 0.39 ? 6  GLY A HA2  4  
ATOM 593  H HA3  . GLY A 1 6  ? 2.631   3.643  0.736  1.00 0.35 ? 6  GLY A HA3  4  
ATOM 594  N N    . PRO A 1 7  ? 1.394   2.328  2.600  1.00 0.39 ? 7  PRO A N    4  
ATOM 595  C CA   . PRO A 1 7  ? 0.900   1.758  3.865  1.00 0.54 ? 7  PRO A CA   4  
ATOM 596  C C    . PRO A 1 7  ? 0.492   0.291  3.735  1.00 0.68 ? 7  PRO A C    4  
ATOM 597  O O    . PRO A 1 7  ? -0.686  -0.052 3.857  1.00 1.75 ? 7  PRO A O    4  
ATOM 598  C CB   . PRO A 1 7  ? -0.321  2.616  4.188  1.00 0.62 ? 7  PRO A CB   4  
ATOM 599  C CG   . PRO A 1 7  ? -0.776  3.140  2.871  1.00 0.66 ? 7  PRO A CG   4  
ATOM 600  C CD   . PRO A 1 7  ? 0.472   3.346  2.065  1.00 0.46 ? 7  PRO A CD   4  
ATOM 601  H HA   . PRO A 1 7  ? 1.631   1.858  4.652  1.00 0.58 ? 7  PRO A HA   4  
ATOM 602  H HB2  . PRO A 1 7  ? -1.073  1.998  4.651  1.00 0.79 ? 7  PRO A HB2  4  
ATOM 603  H HB3  . PRO A 1 7  ? -0.038  3.415  4.856  1.00 0.76 ? 7  PRO A HB3  4  
ATOM 604  H HG2  . PRO A 1 7  ? -1.420  2.418  2.392  1.00 1.01 ? 7  PRO A HG2  4  
ATOM 605  H HG3  . PRO A 1 7  ? -1.294  4.078  3.008  1.00 0.91 ? 7  PRO A HG3  4  
ATOM 606  H HD2  . PRO A 1 7  ? 0.278   3.181  1.015  1.00 0.60 ? 7  PRO A HD2  4  
ATOM 607  H HD3  . PRO A 1 7  ? 0.865   4.340  2.224  1.00 0.58 ? 7  PRO A HD3  4  
ATOM 608  N N    . ASN A 1 8  ? 1.492   -0.546 3.477  1.00 0.49 ? 8  ASN A N    4  
ATOM 609  C CA   . ASN A 1 8  ? 1.339   -1.996 3.279  1.00 0.47 ? 8  ASN A CA   4  
ATOM 610  C C    . ASN A 1 8  ? 0.059   -2.387 2.522  1.00 0.35 ? 8  ASN A C    4  
ATOM 611  O O    . ASN A 1 8  ? -0.724  -3.204 3.000  1.00 0.75 ? 8  ASN A O    4  
ATOM 612  C CB   . ASN A 1 8  ? 1.440   -2.756 4.619  1.00 0.83 ? 8  ASN A CB   4  
ATOM 613  C CG   . ASN A 1 8  ? 0.430   -2.321 5.672  1.00 1.39 ? 8  ASN A CG   4  
ATOM 614  O OD1  . ASN A 1 8  ? 0.660   -1.370 6.422  1.00 1.97 ? 8  ASN A OD1  4  
ATOM 615  N ND2  . ASN A 1 8  ? -0.678  -3.036 5.761  1.00 2.07 ? 8  ASN A ND2  4  
ATOM 616  H H    . ASN A 1 8  ? 2.396   -0.164 3.421  1.00 1.30 ? 8  ASN A H    4  
ATOM 617  H HA   . ASN A 1 8  ? 2.176   -2.305 2.668  1.00 0.55 ? 8  ASN A HA   4  
ATOM 618  H HB2  . ASN A 1 8  ? 1.285   -3.806 4.430  1.00 1.04 ? 8  ASN A HB2  4  
ATOM 619  H HB3  . ASN A 1 8  ? 2.432   -2.618 5.021  1.00 1.28 ? 8  ASN A HB3  4  
ATOM 620  H HD21 . ASN A 1 8  ? -0.786  -3.796 5.151  1.00 2.32 ? 8  ASN A HD21 4  
ATOM 621  H HD22 . ASN A 1 8  ? -1.347  -2.776 6.429  1.00 2.62 ? 8  ASN A HD22 4  
ATOM 622  N N    . PRO A 1 9  ? -0.165  -1.835 1.310  1.00 0.33 ? 9  PRO A N    4  
ATOM 623  C CA   . PRO A 1 9  ? -1.326  -2.181 0.499  1.00 0.33 ? 9  PRO A CA   4  
ATOM 624  C C    . PRO A 1 9  ? -1.098  -3.490 -0.246 1.00 0.31 ? 9  PRO A C    4  
ATOM 625  O O    . PRO A 1 9  ? -1.713  -4.512 0.058  1.00 0.44 ? 9  PRO A O    4  
ATOM 626  C CB   . PRO A 1 9  ? -1.453  -1.005 -0.486 1.00 0.40 ? 9  PRO A CB   4  
ATOM 627  C CG   . PRO A 1 9  ? -0.351  -0.053 -0.136 1.00 0.53 ? 9  PRO A CG   4  
ATOM 628  C CD   . PRO A 1 9  ? 0.670   -0.849 0.629  1.00 0.75 ? 9  PRO A CD   4  
ATOM 629  H HA   . PRO A 1 9  ? -2.223  -2.258 1.098  1.00 0.49 ? 9  PRO A HA   4  
ATOM 630  H HB2  . PRO A 1 9  ? -1.348  -1.372 -1.496 1.00 0.43 ? 9  PRO A HB2  4  
ATOM 631  H HB3  . PRO A 1 9  ? -2.422  -0.543 -0.370 1.00 0.59 ? 9  PRO A HB3  4  
ATOM 632  H HG2  . PRO A 1 9  ? 0.088   0.347  -1.037 1.00 0.53 ? 9  PRO A HG2  4  
ATOM 633  H HG3  . PRO A 1 9  ? -0.738  0.746  0.479  1.00 0.68 ? 9  PRO A HG3  4  
ATOM 634  H HD2  . PRO A 1 9  ? 1.368   -1.324 -0.045 1.00 1.02 ? 9  PRO A HD2  4  
ATOM 635  H HD3  . PRO A 1 9  ? 1.188   -0.221 1.339  1.00 1.15 ? 9  PRO A HD3  4  
ATOM 636  N N    . ILE A 1 10 ? -0.192  -3.457 -1.216 1.00 0.34 ? 10 ILE A N    4  
ATOM 637  C CA   . ILE A 1 10 ? 0.223   -4.666 -1.917 1.00 0.50 ? 10 ILE A CA   4  
ATOM 638  C C    . ILE A 1 10 ? 1.748   -4.747 -1.875 1.00 0.58 ? 10 ILE A C    4  
ATOM 639  O O    . ILE A 1 10 ? 2.390   -5.430 -2.671 1.00 1.16 ? 10 ILE A O    4  
ATOM 640  C CB   . ILE A 1 10 ? -0.284  -4.694 -3.383 1.00 0.69 ? 10 ILE A CB   4  
ATOM 641  C CG1  . ILE A 1 10 ? -1.747  -4.240 -3.452 1.00 1.46 ? 10 ILE A CG1  4  
ATOM 642  C CG2  . ILE A 1 10 ? -0.150  -6.098 -3.968 1.00 1.47 ? 10 ILE A CG2  4  
ATOM 643  C CD1  . ILE A 1 10 ? -2.317  -4.208 -4.854 1.00 1.75 ? 10 ILE A CD1  4  
ATOM 644  H H    . ILE A 1 10 ? 0.210   -2.593 -1.470 1.00 0.35 ? 10 ILE A H    4  
ATOM 645  H HA   . ILE A 1 10 ? -0.191  -5.516 -1.390 1.00 0.57 ? 10 ILE A HA   4  
ATOM 646  H HB   . ILE A 1 10 ? 0.326   -4.025 -3.969 1.00 1.04 ? 10 ILE A HB   4  
ATOM 647  H HG12 . ILE A 1 10 ? -2.353  -4.918 -2.867 1.00 1.94 ? 10 ILE A HG12 4  
ATOM 648  H HG13 . ILE A 1 10 ? -1.827  -3.247 -3.037 1.00 2.04 ? 10 ILE A HG13 4  
ATOM 649  H HG21 . ILE A 1 10 ? -0.506  -6.097 -4.987 1.00 1.79 ? 10 ILE A HG21 4  
ATOM 650  H HG22 . ILE A 1 10 ? -0.739  -6.788 -3.380 1.00 2.09 ? 10 ILE A HG22 4  
ATOM 651  H HG23 . ILE A 1 10 ? 0.886   -6.400 -3.946 1.00 1.89 ? 10 ILE A HG23 4  
ATOM 652  H HD11 . ILE A 1 10 ? -2.239  -5.189 -5.297 1.00 2.11 ? 10 ILE A HD11 4  
ATOM 653  H HD12 . ILE A 1 10 ? -1.766  -3.497 -5.451 1.00 1.93 ? 10 ILE A HD12 4  
ATOM 654  H HD13 . ILE A 1 10 ? -3.355  -3.914 -4.812 1.00 2.22 ? 10 ILE A HD13 4  
ATOM 655  N N    . SER A 1 11 ? 2.315   -4.030 -0.915 1.00 0.54 ? 11 SER A N    4  
ATOM 656  C CA   . SER A 1 11 ? 3.752   -3.971 -0.734 1.00 0.74 ? 11 SER A CA   4  
ATOM 657  C C    . SER A 1 11 ? 4.066   -3.555 0.700  1.00 0.91 ? 11 SER A C    4  
ATOM 658  O O    . SER A 1 11 ? 3.670   -2.474 1.141  1.00 1.56 ? 11 SER A O    4  
ATOM 659  C CB   . SER A 1 11 ? 4.371   -2.983 -1.731 1.00 1.26 ? 11 SER A CB   4  
ATOM 660  O OG   . SER A 1 11 ? 5.784   -2.948 -1.620 1.00 2.26 ? 11 SER A OG   4  
ATOM 661  H H    . SER A 1 11 ? 1.742   -3.534 -0.297 1.00 0.86 ? 11 SER A H    4  
ATOM 662  H HA   . SER A 1 11 ? 4.154   -4.956 -0.911 1.00 0.80 ? 11 SER A HA   4  
ATOM 663  H HB2  . SER A 1 11 ? 4.112   -3.282 -2.735 1.00 1.45 ? 11 SER A HB2  4  
ATOM 664  H HB3  . SER A 1 11 ? 3.983   -1.994 -1.540 1.00 1.62 ? 11 SER A HB3  4  
ATOM 665  H HG   . SER A 1 11 ? 6.155   -3.770 -1.963 1.00 2.81 ? 11 SER A HG   4  
ATOM 666  N N    . ASN A 1 12 ? 4.751   -4.424 1.423  1.00 1.13 ? 12 ASN A N    4  
ATOM 667  C CA   . ASN A 1 12 ? 5.092   -4.169 2.814  1.00 1.54 ? 12 ASN A CA   4  
ATOM 668  C C    . ASN A 1 12 ? 6.475   -4.716 3.119  1.00 2.23 ? 12 ASN A C    4  
ATOM 669  O O    . ASN A 1 12 ? 6.837   -5.762 2.540  1.00 2.89 ? 12 ASN A O    4  
ATOM 670  C CB   . ASN A 1 12 ? 4.057   -4.789 3.762  1.00 1.64 ? 12 ASN A CB   4  
ATOM 671  C CG   . ASN A 1 12 ? 3.929   -6.295 3.611  1.00 2.54 ? 12 ASN A CG   4  
ATOM 672  O OD1  . ASN A 1 12 ? 3.144   -6.783 2.796  1.00 3.25 ? 12 ASN A OD1  4  
ATOM 673  N ND2  . ASN A 1 12 ? 4.679   -7.042 4.405  1.00 3.14 ? 12 ASN A ND2  4  
ATOM 674  O OXT  . ASN A 1 12 ? 7.190   -4.103 3.935  1.00 2.65 ? 12 ASN A OXT  4  
ATOM 675  H H    . ASN A 1 12 ? 5.052   -5.260 1.007  1.00 1.47 ? 12 ASN A H    4  
ATOM 676  H HA   . ASN A 1 12 ? 5.104   -3.099 2.960  1.00 1.73 ? 12 ASN A HA   4  
ATOM 677  H HB2  . ASN A 1 12 ? 4.345   -4.576 4.780  1.00 1.94 ? 12 ASN A HB2  4  
ATOM 678  H HB3  . ASN A 1 12 ? 3.093   -4.343 3.569  1.00 1.63 ? 12 ASN A HB3  4  
ATOM 679  H HD21 . ASN A 1 12 ? 5.270   -6.589 5.045  1.00 3.13 ? 12 ASN A HD21 4  
ATOM 680  H HD22 . ASN A 1 12 ? 4.617   -8.017 4.320  1.00 3.87 ? 12 ASN A HD22 4  
ATOM 681  N N    . HIS A 1 1  ? -4.865  3.246  2.653  1.00 3.20 ? 1  HIS A N    5  
ATOM 682  C CA   . HIS A 1 1  ? -6.213  3.581  2.143  1.00 2.79 ? 1  HIS A CA   5  
ATOM 683  C C    . HIS A 1 1  ? -6.535  2.773  0.887  1.00 2.15 ? 1  HIS A C    5  
ATOM 684  O O    . HIS A 1 1  ? -7.323  1.832  0.941  1.00 2.66 ? 1  HIS A O    5  
ATOM 685  C CB   . HIS A 1 1  ? -6.320  5.087  1.863  1.00 3.59 ? 1  HIS A CB   5  
ATOM 686  C CG   . HIS A 1 1  ? -7.685  5.543  1.428  1.00 4.44 ? 1  HIS A CG   5  
ATOM 687  N ND1  . HIS A 1 1  ? -8.682  5.890  2.315  1.00 5.02 ? 1  HIS A ND1  5  
ATOM 688  C CD2  . HIS A 1 1  ? -8.205  5.728  0.191  1.00 5.19 ? 1  HIS A CD2  5  
ATOM 689  C CE1  . HIS A 1 1  ? -9.754  6.266  1.643  1.00 5.90 ? 1  HIS A CE1  5  
ATOM 690  N NE2  . HIS A 1 1  ? -9.489  6.176  0.356  1.00 6.01 ? 1  HIS A NE2  5  
ATOM 691  H H1   . HIS A 1 1  ? -4.138  3.505  1.957  1.00 3.14 ? 1  HIS A H1   5  
ATOM 692  H H2   . HIS A 1 1  ? -4.797  2.225  2.840  1.00 3.66 ? 1  HIS A H2   5  
ATOM 693  H H3   . HIS A 1 1  ? -4.679  3.758  3.539  1.00 3.64 ? 1  HIS A H3   5  
ATOM 694  H HA   . HIS A 1 1  ? -6.930  3.317  2.906  1.00 2.96 ? 1  HIS A HA   5  
ATOM 695  H HB2  . HIS A 1 1  ? -6.068  5.626  2.761  1.00 4.02 ? 1  HIS A HB2  5  
ATOM 696  H HB3  . HIS A 1 1  ? -5.620  5.349  1.088  1.00 3.65 ? 1  HIS A HB3  5  
ATOM 697  H HD1  . HIS A 1 1  ? -8.618  5.858  3.298  1.00 5.04 ? 1  HIS A HD1  5  
ATOM 698  H HD2  . HIS A 1 1  ? -7.703  5.553  -0.749 1.00 5.39 ? 1  HIS A HD2  5  
ATOM 699  H HE1  . HIS A 1 1  ? -10.688 6.592  2.075  1.00 6.61 ? 1  HIS A HE1  5  
ATOM 700  H HE2  . HIS A 1 1  ? -10.138 6.321  -0.368 1.00 6.72 ? 1  HIS A HE2  5  
ATOM 701  N N    . GLU A 1 2  ? -5.929  3.130  -0.244 1.00 1.36 ? 2  GLU A N    5  
ATOM 702  C CA   . GLU A 1 2  ? -6.215  2.431  -1.492 1.00 0.94 ? 2  GLU A CA   5  
ATOM 703  C C    . GLU A 1 2  ? -5.062  1.506  -1.884 1.00 0.89 ? 2  GLU A C    5  
ATOM 704  O O    . GLU A 1 2  ? -5.006  0.364  -1.428 1.00 1.36 ? 2  GLU A O    5  
ATOM 705  C CB   . GLU A 1 2  ? -6.528  3.423  -2.620 1.00 0.96 ? 2  GLU A CB   5  
ATOM 706  C CG   . GLU A 1 2  ? -7.018  2.764  -3.900 1.00 0.86 ? 2  GLU A CG   5  
ATOM 707  C CD   . GLU A 1 2  ? -8.327  2.028  -3.714 1.00 1.36 ? 2  GLU A CD   5  
ATOM 708  O OE1  . GLU A 1 2  ? -9.380  2.690  -3.604 1.00 1.39 ? 2  GLU A OE1  5  
ATOM 709  O OE2  . GLU A 1 2  ? -8.312  0.781  -3.688 1.00 1.95 ? 2  GLU A OE2  5  
ATOM 710  H H    . GLU A 1 2  ? -5.284  3.871  -0.243 1.00 1.48 ? 2  GLU A H    5  
ATOM 711  H HA   . GLU A 1 2  ? -7.090  1.822  -1.321 1.00 1.37 ? 2  GLU A HA   5  
ATOM 712  H HB2  . GLU A 1 2  ? -7.292  4.105  -2.280 1.00 1.42 ? 2  GLU A HB2  5  
ATOM 713  H HB3  . GLU A 1 2  ? -5.635  3.984  -2.848 1.00 1.39 ? 2  GLU A HB3  5  
ATOM 714  H HG2  . GLU A 1 2  ? -7.153  3.525  -4.652 1.00 1.04 ? 2  GLU A HG2  5  
ATOM 715  H HG3  . GLU A 1 2  ? -6.269  2.059  -4.232 1.00 0.98 ? 2  GLU A HG3  5  
ATOM 716  N N    . VAL A 1 3  ? -4.135  1.995  -2.705 1.00 0.45 ? 3  VAL A N    5  
ATOM 717  C CA   . VAL A 1 3  ? -3.011  1.178  -3.143 1.00 0.55 ? 3  VAL A CA   5  
ATOM 718  C C    . VAL A 1 3  ? -1.807  2.036  -3.598 1.00 0.37 ? 3  VAL A C    5  
ATOM 719  O O    . VAL A 1 3  ? -1.289  1.886  -4.706 1.00 0.62 ? 3  VAL A O    5  
ATOM 720  C CB   . VAL A 1 3  ? -3.482  0.216  -4.264 1.00 0.90 ? 3  VAL A CB   5  
ATOM 721  C CG1  . VAL A 1 3  ? -3.843  0.959  -5.548 1.00 1.63 ? 3  VAL A CG1  5  
ATOM 722  C CG2  . VAL A 1 3  ? -2.453  -0.876 -4.525 1.00 1.79 ? 3  VAL A CG2  5  
ATOM 723  H H    . VAL A 1 3  ? -4.217  2.908  -3.041 1.00 0.32 ? 3  VAL A H    5  
ATOM 724  H HA   . VAL A 1 3  ? -2.702  0.576  -2.301 1.00 0.73 ? 3  VAL A HA   5  
ATOM 725  H HB   . VAL A 1 3  ? -4.384  -0.255 -3.909 1.00 1.01 ? 3  VAL A HB   5  
ATOM 726  H HG11 . VAL A 1 3  ? -4.625  1.673  -5.342 1.00 1.86 ? 3  VAL A HG11 5  
ATOM 727  H HG12 . VAL A 1 3  ? -4.186  0.250  -6.287 1.00 2.18 ? 3  VAL A HG12 5  
ATOM 728  H HG13 . VAL A 1 3  ? -2.971  1.475  -5.920 1.00 2.28 ? 3  VAL A HG13 5  
ATOM 729  H HG21 . VAL A 1 3  ? -1.512  -0.425 -4.805 1.00 2.37 ? 3  VAL A HG21 5  
ATOM 730  H HG22 . VAL A 1 3  ? -2.800  -1.511 -5.326 1.00 2.34 ? 3  VAL A HG22 5  
ATOM 731  H HG23 . VAL A 1 3  ? -2.319  -1.466 -3.631 1.00 2.05 ? 3  VAL A HG23 5  
ATOM 732  N N    . PRO A 1 4  ? -1.304  2.935  -2.727 1.00 0.21 ? 4  PRO A N    5  
ATOM 733  C CA   . PRO A 1 4  ? -0.188  3.824  -3.066 1.00 0.40 ? 4  PRO A CA   5  
ATOM 734  C C    . PRO A 1 4  ? 1.165   3.125  -2.964 1.00 0.36 ? 4  PRO A C    5  
ATOM 735  O O    . PRO A 1 4  ? 2.216   3.758  -3.089 1.00 0.45 ? 4  PRO A O    5  
ATOM 736  C CB   . PRO A 1 4  ? -0.284  4.949  -2.023 1.00 0.61 ? 4  PRO A CB   5  
ATOM 737  C CG   . PRO A 1 4  ? -1.485  4.642  -1.190 1.00 0.57 ? 4  PRO A CG   5  
ATOM 738  C CD   . PRO A 1 4  ? -1.763  3.178  -1.359 1.00 0.37 ? 4  PRO A CD   5  
ATOM 739  H HA   . PRO A 1 4  ? -0.300  4.238  -4.058 1.00 0.59 ? 4  PRO A HA   5  
ATOM 740  H HB2  . PRO A 1 4  ? 0.614   4.960  -1.426 1.00 0.76 ? 4  PRO A HB2  5  
ATOM 741  H HB3  . PRO A 1 4  ? -0.394  5.896  -2.527 1.00 0.79 ? 4  PRO A HB3  5  
ATOM 742  H HG2  . PRO A 1 4  ? -1.280  4.867  -0.152 1.00 0.79 ? 4  PRO A HG2  5  
ATOM 743  H HG3  . PRO A 1 4  ? -2.323  5.224  -1.541 1.00 0.65 ? 4  PRO A HG3  5  
ATOM 744  H HD2  . PRO A 1 4  ? -1.195  2.598  -0.647 1.00 0.53 ? 4  PRO A HD2  5  
ATOM 745  H HD3  . PRO A 1 4  ? -2.819  2.977  -1.263 1.00 0.45 ? 4  PRO A HD3  5  
ATOM 746  N N    . SER A 1 5  ? 1.120   1.814  -2.728 1.00 0.31 ? 5  SER A N    5  
ATOM 747  C CA   . SER A 1 5  ? 2.319   0.988  -2.579 1.00 0.35 ? 5  SER A CA   5  
ATOM 748  C C    . SER A 1 5  ? 3.173   1.468  -1.403 1.00 0.30 ? 5  SER A C    5  
ATOM 749  O O    . SER A 1 5  ? 4.383   1.250  -1.361 1.00 0.54 ? 5  SER A O    5  
ATOM 750  C CB   . SER A 1 5  ? 3.133   0.987  -3.881 1.00 0.49 ? 5  SER A CB   5  
ATOM 751  O OG   . SER A 1 5  ? 4.217   0.078  -3.813 1.00 1.41 ? 5  SER A OG   5  
ATOM 752  H H    . SER A 1 5  ? 0.244   1.384  -2.668 1.00 0.33 ? 5  SER A H    5  
ATOM 753  H HA   . SER A 1 5  ? 1.989   -0.019 -2.368 1.00 0.38 ? 5  SER A HA   5  
ATOM 754  H HB2  . SER A 1 5  ? 2.493   0.699  -4.702 1.00 0.85 ? 5  SER A HB2  5  
ATOM 755  H HB3  . SER A 1 5  ? 3.522   1.978  -4.060 1.00 1.26 ? 5  SER A HB3  5  
ATOM 756  H HG   . SER A 1 5  ? 4.792   0.325  -3.076 1.00 1.96 ? 5  SER A HG   5  
ATOM 757  N N    . GLY A 1 6  ? 2.521   2.101  -0.440 1.00 0.20 ? 6  GLY A N    5  
ATOM 758  C CA   . GLY A 1 6  ? 3.223   2.615  0.720  1.00 0.29 ? 6  GLY A CA   5  
ATOM 759  C C    . GLY A 1 6  ? 2.869   1.859  1.984  1.00 0.34 ? 6  GLY A C    5  
ATOM 760  O O    . GLY A 1 6  ? 3.527   0.875  2.319  1.00 0.45 ? 6  GLY A O    5  
ATOM 761  H H    . GLY A 1 6  ? 1.556   2.220  -0.520 1.00 0.34 ? 6  GLY A H    5  
ATOM 762  H HA2  . GLY A 1 6  ? 4.285   2.534  0.548  1.00 0.39 ? 6  GLY A HA2  5  
ATOM 763  H HA3  . GLY A 1 6  ? 2.965   3.655  0.850  1.00 0.35 ? 6  GLY A HA3  5  
ATOM 764  N N    . PRO A 1 7  ? 1.821   2.296  2.703  1.00 0.39 ? 7  PRO A N    5  
ATOM 765  C CA   . PRO A 1 7  ? 1.387   1.658  3.953  1.00 0.54 ? 7  PRO A CA   5  
ATOM 766  C C    . PRO A 1 7  ? 0.736   0.292  3.732  1.00 0.68 ? 7  PRO A C    5  
ATOM 767  O O    . PRO A 1 7  ? -0.491  0.163  3.767  1.00 1.75 ? 7  PRO A O    5  
ATOM 768  C CB   . PRO A 1 7  ? 0.368   2.644  4.522  1.00 0.62 ? 7  PRO A CB   5  
ATOM 769  C CG   . PRO A 1 7  ? -0.150  3.388  3.341  1.00 0.66 ? 7  PRO A CG   5  
ATOM 770  C CD   . PRO A 1 7  ? 0.987   3.464  2.362  1.00 0.46 ? 7  PRO A CD   5  
ATOM 771  H HA   . PRO A 1 7  ? 2.210   1.553  4.644  1.00 0.58 ? 7  PRO A HA   5  
ATOM 772  H HB2  . PRO A 1 7  ? -0.417  2.097  5.019  1.00 0.79 ? 7  PRO A HB2  5  
ATOM 773  H HB3  . PRO A 1 7  ? 0.853   3.307  5.223  1.00 0.76 ? 7  PRO A HB3  5  
ATOM 774  H HG2  . PRO A 1 7  ? -0.982  2.856  2.908  1.00 1.01 ? 7  PRO A HG2  5  
ATOM 775  H HG3  . PRO A 1 7  ? -0.453  4.379  3.638  1.00 0.91 ? 7  PRO A HG3  5  
ATOM 776  H HD2  . PRO A 1 7  ? 0.618   3.392  1.350  1.00 0.60 ? 7  PRO A HD2  5  
ATOM 777  H HD3  . PRO A 1 7  ? 1.539   4.382  2.498  1.00 0.58 ? 7  PRO A HD3  5  
ATOM 778  N N    . ASN A 1 8  ? 1.587   -0.710 3.495  1.00 0.49 ? 8  ASN A N    5  
ATOM 779  C CA   . ASN A 1 8  ? 1.186   -2.110 3.267  1.00 0.47 ? 8  ASN A CA   5  
ATOM 780  C C    . ASN A 1 8  ? -0.135  -2.266 2.498  1.00 0.35 ? 8  ASN A C    5  
ATOM 781  O O    . ASN A 1 8  ? -1.077  -2.879 2.992  1.00 0.75 ? 8  ASN A O    5  
ATOM 782  C CB   . ASN A 1 8  ? 1.136   -2.899 4.592  1.00 0.83 ? 8  ASN A CB   5  
ATOM 783  C CG   . ASN A 1 8  ? 0.289   -2.249 5.676  1.00 1.39 ? 8  ASN A CG   5  
ATOM 784  O OD1  . ASN A 1 8  ? -0.914  -2.488 5.769  1.00 1.97 ? 8  ASN A OD1  5  
ATOM 785  N ND2  . ASN A 1 8  ? 0.914   -1.437 6.515  1.00 2.07 ? 8  ASN A ND2  5  
ATOM 786  H H    . ASN A 1 8  ? 2.545   -0.495 3.468  1.00 1.30 ? 8  ASN A H    5  
ATOM 787  H HA   . ASN A 1 8  ? 1.961   -2.548 2.658  1.00 0.55 ? 8  ASN A HA   5  
ATOM 788  H HB2  . ASN A 1 8  ? 0.727   -3.877 4.395  1.00 1.04 ? 8  ASN A HB2  5  
ATOM 789  H HB3  . ASN A 1 8  ? 2.143   -3.012 4.967  1.00 1.28 ? 8  ASN A HB3  5  
ATOM 790  H HD21 . ASN A 1 8  ? 1.878   -1.300 6.395  1.00 2.32 ? 8  ASN A HD21 5  
ATOM 791  H HD22 . ASN A 1 8  ? 0.390   -1.009 7.225  1.00 2.62 ? 8  ASN A HD22 5  
ATOM 792  N N    . PRO A 1 9  ? -0.229  -1.718 1.271  1.00 0.33 ? 9  PRO A N    5  
ATOM 793  C CA   . PRO A 1 9  ? -1.391  -1.909 0.412  1.00 0.33 ? 9  PRO A CA   5  
ATOM 794  C C    . PRO A 1 9  ? -1.235  -3.156 -0.452 1.00 0.31 ? 9  PRO A C    5  
ATOM 795  O O    . PRO A 1 9  ? -1.984  -4.124 -0.324 1.00 0.44 ? 9  PRO A O    5  
ATOM 796  C CB   . PRO A 1 9  ? -1.397  -0.644 -0.464 1.00 0.40 ? 9  PRO A CB   5  
ATOM 797  C CG   . PRO A 1 9  ? -0.140  0.108  -0.121 1.00 0.53 ? 9  PRO A CG   5  
ATOM 798  C CD   . PRO A 1 9  ? 0.748   -0.847 0.625  1.00 0.75 ? 9  PRO A CD   5  
ATOM 799  H HA   . PRO A 1 9  ? -2.306  -1.969 0.981  1.00 0.49 ? 9  PRO A HA   5  
ATOM 800  H HB2  . PRO A 1 9  ? -1.407  -0.930 -1.506 1.00 0.43 ? 9  PRO A HB2  5  
ATOM 801  H HB3  . PRO A 1 9  ? -2.276  -0.057 -0.242 1.00 0.59 ? 9  PRO A HB3  5  
ATOM 802  H HG2  . PRO A 1 9  ? 0.346   0.438  -1.026 1.00 0.53 ? 9  PRO A HG2  5  
ATOM 803  H HG3  . PRO A 1 9  ? -0.382  0.955  0.503  1.00 0.68 ? 9  PRO A HG3  5  
ATOM 804  H HD2  . PRO A 1 9  ? 1.374   -1.402 -0.059 1.00 1.02 ? 9  PRO A HD2  5  
ATOM 805  H HD3  . PRO A 1 9  ? 1.346   -0.324 1.357  1.00 1.15 ? 9  PRO A HD3  5  
ATOM 806  N N    . ILE A 1 10 ? -0.247  -3.115 -1.332 1.00 0.34 ? 10 ILE A N    5  
ATOM 807  C CA   . ILE A 1 10 ? 0.132   -4.269 -2.119 1.00 0.50 ? 10 ILE A CA   5  
ATOM 808  C C    . ILE A 1 10 ? 1.595   -4.584 -1.810 1.00 0.58 ? 10 ILE A C    5  
ATOM 809  O O    . ILE A 1 10 ? 2.243   -5.404 -2.458 1.00 1.16 ? 10 ILE A O    5  
ATOM 810  C CB   . ILE A 1 10 ? -0.073  -3.996 -3.629 1.00 0.69 ? 10 ILE A CB   5  
ATOM 811  C CG1  . ILE A 1 10 ? 0.046   -5.291 -4.437 1.00 1.46 ? 10 ILE A CG1  5  
ATOM 812  C CG2  . ILE A 1 10 ? 0.920   -2.952 -4.127 1.00 1.47 ? 10 ILE A CG2  5  
ATOM 813  C CD1  . ILE A 1 10 ? -0.226  -5.112 -5.916 1.00 1.75 ? 10 ILE A CD1  5  
ATOM 814  H H    . ILE A 1 10 ? 0.244   -2.277 -1.460 1.00 0.35 ? 10 ILE A H    5  
ATOM 815  H HA   . ILE A 1 10 ? -0.486  -5.105 -1.822 1.00 0.57 ? 10 ILE A HA   5  
ATOM 816  H HB   . ILE A 1 10 ? -1.066  -3.593 -3.759 1.00 1.04 ? 10 ILE A HB   5  
ATOM 817  H HG12 . ILE A 1 10 ? 1.047   -5.680 -4.329 1.00 1.94 ? 10 ILE A HG12 5  
ATOM 818  H HG13 . ILE A 1 10 ? -0.659  -6.014 -4.054 1.00 2.04 ? 10 ILE A HG13 5  
ATOM 819  H HG21 . ILE A 1 10 ? 1.927   -3.300 -3.948 1.00 1.79 ? 10 ILE A HG21 5  
ATOM 820  H HG22 . ILE A 1 10 ? 0.762   -2.022 -3.601 1.00 2.09 ? 10 ILE A HG22 5  
ATOM 821  H HG23 . ILE A 1 10 ? 0.777   -2.796 -5.187 1.00 1.89 ? 10 ILE A HG23 5  
ATOM 822  H HD11 . ILE A 1 10 ? -1.226  -4.726 -6.054 1.00 2.11 ? 10 ILE A HD11 5  
ATOM 823  H HD12 . ILE A 1 10 ? -0.136  -6.066 -6.415 1.00 1.93 ? 10 ILE A HD12 5  
ATOM 824  H HD13 . ILE A 1 10 ? 0.488   -4.419 -6.332 1.00 2.22 ? 10 ILE A HD13 5  
ATOM 825  N N    . SER A 1 11 ? 2.087   -3.921 -0.773 1.00 0.54 ? 11 SER A N    5  
ATOM 826  C CA   . SER A 1 11 ? 3.488   -3.981 -0.403 1.00 0.74 ? 11 SER A CA   5  
ATOM 827  C C    . SER A 1 11 ? 3.629   -4.415 1.051  1.00 0.91 ? 11 SER A C    5  
ATOM 828  O O    . SER A 1 11 ? 3.798   -3.585 1.943  1.00 1.56 ? 11 SER A O    5  
ATOM 829  C CB   . SER A 1 11 ? 4.122   -2.604 -0.597 1.00 1.26 ? 11 SER A CB   5  
ATOM 830  O OG   . SER A 1 11 ? 3.690   -2.015 -1.815 1.00 2.26 ? 11 SER A OG   5  
ATOM 831  H H    . SER A 1 11 ? 1.481   -3.384 -0.227 1.00 0.86 ? 11 SER A H    5  
ATOM 832  H HA   . SER A 1 11 ? 3.981   -4.698 -1.042 1.00 0.80 ? 11 SER A HA   5  
ATOM 833  H HB2  . SER A 1 11 ? 3.835   -1.959 0.220  1.00 1.45 ? 11 SER A HB2  5  
ATOM 834  H HB3  . SER A 1 11 ? 5.197   -2.702 -0.620 1.00 1.62 ? 11 SER A HB3  5  
ATOM 835  H HG   . SER A 1 11 ? 4.436   -1.963 -2.426 1.00 2.81 ? 11 SER A HG   5  
ATOM 836  N N    . ASN A 1 12 ? 3.529   -5.711 1.286  1.00 1.13 ? 12 ASN A N    5  
ATOM 837  C CA   . ASN A 1 12 ? 3.653   -6.257 2.627  1.00 1.54 ? 12 ASN A CA   5  
ATOM 838  C C    . ASN A 1 12 ? 4.055   -7.723 2.571  1.00 2.23 ? 12 ASN A C    5  
ATOM 839  O O    . ASN A 1 12 ? 5.268   -7.995 2.488  1.00 2.89 ? 12 ASN A O    5  
ATOM 840  C CB   . ASN A 1 12 ? 2.356   -6.056 3.440  1.00 1.64 ? 12 ASN A CB   5  
ATOM 841  C CG   . ASN A 1 12 ? 1.067   -6.306 2.660  1.00 2.54 ? 12 ASN A CG   5  
ATOM 842  O OD1  . ASN A 1 12 ? 0.070   -5.615 2.867  1.00 3.25 ? 12 ASN A OD1  5  
ATOM 843  N ND2  . ASN A 1 12 ? 1.054   -7.308 1.796  1.00 3.14 ? 12 ASN A ND2  5  
ATOM 844  O OXT  . ASN A 1 12 ? 3.169   -8.595 2.584  1.00 2.65 ? 12 ASN A OXT  5  
ATOM 845  H H    . ASN A 1 12 ? 3.379   -6.325 0.532  1.00 1.47 ? 12 ASN A H    5  
ATOM 846  H HA   . ASN A 1 12 ? 4.448   -5.714 3.117  1.00 1.73 ? 12 ASN A HA   5  
ATOM 847  H HB2  . ASN A 1 12 ? 2.368   -6.731 4.281  1.00 1.94 ? 12 ASN A HB2  5  
ATOM 848  H HB3  . ASN A 1 12 ? 2.334   -5.039 3.812  1.00 1.63 ? 12 ASN A HB3  5  
ATOM 849  H HD21 . ASN A 1 12 ? 1.874   -7.848 1.701  1.00 3.13 ? 12 ASN A HD21 5  
ATOM 850  H HD22 . ASN A 1 12 ? 0.232   -7.476 1.287  1.00 3.87 ? 12 ASN A HD22 5  
ATOM 851  N N    . HIS A 1 1  ? -4.895  6.770  2.059  1.00 3.20 ? 1  HIS A N    6  
ATOM 852  C CA   . HIS A 1 1  ? -5.021  5.337  2.400  1.00 2.79 ? 1  HIS A CA   6  
ATOM 853  C C    . HIS A 1 1  ? -5.819  4.620  1.317  1.00 2.15 ? 1  HIS A C    6  
ATOM 854  O O    . HIS A 1 1  ? -6.969  4.231  1.531  1.00 2.66 ? 1  HIS A O    6  
ATOM 855  C CB   . HIS A 1 1  ? -5.710  5.180  3.764  1.00 3.59 ? 1  HIS A CB   6  
ATOM 856  C CG   . HIS A 1 1  ? -5.672  3.791  4.332  1.00 4.44 ? 1  HIS A CG   6  
ATOM 857  N ND1  . HIS A 1 1  ? -6.701  2.887  4.185  1.00 5.02 ? 1  HIS A ND1  6  
ATOM 858  C CD2  . HIS A 1 1  ? -4.728  3.165  5.074  1.00 5.19 ? 1  HIS A CD2  6  
ATOM 859  C CE1  . HIS A 1 1  ? -6.393  1.766  4.811  1.00 5.90 ? 1  HIS A CE1  6  
ATOM 860  N NE2  . HIS A 1 1  ? -5.202  1.908  5.359  1.00 6.01 ? 1  HIS A NE2  6  
ATOM 861  H H1   . HIS A 1 1  ? -4.323  7.260  2.774  1.00 3.14 ? 1  HIS A H1   6  
ATOM 862  H H2   . HIS A 1 1  ? -5.836  7.212  2.024  1.00 3.66 ? 1  HIS A H2   6  
ATOM 863  H H3   . HIS A 1 1  ? -4.440  6.880  1.133  1.00 3.64 ? 1  HIS A H3   6  
ATOM 864  H HA   . HIS A 1 1  ? -4.030  4.907  2.448  1.00 2.96 ? 1  HIS A HA   6  
ATOM 865  H HB2  . HIS A 1 1  ? -5.234  5.837  4.475  1.00 4.02 ? 1  HIS A HB2  6  
ATOM 866  H HB3  . HIS A 1 1  ? -6.746  5.466  3.664  1.00 3.65 ? 1  HIS A HB3  6  
ATOM 867  H HD1  . HIS A 1 1  ? -7.541  3.044  3.697  1.00 5.04 ? 1  HIS A HD1  6  
ATOM 868  H HD2  . HIS A 1 1  ? -3.782  3.578  5.387  1.00 5.39 ? 1  HIS A HD2  6  
ATOM 869  H HE1  . HIS A 1 1  ? -7.011  0.883  4.866  1.00 6.61 ? 1  HIS A HE1  6  
ATOM 870  H HE2  . HIS A 1 1  ? -4.827  1.307  6.043  1.00 6.72 ? 1  HIS A HE2  6  
ATOM 871  N N    . GLU A 1 2  ? -5.220  4.474  0.144  1.00 1.36 ? 2  GLU A N    6  
ATOM 872  C CA   . GLU A 1 2  ? -5.871  3.781  -0.955 1.00 0.94 ? 2  GLU A CA   6  
ATOM 873  C C    . GLU A 1 2  ? -5.029  2.590  -1.408 1.00 0.89 ? 2  GLU A C    6  
ATOM 874  O O    . GLU A 1 2  ? -5.046  1.542  -0.763 1.00 1.36 ? 2  GLU A O    6  
ATOM 875  C CB   . GLU A 1 2  ? -6.137  4.741  -2.124 1.00 0.96 ? 2  GLU A CB   6  
ATOM 876  C CG   . GLU A 1 2  ? -6.923  4.125  -3.274 1.00 0.86 ? 2  GLU A CG   6  
ATOM 877  C CD   . GLU A 1 2  ? -8.301  3.663  -2.853 1.00 1.36 ? 2  GLU A CD   6  
ATOM 878  O OE1  . GLU A 1 2  ? -9.222  4.498  -2.796 1.00 1.39 ? 2  GLU A OE1  6  
ATOM 879  O OE2  . GLU A 1 2  ? -8.473  2.456  -2.586 1.00 1.95 ? 2  GLU A OE2  6  
ATOM 880  H H    . GLU A 1 2  ? -4.318  4.842  0.013  1.00 1.48 ? 2  GLU A H    6  
ATOM 881  H HA   . GLU A 1 2  ? -6.817  3.411  -0.590 1.00 1.37 ? 2  GLU A HA   6  
ATOM 882  H HB2  . GLU A 1 2  ? -6.692  5.590  -1.753 1.00 1.42 ? 2  GLU A HB2  6  
ATOM 883  H HB3  . GLU A 1 2  ? -5.190  5.088  -2.508 1.00 1.39 ? 2  GLU A HB3  6  
ATOM 884  H HG2  . GLU A 1 2  ? -7.028  4.861  -4.056 1.00 1.04 ? 2  GLU A HG2  6  
ATOM 885  H HG3  . GLU A 1 2  ? -6.372  3.274  -3.654 1.00 0.98 ? 2  GLU A HG3  6  
ATOM 886  N N    . VAL A 1 3  ? -4.266  2.762  -2.487 1.00 0.45 ? 3  VAL A N    6  
ATOM 887  C CA   . VAL A 1 3  ? -3.423  1.692  -3.016 1.00 0.55 ? 3  VAL A CA   6  
ATOM 888  C C    . VAL A 1 3  ? -2.143  2.279  -3.627 1.00 0.37 ? 3  VAL A C    6  
ATOM 889  O O    . VAL A 1 3  ? -1.885  2.131  -4.820 1.00 0.62 ? 3  VAL A O    6  
ATOM 890  C CB   . VAL A 1 3  ? -4.160  0.849  -4.096 1.00 0.90 ? 3  VAL A CB   6  
ATOM 891  C CG1  . VAL A 1 3  ? -3.337  -0.371 -4.489 1.00 1.63 ? 3  VAL A CG1  6  
ATOM 892  C CG2  . VAL A 1 3  ? -5.539  0.410  -3.628 1.00 1.79 ? 3  VAL A CG2  6  
ATOM 893  H H    . VAL A 1 3  ? -4.261  3.635  -2.939 1.00 0.32 ? 3  VAL A H    6  
ATOM 894  H HA   . VAL A 1 3  ? -3.153  1.039  -2.196 1.00 0.73 ? 3  VAL A HA   6  
ATOM 895  H HB   . VAL A 1 3  ? -4.287  1.469  -4.973 1.00 1.01 ? 3  VAL A HB   6  
ATOM 896  H HG11 . VAL A 1 3  ? -3.871  -0.939 -5.236 1.00 1.86 ? 3  VAL A HG11 6  
ATOM 897  H HG12 . VAL A 1 3  ? -3.172  -0.987 -3.618 1.00 2.18 ? 3  VAL A HG12 6  
ATOM 898  H HG13 . VAL A 1 3  ? -2.388  -0.050 -4.891 1.00 2.28 ? 3  VAL A HG13 6  
ATOM 899  H HG21 . VAL A 1 3  ? -6.154  1.280  -3.449 1.00 2.37 ? 3  VAL A HG21 6  
ATOM 900  H HG22 . VAL A 1 3  ? -5.444  -0.157 -2.716 1.00 2.34 ? 3  VAL A HG22 6  
ATOM 901  H HG23 . VAL A 1 3  ? -5.999  -0.204 -4.387 1.00 2.05 ? 3  VAL A HG23 6  
ATOM 902  N N    . PRO A 1 4  ? -1.322  2.980  -2.825 1.00 0.21 ? 4  PRO A N    6  
ATOM 903  C CA   . PRO A 1 4  ? -0.087  3.590  -3.299 1.00 0.40 ? 4  PRO A CA   6  
ATOM 904  C C    . PRO A 1 4  ? 1.114   2.658  -3.145 1.00 0.36 ? 4  PRO A C    6  
ATOM 905  O O    . PRO A 1 4  ? 2.243   3.026  -3.461 1.00 0.45 ? 4  PRO A O    6  
ATOM 906  C CB   . PRO A 1 4  ? 0.068   4.815  -2.383 1.00 0.61 ? 4  PRO A CB   6  
ATOM 907  C CG   . PRO A 1 4  ? -0.982  4.680  -1.315 1.00 0.57 ? 4  PRO A CG   6  
ATOM 908  C CD   . PRO A 1 4  ? -1.527  3.284  -1.412 1.00 0.37 ? 4  PRO A CD   6  
ATOM 909  H HA   . PRO A 1 4  ? -0.168  3.910  -4.325 1.00 0.59 ? 4  PRO A HA   6  
ATOM 910  H HB2  . PRO A 1 4  ? 1.059   4.822  -1.955 1.00 0.76 ? 4  PRO A HB2  6  
ATOM 911  H HB3  . PRO A 1 4  ? -0.083  5.715  -2.959 1.00 0.79 ? 4  PRO A HB3  6  
ATOM 912  H HG2  . PRO A 1 4  ? -0.540  4.842  -0.343 1.00 0.79 ? 4  PRO A HG2  6  
ATOM 913  H HG3  . PRO A 1 4  ? -1.768  5.397  -1.495 1.00 0.65 ? 4  PRO A HG3  6  
ATOM 914  H HD2  . PRO A 1 4  ? -0.966  2.611  -0.782 1.00 0.53 ? 4  PRO A HD2  6  
ATOM 915  H HD3  . PRO A 1 4  ? -2.576  3.263  -1.157 1.00 0.45 ? 4  PRO A HD3  6  
ATOM 916  N N    . SER A 1 5  ? 0.848   1.447  -2.647 1.00 0.31 ? 5  SER A N    6  
ATOM 917  C CA   . SER A 1 5  ? 1.895   0.462  -2.362 1.00 0.35 ? 5  SER A CA   6  
ATOM 918  C C    . SER A 1 5  ? 2.887   0.999  -1.330 1.00 0.30 ? 5  SER A C    6  
ATOM 919  O O    . SER A 1 5  ? 4.007   0.510  -1.215 1.00 0.54 ? 5  SER A O    6  
ATOM 920  C CB   . SER A 1 5  ? 2.622   0.067  -3.651 1.00 0.49 ? 5  SER A CB   6  
ATOM 921  O OG   . SER A 1 5  ? 1.713   -0.451 -4.607 1.00 1.41 ? 5  SER A OG   6  
ATOM 922  H H    . SER A 1 5  ? -0.085  1.206  -2.480 1.00 0.33 ? 5  SER A H    6  
ATOM 923  H HA   . SER A 1 5  ? 1.416   -0.418 -1.951 1.00 0.38 ? 5  SER A HA   6  
ATOM 924  H HB2  . SER A 1 5  ? 3.110   0.936  -4.069 1.00 0.85 ? 5  SER A HB2  6  
ATOM 925  H HB3  . SER A 1 5  ? 3.360   -0.687 -3.427 1.00 1.26 ? 5  SER A HB3  6  
ATOM 926  H HG   . SER A 1 5  ? 1.357   0.275  -5.137 1.00 1.96 ? 5  SER A HG   6  
ATOM 927  N N    . GLY A 1 6  ? 2.454   1.999  -0.576 1.00 0.20 ? 6  GLY A N    6  
ATOM 928  C CA   . GLY A 1 6  ? 3.302   2.588  0.437  1.00 0.29 ? 6  GLY A CA   6  
ATOM 929  C C    . GLY A 1 6  ? 3.292   1.792  1.723  1.00 0.34 ? 6  GLY A C    6  
ATOM 930  O O    . GLY A 1 6  ? 4.208   1.012  1.977  1.00 0.45 ? 6  GLY A O    6  
ATOM 931  H H    . GLY A 1 6  ? 1.553   2.349  -0.717 1.00 0.34 ? 6  GLY A H    6  
ATOM 932  H HA2  . GLY A 1 6  ? 4.315   2.635  0.064  1.00 0.39 ? 6  GLY A HA2  6  
ATOM 933  H HA3  . GLY A 1 6  ? 2.958   3.590  0.643  1.00 0.35 ? 6  GLY A HA3  6  
ATOM 934  N N    . PRO A 1 7  ? 2.265   1.978  2.567  1.00 0.39 ? 7  PRO A N    6  
ATOM 935  C CA   . PRO A 1 7  ? 2.150   1.254  3.833  1.00 0.54 ? 7  PRO A CA   6  
ATOM 936  C C    . PRO A 1 7  ? 1.876   -0.243 3.651  1.00 0.68 ? 7  PRO A C    6  
ATOM 937  O O    . PRO A 1 7  ? 2.797   -1.058 3.687  1.00 1.75 ? 7  PRO A O    6  
ATOM 938  C CB   . PRO A 1 7  ? 0.983   1.944  4.547  1.00 0.62 ? 7  PRO A CB   6  
ATOM 939  C CG   . PRO A 1 7  ? 0.190   2.597  3.466  1.00 0.66 ? 7  PRO A CG   6  
ATOM 940  C CD   . PRO A 1 7  ? 1.164   2.940  2.372  1.00 0.46 ? 7  PRO A CD   6  
ATOM 941  H HA   . PRO A 1 7  ? 3.048   1.372  4.425  1.00 0.58 ? 7  PRO A HA   6  
ATOM 942  H HB2  . PRO A 1 7  ? 0.397   1.208  5.076  1.00 0.79 ? 7  PRO A HB2  6  
ATOM 943  H HB3  . PRO A 1 7  ? 1.367   2.673  5.247  1.00 0.76 ? 7  PRO A HB3  6  
ATOM 944  H HG2  . PRO A 1 7  ? -0.559  1.914  3.098  1.00 1.01 ? 7  PRO A HG2  6  
ATOM 945  H HG3  . PRO A 1 7  ? -0.276  3.495  3.845  1.00 0.91 ? 7  PRO A HG3  6  
ATOM 946  H HD2  . PRO A 1 7  ? 0.703   2.810  1.404  1.00 0.60 ? 7  PRO A HD2  6  
ATOM 947  H HD3  . PRO A 1 7  ? 1.517   3.953  2.489  1.00 0.58 ? 7  PRO A HD3  6  
ATOM 948  N N    . ASN A 1 8  ? 0.614   -0.601 3.441  1.00 0.49 ? 8  ASN A N    6  
ATOM 949  C CA   . ASN A 1 8  ? 0.220   -2.009 3.386  1.00 0.47 ? 8  ASN A CA   6  
ATOM 950  C C    . ASN A 1 8  ? -0.238  -2.504 2.000  1.00 0.35 ? 8  ASN A C    6  
ATOM 951  O O    . ASN A 1 8  ? 0.306   -3.508 1.543  1.00 0.75 ? 8  ASN A O    6  
ATOM 952  C CB   . ASN A 1 8  ? -0.847  -2.302 4.450  1.00 0.83 ? 8  ASN A CB   6  
ATOM 953  C CG   . ASN A 1 8  ? -1.687  -3.533 4.151  1.00 1.39 ? 8  ASN A CG   6  
ATOM 954  O OD1  . ASN A 1 8  ? -2.728  -3.443 3.497  1.00 1.97 ? 8  ASN A OD1  6  
ATOM 955  N ND2  . ASN A 1 8  ? -1.255  -4.684 4.638  1.00 2.07 ? 8  ASN A ND2  6  
ATOM 956  H H    . ASN A 1 8  ? -0.068  0.092  3.355  1.00 1.30 ? 8  ASN A H    6  
ATOM 957  H HA   . ASN A 1 8  ? 1.100   -2.575 3.648  1.00 0.55 ? 8  ASN A HA   6  
ATOM 958  H HB2  . ASN A 1 8  ? -0.350  -2.465 5.396  1.00 1.04 ? 8  ASN A HB2  6  
ATOM 959  H HB3  . ASN A 1 8  ? -1.504  -1.450 4.538  1.00 1.28 ? 8  ASN A HB3  6  
ATOM 960  H HD21 . ASN A 1 8  ? -0.424  -4.687 5.159  1.00 2.32 ? 8  ASN A HD21 6  
ATOM 961  H HD22 . ASN A 1 8  ? -1.783  -5.491 4.455  1.00 2.62 ? 8  ASN A HD22 6  
ATOM 962  N N    . PRO A 1 9  ? -1.198  -1.817 1.301  1.00 0.33 ? 9  PRO A N    6  
ATOM 963  C CA   . PRO A 1 9  ? -1.883  -2.325 0.095  1.00 0.33 ? 9  PRO A CA   6  
ATOM 964  C C    . PRO A 1 9  ? -1.075  -3.341 -0.713 1.00 0.31 ? 9  PRO A C    6  
ATOM 965  O O    . PRO A 1 9  ? -1.417  -4.520 -0.760 1.00 0.44 ? 9  PRO A O    6  
ATOM 966  C CB   . PRO A 1 9  ? -2.129  -1.052 -0.726 1.00 0.40 ? 9  PRO A CB   6  
ATOM 967  C CG   . PRO A 1 9  ? -1.904  0.101  0.208  1.00 0.53 ? 9  PRO A CG   6  
ATOM 968  C CD   . PRO A 1 9  ? -1.697  -0.474 1.587  1.00 0.75 ? 9  PRO A CD   6  
ATOM 969  H HA   . PRO A 1 9  ? -2.834  -2.766 0.351  1.00 0.49 ? 9  PRO A HA   6  
ATOM 970  H HB2  . PRO A 1 9  ? -1.441  -1.022 -1.557 1.00 0.43 ? 9  PRO A HB2  6  
ATOM 971  H HB3  . PRO A 1 9  ? -3.143  -1.057 -1.100 1.00 0.59 ? 9  PRO A HB3  6  
ATOM 972  H HG2  . PRO A 1 9  ? -1.024  0.648  -0.097 1.00 0.53 ? 9  PRO A HG2  6  
ATOM 973  H HG3  . PRO A 1 9  ? -2.766  0.752  0.201  1.00 0.68 ? 9  PRO A HG3  6  
ATOM 974  H HD2  . PRO A 1 9  ? -0.969  0.105  2.126  1.00 1.02 ? 9  PRO A HD2  6  
ATOM 975  H HD3  . PRO A 1 9  ? -2.631  -0.512 2.126  1.00 1.15 ? 9  PRO A HD3  6  
ATOM 976  N N    . ILE A 1 10 ? -0.007  -2.880 -1.345 1.00 0.34 ? 10 ILE A N    6  
ATOM 977  C CA   . ILE A 1 10 ? 0.914   -3.775 -2.025 1.00 0.50 ? 10 ILE A CA   6  
ATOM 978  C C    . ILE A 1 10 ? 2.323   -3.509 -1.505 1.00 0.58 ? 10 ILE A C    6  
ATOM 979  O O    . ILE A 1 10 ? 3.226   -3.139 -2.250 1.00 1.16 ? 10 ILE A O    6  
ATOM 980  C CB   . ILE A 1 10 ? 0.877   -3.600 -3.563 1.00 0.69 ? 10 ILE A CB   6  
ATOM 981  C CG1  . ILE A 1 10 ? -0.571  -3.536 -4.065 1.00 1.46 ? 10 ILE A CG1  6  
ATOM 982  C CG2  . ILE A 1 10 ? 1.616   -4.749 -4.241 1.00 1.47 ? 10 ILE A CG2  6  
ATOM 983  C CD1  . ILE A 1 10 ? -0.688  -3.284 -5.553 1.00 1.75 ? 10 ILE A CD1  6  
ATOM 984  H H    . ILE A 1 10 ? 0.168   -1.921 -1.350 1.00 0.35 ? 10 ILE A H    6  
ATOM 985  H HA   . ILE A 1 10 ? 0.635   -4.791 -1.784 1.00 0.57 ? 10 ILE A HA   6  
ATOM 986  H HB   . ILE A 1 10 ? 1.382   -2.679 -3.812 1.00 1.04 ? 10 ILE A HB   6  
ATOM 987  H HG12 . ILE A 1 10 ? -1.062  -4.473 -3.849 1.00 1.94 ? 10 ILE A HG12 6  
ATOM 988  H HG13 . ILE A 1 10 ? -1.087  -2.738 -3.550 1.00 2.04 ? 10 ILE A HG13 6  
ATOM 989  H HG21 . ILE A 1 10 ? 2.645   -4.759 -3.912 1.00 1.79 ? 10 ILE A HG21 6  
ATOM 990  H HG22 . ILE A 1 10 ? 1.582   -4.616 -5.312 1.00 2.09 ? 10 ILE A HG22 6  
ATOM 991  H HG23 . ILE A 1 10 ? 1.146   -5.686 -3.980 1.00 1.89 ? 10 ILE A HG23 6  
ATOM 992  H HD11 . ILE A 1 10 ? -0.201  -4.082 -6.093 1.00 2.11 ? 10 ILE A HD11 6  
ATOM 993  H HD12 . ILE A 1 10 ? -0.215  -2.344 -5.797 1.00 1.93 ? 10 ILE A HD12 6  
ATOM 994  H HD13 . ILE A 1 10 ? -1.730  -3.247 -5.830 1.00 2.22 ? 10 ILE A HD13 6  
ATOM 995  N N    . SER A 1 11 ? 2.479   -3.652 -0.199 1.00 0.54 ? 11 SER A N    6  
ATOM 996  C CA   . SER A 1 11 ? 3.746   -3.378 0.456  1.00 0.74 ? 11 SER A CA   6  
ATOM 997  C C    . SER A 1 11 ? 3.909   -4.219 1.723  1.00 0.91 ? 11 SER A C    6  
ATOM 998  O O    . SER A 1 11 ? 4.995   -4.727 2.006  1.00 1.56 ? 11 SER A O    6  
ATOM 999  C CB   . SER A 1 11 ? 3.830   -1.889 0.792  1.00 1.26 ? 11 SER A CB   6  
ATOM 1000 O OG   . SER A 1 11 ? 5.087   -1.542 1.345  1.00 2.26 ? 11 SER A OG   6  
ATOM 1001 H H    . SER A 1 11 ? 1.713   -3.945 0.340  1.00 0.86 ? 11 SER A H    6  
ATOM 1002 H HA   . SER A 1 11 ? 4.539   -3.627 -0.233 1.00 0.80 ? 11 SER A HA   6  
ATOM 1003 H HB2  . SER A 1 11 ? 3.680   -1.312 -0.108 1.00 1.45 ? 11 SER A HB2  6  
ATOM 1004 H HB3  . SER A 1 11 ? 3.058   -1.642 1.506  1.00 1.62 ? 11 SER A HB3  6  
ATOM 1005 H HG   . SER A 1 11 ? 5.037   -0.642 1.698  1.00 2.81 ? 11 SER A HG   6  
ATOM 1006 N N    . ASN A 1 12 ? 2.836   -4.367 2.489  1.00 1.13 ? 12 ASN A N    6  
ATOM 1007 C CA   . ASN A 1 12 ? 2.892   -5.140 3.723  1.00 1.54 ? 12 ASN A CA   6  
ATOM 1008 C C    . ASN A 1 12 ? 2.106   -6.429 3.562  1.00 2.23 ? 12 ASN A C    6  
ATOM 1009 O O    . ASN A 1 12 ? 0.874   -6.402 3.739  1.00 2.89 ? 12 ASN A O    6  
ATOM 1010 C CB   . ASN A 1 12 ? 2.353   -4.328 4.909  1.00 1.64 ? 12 ASN A CB   6  
ATOM 1011 C CG   . ASN A 1 12 ? 2.505   -5.066 6.227  1.00 2.54 ? 12 ASN A CG   6  
ATOM 1012 O OD1  . ASN A 1 12 ? 1.616   -5.805 6.650  1.00 3.25 ? 12 ASN A OD1  6  
ATOM 1013 N ND2  . ASN A 1 12 ? 3.630   -4.858 6.895  1.00 3.14 ? 12 ASN A ND2  6  
ATOM 1014 O OXT  . ASN A 1 12 ? 2.721   -7.465 3.233  1.00 2.65 ? 12 ASN A OXT  6  
ATOM 1015 H H    . ASN A 1 12 ? 1.985   -3.963 2.215  1.00 1.47 ? 12 ASN A H    6  
ATOM 1016 H HA   . ASN A 1 12 ? 3.929   -5.385 3.907  1.00 1.73 ? 12 ASN A HA   6  
ATOM 1017 H HB2  . ASN A 1 12 ? 2.895   -3.397 4.976  1.00 1.94 ? 12 ASN A HB2  6  
ATOM 1018 H HB3  . ASN A 1 12 ? 1.301   -4.118 4.755  1.00 1.63 ? 12 ASN A HB3  6  
ATOM 1019 H HD21 . ASN A 1 12 ? 4.292   -4.242 6.509  1.00 3.13 ? 12 ASN A HD21 6  
ATOM 1020 H HD22 . ASN A 1 12 ? 3.762   -5.333 7.743  1.00 3.87 ? 12 ASN A HD22 6  
ATOM 1021 N N    . HIS A 1 1  ? -2.857  5.083  2.495  1.00 3.20 ? 1  HIS A N    7  
ATOM 1022 C CA   . HIS A 1 1  ? -4.325  5.144  2.663  1.00 2.79 ? 1  HIS A CA   7  
ATOM 1023 C C    . HIS A 1 1  ? -5.005  4.062  1.839  1.00 2.15 ? 1  HIS A C    7  
ATOM 1024 O O    . HIS A 1 1  ? -5.497  3.078  2.388  1.00 2.66 ? 1  HIS A O    7  
ATOM 1025 C CB   . HIS A 1 1  ? -4.867  6.519  2.256  1.00 3.59 ? 1  HIS A CB   7  
ATOM 1026 C CG   . HIS A 1 1  ? -4.502  7.621  3.200  1.00 4.44 ? 1  HIS A CG   7  
ATOM 1027 N ND1  . HIS A 1 1  ? -3.739  8.706  2.831  1.00 5.02 ? 1  HIS A ND1  7  
ATOM 1028 C CD2  . HIS A 1 1  ? -4.820  7.816  4.502  1.00 5.19 ? 1  HIS A CD2  7  
ATOM 1029 C CE1  . HIS A 1 1  ? -3.602  9.518  3.859  1.00 5.90 ? 1  HIS A CE1  7  
ATOM 1030 N NE2  . HIS A 1 1  ? -4.250  9.003  4.886  1.00 6.01 ? 1  HIS A NE2  7  
ATOM 1031 H H1   . HIS A 1 1  ? -2.595  5.314  1.517  1.00 3.14 ? 1  HIS A H1   7  
ATOM 1032 H H2   . HIS A 1 1  ? -2.516  4.125  2.715  1.00 3.66 ? 1  HIS A H2   7  
ATOM 1033 H H3   . HIS A 1 1  ? -2.392  5.757  3.137  1.00 3.64 ? 1  HIS A H3   7  
ATOM 1034 H HA   . HIS A 1 1  ? -4.551  4.973  3.703  1.00 2.96 ? 1  HIS A HA   7  
ATOM 1035 H HB2  . HIS A 1 1  ? -4.476  6.776  1.285  1.00 4.02 ? 1  HIS A HB2  7  
ATOM 1036 H HB3  . HIS A 1 1  ? -5.945  6.470  2.203  1.00 3.65 ? 1  HIS A HB3  7  
ATOM 1037 H HD1  . HIS A 1 1  ? -3.364  8.865  1.935  1.00 5.04 ? 1  HIS A HD1  7  
ATOM 1038 H HD2  . HIS A 1 1  ? -5.412  7.158  5.121  1.00 5.39 ? 1  HIS A HD2  7  
ATOM 1039 H HE1  . HIS A 1 1  ? -3.053  10.446 3.860  1.00 6.61 ? 1  HIS A HE1  7  
ATOM 1040 H HE2  . HIS A 1 1  ? -4.437  9.477  5.726  1.00 6.72 ? 1  HIS A HE2  7  
ATOM 1041 N N    . GLU A 1 2  ? -5.021  4.232  0.525  1.00 1.36 ? 2  GLU A N    7  
ATOM 1042 C CA   . GLU A 1 2  ? -5.673  3.272  -0.349 1.00 0.94 ? 2  GLU A CA   7  
ATOM 1043 C C    . GLU A 1 2  ? -4.657  2.278  -0.922 1.00 0.89 ? 2  GLU A C    7  
ATOM 1044 O O    . GLU A 1 2  ? -4.281  1.313  -0.254 1.00 1.36 ? 2  GLU A O    7  
ATOM 1045 C CB   . GLU A 1 2  ? -6.427  4.007  -1.465 1.00 0.96 ? 2  GLU A CB   7  
ATOM 1046 C CG   . GLU A 1 2  ? -7.201  3.101  -2.406 1.00 0.86 ? 2  GLU A CG   7  
ATOM 1047 C CD   . GLU A 1 2  ? -8.326  2.358  -1.716 1.00 1.36 ? 2  GLU A CD   7  
ATOM 1048 O OE1  . GLU A 1 2  ? -8.047  1.382  -0.990 1.00 1.95 ? 2  GLU A OE1  7  
ATOM 1049 O OE2  . GLU A 1 2  ? -9.498  2.742  -1.899 1.00 1.39 ? 2  GLU A OE2  7  
ATOM 1050 H H    . GLU A 1 2  ? -4.592  5.023  0.132  1.00 1.48 ? 2  GLU A H    7  
ATOM 1051 H HA   . GLU A 1 2  ? -6.386  2.723  0.248  1.00 1.37 ? 2  GLU A HA   7  
ATOM 1052 H HB2  . GLU A 1 2  ? -7.129  4.692  -1.012 1.00 1.42 ? 2  GLU A HB2  7  
ATOM 1053 H HB3  . GLU A 1 2  ? -5.718  4.573  -2.047 1.00 1.39 ? 2  GLU A HB3  7  
ATOM 1054 H HG2  . GLU A 1 2  ? -7.615  3.705  -3.195 1.00 1.04 ? 2  GLU A HG2  7  
ATOM 1055 H HG3  . GLU A 1 2  ? -6.518  2.380  -2.830 1.00 0.98 ? 2  GLU A HG3  7  
ATOM 1056 N N    . VAL A 1 3  ? -4.177  2.541  -2.134 1.00 0.45 ? 3  VAL A N    7  
ATOM 1057 C CA   . VAL A 1 3  ? -3.225  1.653  -2.797 1.00 0.55 ? 3  VAL A CA   7  
ATOM 1058 C C    . VAL A 1 3  ? -2.140  2.478  -3.499 1.00 0.37 ? 3  VAL A C    7  
ATOM 1059 O O    . VAL A 1 3  ? -2.054  2.516  -4.725 1.00 0.62 ? 3  VAL A O    7  
ATOM 1060 C CB   . VAL A 1 3  ? -3.925  0.714  -3.819 1.00 0.90 ? 3  VAL A CB   7  
ATOM 1061 C CG1  . VAL A 1 3  ? -2.933  -0.256 -4.448 1.00 1.63 ? 3  VAL A CG1  7  
ATOM 1062 C CG2  . VAL A 1 3  ? -5.056  -0.062 -3.163 1.00 1.79 ? 3  VAL A CG2  7  
ATOM 1063 H H    . VAL A 1 3  ? -4.456  3.365  -2.592 1.00 0.32 ? 3  VAL A H    7  
ATOM 1064 H HA   . VAL A 1 3  ? -2.758  1.043  -2.039 1.00 0.73 ? 3  VAL A HA   7  
ATOM 1065 H HB   . VAL A 1 3  ? -4.347  1.323  -4.606 1.00 1.01 ? 3  VAL A HB   7  
ATOM 1066 H HG11 . VAL A 1 3  ? -2.177  0.300  -4.983 1.00 1.86 ? 3  VAL A HG11 7  
ATOM 1067 H HG12 . VAL A 1 3  ? -3.453  -0.908 -5.134 1.00 2.18 ? 3  VAL A HG12 7  
ATOM 1068 H HG13 . VAL A 1 3  ? -2.466  -0.846 -3.674 1.00 2.28 ? 3  VAL A HG13 7  
ATOM 1069 H HG21 . VAL A 1 3  ? -5.522  -0.705 -3.893 1.00 2.37 ? 3  VAL A HG21 7  
ATOM 1070 H HG22 . VAL A 1 3  ? -5.788  0.627  -2.772 1.00 2.34 ? 3  VAL A HG22 7  
ATOM 1071 H HG23 . VAL A 1 3  ? -4.661  -0.661 -2.357 1.00 2.05 ? 3  VAL A HG23 7  
ATOM 1072 N N    . PRO A 1 4  ? -1.310  3.184  -2.717 1.00 0.21 ? 4  PRO A N    7  
ATOM 1073 C CA   . PRO A 1 4  ? -0.256  4.044  -3.226 1.00 0.40 ? 4  PRO A CA   7  
ATOM 1074 C C    . PRO A 1 4  ? 1.115   3.369  -3.201 1.00 0.36 ? 4  PRO A C    7  
ATOM 1075 O O    . PRO A 1 4  ? 2.150   4.033  -3.289 1.00 0.45 ? 4  PRO A O    7  
ATOM 1076 C CB   . PRO A 1 4  ? -0.296  5.218  -2.228 1.00 0.61 ? 4  PRO A CB   7  
ATOM 1077 C CG   . PRO A 1 4  ? -1.147  4.749  -1.077 1.00 0.57 ? 4  PRO A CG   7  
ATOM 1078 C CD   . PRO A 1 4  ? -1.350  3.276  -1.268 1.00 0.37 ? 4  PRO A CD   7  
ATOM 1079 H HA   . PRO A 1 4  ? -0.471  4.400  -4.220 1.00 0.59 ? 4  PRO A HA   7  
ATOM 1080 H HB2  . PRO A 1 4  ? 0.708   5.450  -1.905 1.00 0.76 ? 4  PRO A HB2  7  
ATOM 1081 H HB3  . PRO A 1 4  ? -0.732  6.082  -2.705 1.00 0.79 ? 4  PRO A HB3  7  
ATOM 1082 H HG2  . PRO A 1 4  ? -0.645  4.940  -0.142 1.00 0.79 ? 4  PRO A HG2  7  
ATOM 1083 H HG3  . PRO A 1 4  ? -2.101  5.257  -1.105 1.00 0.65 ? 4  PRO A HG3  7  
ATOM 1084 H HD2  . PRO A 1 4  ? -0.546  2.714  -0.815 1.00 0.53 ? 4  PRO A HD2  7  
ATOM 1085 H HD3  . PRO A 1 4  ? -2.308  2.964  -0.883 1.00 0.45 ? 4  PRO A HD3  7  
ATOM 1086 N N    . SER A 1 5  ? 1.099   2.040  -3.077 1.00 0.31 ? 5  SER A N    7  
ATOM 1087 C CA   . SER A 1 5  ? 2.316   1.241  -2.969 1.00 0.35 ? 5  SER A CA   7  
ATOM 1088 C C    . SER A 1 5  ? 3.169   1.734  -1.804 1.00 0.30 ? 5  SER A C    7  
ATOM 1089 O O    . SER A 1 5  ? 4.369   1.960  -1.941 1.00 0.54 ? 5  SER A O    7  
ATOM 1090 C CB   . SER A 1 5  ? 3.104   1.288  -4.287 1.00 0.49 ? 5  SER A CB   7  
ATOM 1091 O OG   . SER A 1 5  ? 4.167   0.347  -4.299 1.00 1.41 ? 5  SER A OG   7  
ATOM 1092 H H    . SER A 1 5  ? 0.234   1.581  -3.080 1.00 0.33 ? 5  SER A H    7  
ATOM 1093 H HA   . SER A 1 5  ? 2.022   0.224  -2.767 1.00 0.38 ? 5  SER A HA   7  
ATOM 1094 H HB2  . SER A 1 5  ? 2.440   1.066  -5.107 1.00 0.85 ? 5  SER A HB2  7  
ATOM 1095 H HB3  . SER A 1 5  ? 3.517   2.278  -4.421 1.00 1.26 ? 5  SER A HB3  7  
ATOM 1096 H HG   . SER A 1 5  ? 4.841   0.621  -3.661 1.00 1.96 ? 5  SER A HG   7  
ATOM 1097 N N    . GLY A 1 6  ? 2.534   1.888  -0.653 1.00 0.20 ? 6  GLY A N    7  
ATOM 1098 C CA   . GLY A 1 6  ? 3.216   2.453  0.492  1.00 0.29 ? 6  GLY A CA   7  
ATOM 1099 C C    . GLY A 1 6  ? 3.016   1.653  1.766  1.00 0.34 ? 6  GLY A C    7  
ATOM 1100 O O    . GLY A 1 6  ? 3.718   0.667  1.985  1.00 0.45 ? 6  GLY A O    7  
ATOM 1101 H H    . GLY A 1 6  ? 1.603   1.606  -0.581 1.00 0.34 ? 6  GLY A H    7  
ATOM 1102 H HA2  . GLY A 1 6  ? 4.273   2.495  0.276  1.00 0.39 ? 6  GLY A HA2  7  
ATOM 1103 H HA3  . GLY A 1 6  ? 2.855   3.456  0.649  1.00 0.35 ? 6  GLY A HA3  7  
ATOM 1104 N N    . PRO A 1 7  ? 2.050   2.053  2.618  1.00 0.39 ? 7  PRO A N    7  
ATOM 1105 C CA   . PRO A 1 7  ? 1.843   1.447  3.940  1.00 0.54 ? 7  PRO A CA   7  
ATOM 1106 C C    . PRO A 1 7  ? 1.691   -0.072 3.890  1.00 0.68 ? 7  PRO A C    7  
ATOM 1107 O O    . PRO A 1 7  ? 2.606   -0.805 4.267  1.00 1.75 ? 7  PRO A O    7  
ATOM 1108 C CB   . PRO A 1 7  ? 0.557   2.103  4.447  1.00 0.62 ? 7  PRO A CB   7  
ATOM 1109 C CG   . PRO A 1 7  ? 0.468   3.390  3.706  1.00 0.66 ? 7  PRO A CG   7  
ATOM 1110 C CD   . PRO A 1 7  ? 1.086   3.140  2.358  1.00 0.46 ? 7  PRO A CD   7  
ATOM 1111 H HA   . PRO A 1 7  ? 2.657   1.694  4.608  1.00 0.58 ? 7  PRO A HA   7  
ATOM 1112 H HB2  . PRO A 1 7  ? -0.287  1.463  4.231  1.00 0.79 ? 7  PRO A HB2  7  
ATOM 1113 H HB3  . PRO A 1 7  ? 0.627   2.267  5.513  1.00 0.76 ? 7  PRO A HB3  7  
ATOM 1114 H HG2  . PRO A 1 7  ? -0.567  3.680  3.595  1.00 1.01 ? 7  PRO A HG2  7  
ATOM 1115 H HG3  . PRO A 1 7  ? 1.017   4.156  4.233  1.00 0.91 ? 7  PRO A HG3  7  
ATOM 1116 H HD2  . PRO A 1 7  ? 0.334   2.827  1.650  1.00 0.60 ? 7  PRO A HD2  7  
ATOM 1117 H HD3  . PRO A 1 7  ? 1.591   4.027  2.007  1.00 0.58 ? 7  PRO A HD3  7  
ATOM 1118 N N    . ASN A 1 8  ? 0.543   -0.547 3.423  1.00 0.49 ? 8  ASN A N    7  
ATOM 1119 C CA   . ASN A 1 8  ? 0.315   -1.980 3.297  1.00 0.47 ? 8  ASN A CA   7  
ATOM 1120 C C    . ASN A 1 8  ? -0.784  -2.322 2.282  1.00 0.35 ? 8  ASN A C    7  
ATOM 1121 O O    . ASN A 1 8  ? -1.736  -3.028 2.609  1.00 0.75 ? 8  ASN A O    7  
ATOM 1122 C CB   . ASN A 1 8  ? -0.027  -2.589 4.666  1.00 0.83 ? 8  ASN A CB   7  
ATOM 1123 C CG   . ASN A 1 8  ? -1.271  -1.991 5.315  1.00 1.39 ? 8  ASN A CG   7  
ATOM 1124 O OD1  . ASN A 1 8  ? -1.615  -0.828 5.097  1.00 1.97 ? 8  ASN A OD1  7  
ATOM 1125 N ND2  . ASN A 1 8  ? -1.947  -2.784 6.132  1.00 2.07 ? 8  ASN A ND2  7  
ATOM 1126 H H    . ASN A 1 8  ? -0.169  0.074  3.180  1.00 1.30 ? 8  ASN A H    7  
ATOM 1127 H HA   . ASN A 1 8  ? 1.238   -2.420 2.954  1.00 0.55 ? 8  ASN A HA   7  
ATOM 1128 H HB2  . ASN A 1 8  ? -0.191  -3.648 4.546  1.00 1.04 ? 8  ASN A HB2  7  
ATOM 1129 H HB3  . ASN A 1 8  ? 0.812   -2.438 5.325  1.00 1.28 ? 8  ASN A HB3  7  
ATOM 1130 H HD21 . ASN A 1 8  ? -1.615  -3.698 6.274  1.00 2.32 ? 8  ASN A HD21 7  
ATOM 1131 H HD22 . ASN A 1 8  ? -2.755  -2.428 6.560  1.00 2.62 ? 8  ASN A HD22 7  
ATOM 1132 N N    . PRO A 1 9  ? -0.679  -1.839 1.030  1.00 0.33 ? 9  PRO A N    7  
ATOM 1133 C CA   . PRO A 1 9  ? -1.579  -2.261 -0.037 1.00 0.33 ? 9  PRO A CA   7  
ATOM 1134 C C    . PRO A 1 9  ? -1.119  -3.589 -0.623 1.00 0.31 ? 9  PRO A C    7  
ATOM 1135 O O    . PRO A 1 9  ? -1.797  -4.611 -0.504 1.00 0.44 ? 9  PRO A O    7  
ATOM 1136 C CB   . PRO A 1 9  ? -1.470  -1.142 -1.084 1.00 0.40 ? 9  PRO A CB   7  
ATOM 1137 C CG   . PRO A 1 9  ? -0.492  -0.147 -0.534 1.00 0.53 ? 9  PRO A CG   7  
ATOM 1138 C CD   . PRO A 1 9  ? 0.284   -0.851 0.543  1.00 0.75 ? 9  PRO A CD   7  
ATOM 1139 H HA   . PRO A 1 9  ? -2.597  -2.351 0.311  1.00 0.49 ? 9  PRO A HA   7  
ATOM 1140 H HB2  . PRO A 1 9  ? -1.119  -1.559 -2.017 1.00 0.43 ? 9  PRO A HB2  7  
ATOM 1141 H HB3  . PRO A 1 9  ? -2.441  -0.695 -1.231 1.00 0.59 ? 9  PRO A HB3  7  
ATOM 1142 H HG2  . PRO A 1 9  ? 0.174   0.183  -1.317 1.00 0.53 ? 9  PRO A HG2  7  
ATOM 1143 H HG3  . PRO A 1 9  ? -1.025  0.695  -0.118 1.00 0.68 ? 9  PRO A HG3  7  
ATOM 1144 H HD2  . PRO A 1 9  ? 1.160   -1.331 0.130  1.00 1.02 ? 9  PRO A HD2  7  
ATOM 1145 H HD3  . PRO A 1 9  ? 0.560   -0.160 1.326  1.00 1.15 ? 9  PRO A HD3  7  
ATOM 1146 N N    . ILE A 1 10 ? 0.046   -3.559 -1.250 1.00 0.34 ? 10 ILE A N    7  
ATOM 1147 C CA   . ILE A 1 10 ? 0.703   -4.763 -1.722 1.00 0.50 ? 10 ILE A CA   7  
ATOM 1148 C C    . ILE A 1 10 ? 2.082   -4.873 -1.072 1.00 0.58 ? 10 ILE A C    7  
ATOM 1149 O O    . ILE A 1 10 ? 2.756   -5.895 -1.155 1.00 1.16 ? 10 ILE A O    7  
ATOM 1150 C CB   . ILE A 1 10 ? 0.834   -4.751 -3.264 1.00 0.69 ? 10 ILE A CB   7  
ATOM 1151 C CG1  . ILE A 1 10 ? 1.347   -6.100 -3.778 1.00 1.46 ? 10 ILE A CG1  7  
ATOM 1152 C CG2  . ILE A 1 10 ? 1.750   -3.618 -3.714 1.00 1.47 ? 10 ILE A CG2  7  
ATOM 1153 C CD1  . ILE A 1 10 ? 1.471   -6.173 -5.284 1.00 1.75 ? 10 ILE A CD1  7  
ATOM 1154 H H    . ILE A 1 10 ? 0.468   -2.694 -1.422 1.00 0.35 ? 10 ILE A H    7  
ATOM 1155 H HA   . ILE A 1 10 ? 0.102   -5.614 -1.429 1.00 0.57 ? 10 ILE A HA   7  
ATOM 1156 H HB   . ILE A 1 10 ? -0.145  -4.567 -3.675 1.00 1.04 ? 10 ILE A HB   7  
ATOM 1157 H HG12 . ILE A 1 10 ? 2.322   -6.291 -3.358 1.00 1.94 ? 10 ILE A HG12 7  
ATOM 1158 H HG13 . ILE A 1 10 ? 0.667   -6.879 -3.463 1.00 2.04 ? 10 ILE A HG13 7  
ATOM 1159 H HG21 . ILE A 1 10 ? 2.729   -3.752 -3.278 1.00 1.79 ? 10 ILE A HG21 7  
ATOM 1160 H HG22 . ILE A 1 10 ? 1.338   -2.673 -3.394 1.00 2.09 ? 10 ILE A HG22 7  
ATOM 1161 H HG23 . ILE A 1 10 ? 1.832   -3.629 -4.791 1.00 1.89 ? 10 ILE A HG23 7  
ATOM 1162 H HD11 . ILE A 1 10 ? 1.838   -7.149 -5.569 1.00 2.11 ? 10 ILE A HD11 7  
ATOM 1163 H HD12 . ILE A 1 10 ? 2.162   -5.416 -5.625 1.00 1.93 ? 10 ILE A HD12 7  
ATOM 1164 H HD13 . ILE A 1 10 ? 0.504   -6.006 -5.733 1.00 2.22 ? 10 ILE A HD13 7  
ATOM 1165 N N    . SER A 1 11 ? 2.477   -3.803 -0.395 1.00 0.54 ? 11 SER A N    7  
ATOM 1166 C CA   . SER A 1 11 ? 3.785   -3.724 0.232  1.00 0.74 ? 11 SER A CA   7  
ATOM 1167 C C    . SER A 1 11 ? 3.692   -4.020 1.729  1.00 0.91 ? 11 SER A C    7  
ATOM 1168 O O    . SER A 1 11 ? 3.924   -3.145 2.567  1.00 1.56 ? 11 SER A O    7  
ATOM 1169 C CB   . SER A 1 11 ? 4.373   -2.332 -0.013 1.00 1.26 ? 11 SER A CB   7  
ATOM 1170 O OG   . SER A 1 11 ? 3.387   -1.326 0.177  1.00 2.26 ? 11 SER A OG   7  
ATOM 1171 H H    . SER A 1 11 ? 1.869   -3.045 -0.308 1.00 0.86 ? 11 SER A H    7  
ATOM 1172 H HA   . SER A 1 11 ? 4.420   -4.462 -0.231 1.00 0.80 ? 11 SER A HA   7  
ATOM 1173 H HB2  . SER A 1 11 ? 5.185   -2.160 0.679  1.00 1.45 ? 11 SER A HB2  7  
ATOM 1174 H HB3  . SER A 1 11 ? 4.742   -2.271 -1.024 1.00 1.62 ? 11 SER A HB3  7  
ATOM 1175 H HG   . SER A 1 11 ? 3.662   -0.743 0.903  1.00 2.81 ? 11 SER A HG   7  
ATOM 1176 N N    . ASN A 1 12 ? 3.343   -5.256 2.053  1.00 1.13 ? 12 ASN A N    7  
ATOM 1177 C CA   . ASN A 1 12 ? 3.234   -5.691 3.440  1.00 1.54 ? 12 ASN A CA   7  
ATOM 1178 C C    . ASN A 1 12 ? 3.477   -7.188 3.535  1.00 2.23 ? 12 ASN A C    7  
ATOM 1179 O O    . ASN A 1 12 ? 4.508   -7.587 4.114  1.00 2.89 ? 12 ASN A O    7  
ATOM 1180 C CB   . ASN A 1 12 ? 1.863   -5.336 4.025  1.00 1.64 ? 12 ASN A CB   7  
ATOM 1181 C CG   . ASN A 1 12 ? 1.665   -5.886 5.427  1.00 2.54 ? 12 ASN A CG   7  
ATOM 1182 O OD1  . ASN A 1 12 ? 1.141   -6.983 5.613  1.00 3.25 ? 12 ASN A OD1  7  
ATOM 1183 N ND2  . ASN A 1 12 ? 2.090   -5.129 6.426  1.00 3.14 ? 12 ASN A ND2  7  
ATOM 1184 O OXT  . ASN A 1 12 ? 2.657   -7.961 2.999  1.00 2.65 ? 12 ASN A OXT  7  
ATOM 1185 H H    . ASN A 1 12 ? 3.162   -5.906 1.338  1.00 1.47 ? 12 ASN A H    7  
ATOM 1186 H HA   . ASN A 1 12 ? 3.998   -5.180 4.005  1.00 1.73 ? 12 ASN A HA   7  
ATOM 1187 H HB2  . ASN A 1 12 ? 1.761   -4.259 4.068  1.00 1.94 ? 12 ASN A HB2  7  
ATOM 1188 H HB3  . ASN A 1 12 ? 1.091   -5.741 3.387  1.00 1.63 ? 12 ASN A HB3  7  
ATOM 1189 H HD21 . ASN A 1 12 ? 2.505   -4.266 6.210  1.00 3.13 ? 12 ASN A HD21 7  
ATOM 1190 H HD22 . ASN A 1 12 ? 1.969   -5.459 7.342  1.00 3.87 ? 12 ASN A HD22 7  
ATOM 1191 N N    . HIS A 1 1  ? -2.507  7.308  1.253  1.00 3.20 ? 1  HIS A N    8  
ATOM 1192 C CA   . HIS A 1 1  ? -3.618  7.022  0.315  1.00 2.79 ? 1  HIS A CA   8  
ATOM 1193 C C    . HIS A 1 1  ? -3.914  5.527  0.298  1.00 2.15 ? 1  HIS A C    8  
ATOM 1194 O O    . HIS A 1 1  ? -3.160  4.749  0.884  1.00 2.66 ? 1  HIS A O    8  
ATOM 1195 C CB   . HIS A 1 1  ? -3.295  7.530  -1.097 1.00 3.59 ? 1  HIS A CB   8  
ATOM 1196 C CG   . HIS A 1 1  ? -3.270  9.025  -1.214 1.00 4.44 ? 1  HIS A CG   8  
ATOM 1197 N ND1  . HIS A 1 1  ? -4.363  9.771  -1.603 1.00 5.02 ? 1  HIS A ND1  8  
ATOM 1198 C CD2  . HIS A 1 1  ? -2.274  9.913  -0.992 1.00 5.19 ? 1  HIS A CD2  8  
ATOM 1199 C CE1  . HIS A 1 1  ? -4.036  11.050 -1.614 1.00 5.90 ? 1  HIS A CE1  8  
ATOM 1200 N NE2  . HIS A 1 1  ? -2.776  11.162 -1.246 1.00 6.01 ? 1  HIS A NE2  8  
ATOM 1201 H H1   . HIS A 1 1  ? -1.651  6.794  0.963  1.00 3.14 ? 1  HIS A H1   8  
ATOM 1202 H H2   . HIS A 1 1  ? -2.766  7.002  2.214  1.00 3.66 ? 1  HIS A H2   8  
ATOM 1203 H H3   . HIS A 1 1  ? -2.300  8.324  1.274  1.00 3.64 ? 1  HIS A H3   8  
ATOM 1204 H HA   . HIS A 1 1  ? -4.497  7.536  0.679  1.00 2.96 ? 1  HIS A HA   8  
ATOM 1205 H HB2  . HIS A 1 1  ? -2.325  7.165  -1.390 1.00 4.02 ? 1  HIS A HB2  8  
ATOM 1206 H HB3  . HIS A 1 1  ? -4.037  7.155  -1.785 1.00 3.65 ? 1  HIS A HB3  8  
ATOM 1207 H HD1  . HIS A 1 1  ? -5.253  9.415  -1.835 1.00 5.04 ? 1  HIS A HD1  8  
ATOM 1208 H HD2  . HIS A 1 1  ? -1.269  9.680  -0.675 1.00 5.39 ? 1  HIS A HD2  8  
ATOM 1209 H HE1  . HIS A 1 1  ? -4.693  11.867 -1.872 1.00 6.61 ? 1  HIS A HE1  8  
ATOM 1210 H HE2  . HIS A 1 1  ? -2.242  11.990 -1.299 1.00 6.72 ? 1  HIS A HE2  8  
ATOM 1211 N N    . GLU A 1 2  ? -4.991  5.116  -0.361 1.00 1.36 ? 2  GLU A N    8  
ATOM 1212 C CA   . GLU A 1 2  ? -5.468  3.740  -0.241 1.00 0.94 ? 2  GLU A CA   8  
ATOM 1213 C C    . GLU A 1 2  ? -4.519  2.710  -0.868 1.00 0.89 ? 2  GLU A C    8  
ATOM 1214 O O    . GLU A 1 2  ? -4.169  1.719  -0.222 1.00 1.36 ? 2  GLU A O    8  
ATOM 1215 C CB   . GLU A 1 2  ? -6.877  3.594  -0.827 1.00 0.96 ? 2  GLU A CB   8  
ATOM 1216 C CG   . GLU A 1 2  ? -7.007  4.038  -2.273 1.00 0.86 ? 2  GLU A CG   8  
ATOM 1217 C CD   . GLU A 1 2  ? -8.343  3.656  -2.872 1.00 1.36 ? 2  GLU A CD   8  
ATOM 1218 O OE1  . GLU A 1 2  ? -9.301  4.446  -2.744 1.00 1.39 ? 2  GLU A OE1  8  
ATOM 1219 O OE2  . GLU A 1 2  ? -8.443  2.577  -3.490 1.00 1.95 ? 2  GLU A OE2  8  
ATOM 1220 H H    . GLU A 1 2  ? -5.482  5.750  -0.932 1.00 1.48 ? 2  GLU A H    8  
ATOM 1221 H HA   . GLU A 1 2  ? -5.526  3.527  0.816  1.00 1.37 ? 2  GLU A HA   8  
ATOM 1222 H HB2  . GLU A 1 2  ? -7.170  2.556  -0.768 1.00 1.42 ? 2  GLU A HB2  8  
ATOM 1223 H HB3  . GLU A 1 2  ? -7.561  4.182  -0.233 1.00 1.39 ? 2  GLU A HB3  8  
ATOM 1224 H HG2  . GLU A 1 2  ? -6.900  5.110  -2.322 1.00 1.04 ? 2  GLU A HG2  8  
ATOM 1225 H HG3  . GLU A 1 2  ? -6.224  3.570  -2.850 1.00 0.98 ? 2  GLU A HG3  8  
ATOM 1226 N N    . VAL A 1 3  ? -4.071  2.949  -2.096 1.00 0.45 ? 3  VAL A N    8  
ATOM 1227 C CA   . VAL A 1 3  ? -3.327  1.932  -2.833 1.00 0.55 ? 3  VAL A CA   8  
ATOM 1228 C C    . VAL A 1 3  ? -2.131  2.526  -3.609 1.00 0.37 ? 3  VAL A C    8  
ATOM 1229 O O    . VAL A 1 3  ? -2.019  2.401  -4.829 1.00 0.62 ? 3  VAL A O    8  
ATOM 1230 C CB   . VAL A 1 3  ? -4.288  1.160  -3.775 1.00 0.90 ? 3  VAL A CB   8  
ATOM 1231 C CG1  . VAL A 1 3  ? -4.862  2.057  -4.867 1.00 1.63 ? 3  VAL A CG1  8  
ATOM 1232 C CG2  . VAL A 1 3  ? -3.613  -0.066 -4.368 1.00 1.79 ? 3  VAL A CG2  8  
ATOM 1233 H H    . VAL A 1 3  ? -4.224  3.825  -2.508 1.00 0.32 ? 3  VAL A H    8  
ATOM 1234 H HA   . VAL A 1 3  ? -2.942  1.229  -2.108 1.00 0.73 ? 3  VAL A HA   8  
ATOM 1235 H HB   . VAL A 1 3  ? -5.116  0.821  -3.172 1.00 1.01 ? 3  VAL A HB   8  
ATOM 1236 H HG11 . VAL A 1 3  ? -4.060  2.417  -5.494 1.00 1.86 ? 3  VAL A HG11 8  
ATOM 1237 H HG12 . VAL A 1 3  ? -5.369  2.894  -4.415 1.00 2.18 ? 3  VAL A HG12 8  
ATOM 1238 H HG13 . VAL A 1 3  ? -5.560  1.492  -5.465 1.00 2.28 ? 3  VAL A HG13 8  
ATOM 1239 H HG21 . VAL A 1 3  ? -4.304  -0.579 -5.019 1.00 2.37 ? 3  VAL A HG21 8  
ATOM 1240 H HG22 . VAL A 1 3  ? -3.307  -0.730 -3.572 1.00 2.34 ? 3  VAL A HG22 8  
ATOM 1241 H HG23 . VAL A 1 3  ? -2.745  0.241  -4.935 1.00 2.05 ? 3  VAL A HG23 8  
ATOM 1242 N N    . PRO A 1 4  ? -1.202  3.184  -2.900 1.00 0.21 ? 4  PRO A N    8  
ATOM 1243 C CA   . PRO A 1 4  ? -0.028  3.800  -3.494 1.00 0.40 ? 4  PRO A CA   8  
ATOM 1244 C C    . PRO A 1 4  ? 1.232   2.957  -3.297 1.00 0.36 ? 4  PRO A C    8  
ATOM 1245 O O    . PRO A 1 4  ? 2.348   3.439  -3.494 1.00 0.45 ? 4  PRO A O    8  
ATOM 1246 C CB   . PRO A 1 4  ? 0.074   5.100  -2.687 1.00 0.61 ? 4  PRO A CB   8  
ATOM 1247 C CG   . PRO A 1 4  ? -0.682  4.848  -1.407 1.00 0.57 ? 4  PRO A CG   8  
ATOM 1248 C CD   . PRO A 1 4  ? -1.211  3.440  -1.468 1.00 0.37 ? 4  PRO A CD   8  
ATOM 1249 H HA   . PRO A 1 4  ? -0.169  4.022  -4.541 1.00 0.59 ? 4  PRO A HA   8  
ATOM 1250 H HB2  . PRO A 1 4  ? 1.111   5.322  -2.494 1.00 0.76 ? 4  PRO A HB2  8  
ATOM 1251 H HB3  . PRO A 1 4  ? -0.372  5.909  -3.248 1.00 0.79 ? 4  PRO A HB3  8  
ATOM 1252 H HG2  . PRO A 1 4  ? -0.021  4.961  -0.561 1.00 0.79 ? 4  PRO A HG2  8  
ATOM 1253 H HG3  . PRO A 1 4  ? -1.505  5.542  -1.334 1.00 0.65 ? 4  PRO A HG3  8  
ATOM 1254 H HD2  . PRO A 1 4  ? -0.553  2.762  -0.945 1.00 0.53 ? 4  PRO A HD2  8  
ATOM 1255 H HD3  . PRO A 1 4  ? -2.213  3.389  -1.071 1.00 0.45 ? 4  PRO A HD3  8  
ATOM 1256 N N    . SER A 1 5  ? 1.032   1.693  -2.913 1.00 0.31 ? 5  SER A N    8  
ATOM 1257 C CA   . SER A 1 5  ? 2.126   0.803  -2.532 1.00 0.35 ? 5  SER A CA   8  
ATOM 1258 C C    . SER A 1 5  ? 2.901   1.399  -1.353 1.00 0.30 ? 5  SER A C    8  
ATOM 1259 O O    . SER A 1 5  ? 4.105   1.184  -1.200 1.00 0.54 ? 5  SER A O    8  
ATOM 1260 C CB   . SER A 1 5  ? 3.053   0.543  -3.730 1.00 0.49 ? 5  SER A CB   8  
ATOM 1261 O OG   . SER A 1 5  ? 4.049   -0.418 -3.422 1.00 1.41 ? 5  SER A OG   8  
ATOM 1262 H H    . SER A 1 5  ? 0.116   1.343  -2.913 1.00 0.33 ? 5  SER A H    8  
ATOM 1263 H HA   . SER A 1 5  ? 1.690   -0.134 -2.213 1.00 0.38 ? 5  SER A HA   8  
ATOM 1264 H HB2  . SER A 1 5  ? 2.467   0.179  -4.560 1.00 0.85 ? 5  SER A HB2  8  
ATOM 1265 H HB3  . SER A 1 5  ? 3.535   1.467  -4.011 1.00 1.26 ? 5  SER A HB3  8  
ATOM 1266 H HG   . SER A 1 5  ? 4.662   -0.043 -2.776 1.00 1.96 ? 5  SER A HG   8  
ATOM 1267 N N    . GLY A 1 6  ? 2.182   2.130  -0.510 1.00 0.20 ? 6  GLY A N    8  
ATOM 1268 C CA   . GLY A 1 6  ? 2.803   2.828  0.595  1.00 0.29 ? 6  GLY A CA   8  
ATOM 1269 C C    . GLY A 1 6  ? 2.777   2.039  1.890  1.00 0.34 ? 6  GLY A C    8  
ATOM 1270 O O    . GLY A 1 6  ? 3.661   1.216  2.117  1.00 0.45 ? 6  GLY A O    8  
ATOM 1271 H H    . GLY A 1 6  ? 1.217   2.195  -0.645 1.00 0.34 ? 6  GLY A H    8  
ATOM 1272 H HA2  . GLY A 1 6  ? 3.830   3.035  0.336  1.00 0.39 ? 6  GLY A HA2  8  
ATOM 1273 H HA3  . GLY A 1 6  ? 2.287   3.763  0.745  1.00 0.35 ? 6  GLY A HA3  8  
ATOM 1274 N N    . PRO A 1 7  ? 1.763   2.258  2.754  1.00 0.39 ? 7  PRO A N    8  
ATOM 1275 C CA   . PRO A 1 7  ? 1.696   1.620  4.076  1.00 0.54 ? 7  PRO A CA   8  
ATOM 1276 C C    . PRO A 1 7  ? 1.722   0.096  3.991  1.00 0.68 ? 7  PRO A C    8  
ATOM 1277 O O    . PRO A 1 7  ? 2.733   -0.527 4.303  1.00 1.75 ? 7  PRO A O    8  
ATOM 1278 C CB   . PRO A 1 7  ? 0.367   2.112  4.661  1.00 0.62 ? 7  PRO A CB   8  
ATOM 1279 C CG   . PRO A 1 7  ? 0.033   3.340  3.886  1.00 0.66 ? 7  PRO A CG   8  
ATOM 1280 C CD   . PRO A 1 7  ? 0.606   3.137  2.511  1.00 0.46 ? 7  PRO A CD   8  
ATOM 1281 H HA   . PRO A 1 7  ? 2.511   1.950  4.704  1.00 0.58 ? 7  PRO A HA   8  
ATOM 1282 H HB2  . PRO A 1 7  ? -0.386  1.350  4.538  1.00 0.79 ? 7  PRO A HB2  8  
ATOM 1283 H HB3  . PRO A 1 7  ? 0.492   2.334  5.711  1.00 0.76 ? 7  PRO A HB3  8  
ATOM 1284 H HG2  . PRO A 1 7  ? -1.040  3.457  3.830  1.00 1.01 ? 7  PRO A HG2  8  
ATOM 1285 H HG3  . PRO A 1 7  ? 0.482   4.202  4.355  1.00 0.91 ? 7  PRO A HG3  8  
ATOM 1286 H HD2  . PRO A 1 7  ? -0.115  2.656  1.867  1.00 0.60 ? 7  PRO A HD2  8  
ATOM 1287 H HD3  . PRO A 1 7  ? 0.919   4.081  2.091  1.00 0.58 ? 7  PRO A HD3  8  
ATOM 1288 N N    . ASN A 1 8  ? 0.614   -0.501 3.566  1.00 0.49 ? 8  ASN A N    8  
ATOM 1289 C CA   . ASN A 1 8  ? 0.562   -1.943 3.345  1.00 0.47 ? 8  ASN A CA   8  
ATOM 1290 C C    . ASN A 1 8  ? -0.512  -2.333 2.323  1.00 0.35 ? 8  ASN A C    8  
ATOM 1291 O O    . ASN A 1 8  ? -1.355  -3.189 2.593  1.00 0.75 ? 8  ASN A O    8  
ATOM 1292 C CB   . ASN A 1 8  ? 0.333   -2.680 4.671  1.00 0.83 ? 8  ASN A CB   8  
ATOM 1293 C CG   . ASN A 1 8  ? -0.897  -2.204 5.430  1.00 1.39 ? 8  ASN A CG   8  
ATOM 1294 O OD1  . ASN A 1 8  ? -2.007  -2.698 5.223  1.00 1.97 ? 8  ASN A OD1  8  
ATOM 1295 N ND2  . ASN A 1 8  ? -0.707  -1.253 6.331  1.00 2.07 ? 8  ASN A ND2  8  
ATOM 1296 H H    . ASN A 1 8  ? -0.192  0.034  3.411  1.00 1.30 ? 8  ASN A H    8  
ATOM 1297 H HA   . ASN A 1 8  ? 1.521   -2.239 2.951  1.00 0.55 ? 8  ASN A HA   8  
ATOM 1298 H HB2  . ASN A 1 8  ? 0.224   -3.735 4.472  1.00 1.04 ? 8  ASN A HB2  8  
ATOM 1299 H HB3  . ASN A 1 8  ? 1.199   -2.527 5.296  1.00 1.28 ? 8  ASN A HB3  8  
ATOM 1300 H HD21 . ASN A 1 8  ? 0.205   -0.912 6.462  1.00 2.32 ? 8  ASN A HD21 8  
ATOM 1301 H HD22 . ASN A 1 8  ? -1.483  -0.932 6.839  1.00 2.62 ? 8  ASN A HD22 8  
ATOM 1302 N N    . PRO A 1 9  ? -0.502  -1.729 1.120  1.00 0.33 ? 9  PRO A N    8  
ATOM 1303 C CA   . PRO A 1 9  ? -1.443  -2.086 0.062  1.00 0.33 ? 9  PRO A CA   8  
ATOM 1304 C C    . PRO A 1 9  ? -1.071  -3.414 -0.581 1.00 0.31 ? 9  PRO A C    8  
ATOM 1305 O O    . PRO A 1 9  ? -1.832  -4.381 -0.520 1.00 0.44 ? 9  PRO A O    8  
ATOM 1306 C CB   . PRO A 1 9  ? -1.317  -0.937 -0.952 1.00 0.40 ? 9  PRO A CB   8  
ATOM 1307 C CG   . PRO A 1 9  ? -0.477  0.097  -0.278 1.00 0.53 ? 9  PRO A CG   8  
ATOM 1308 C CD   . PRO A 1 9  ? 0.391   -0.652 0.686  1.00 0.75 ? 9  PRO A CD   8  
ATOM 1309 H HA   . PRO A 1 9  ? -2.453  -2.138 0.434  1.00 0.49 ? 9  PRO A HA   8  
ATOM 1310 H HB2  . PRO A 1 9  ? -0.844  -1.303 -1.851 1.00 0.43 ? 9  PRO A HB2  8  
ATOM 1311 H HB3  . PRO A 1 9  ? -2.299  -0.554 -1.189 1.00 0.59 ? 9  PRO A HB3  8  
ATOM 1312 H HG2  . PRO A 1 9  ? 0.128   0.614  -1.007 1.00 0.53 ? 9  PRO A HG2  8  
ATOM 1313 H HG3  . PRO A 1 9  ? -1.110  0.795  0.252  1.00 0.68 ? 9  PRO A HG3  8  
ATOM 1314 H HD2  . PRO A 1 9  ? 1.265   -1.045 0.185  1.00 1.02 ? 9  PRO A HD2  8  
ATOM 1315 H HD3  . PRO A 1 9  ? 0.674   -0.023 1.516  1.00 1.15 ? 9  PRO A HD3  8  
ATOM 1316 N N    . ILE A 1 10 ? 0.108   -3.462 -1.188 1.00 0.34 ? 10 ILE A N    8  
ATOM 1317 C CA   . ILE A 1 10 ? 0.579   -4.684 -1.815 1.00 0.50 ? 10 ILE A CA   8  
ATOM 1318 C C    . ILE A 1 10 ? 1.960   -5.095 -1.295 1.00 0.58 ? 10 ILE A C    8  
ATOM 1319 O O    . ILE A 1 10 ? 2.258   -6.283 -1.190 1.00 1.16 ? 10 ILE A O    8  
ATOM 1320 C CB   . ILE A 1 10 ? 0.615   -4.524 -3.352 1.00 0.69 ? 10 ILE A CB   8  
ATOM 1321 C CG1  . ILE A 1 10 ? 0.932   -5.855 -4.039 1.00 1.46 ? 10 ILE A CG1  8  
ATOM 1322 C CG2  . ILE A 1 10 ? 1.615   -3.456 -3.772 1.00 1.47 ? 10 ILE A CG2  8  
ATOM 1323 C CD1  . ILE A 1 10 ? -0.137  -6.909 -3.845 1.00 1.75 ? 10 ILE A CD1  8  
ATOM 1324 H H    . ILE A 1 10 ? 0.653   -2.653 -1.244 1.00 0.35 ? 10 ILE A H    8  
ATOM 1325 H HA   . ILE A 1 10 ? -0.127  -5.466 -1.577 1.00 0.57 ? 10 ILE A HA   8  
ATOM 1326 H HB   . ILE A 1 10 ? -0.361  -4.194 -3.665 1.00 1.04 ? 10 ILE A HB   8  
ATOM 1327 H HG12 . ILE A 1 10 ? 1.043   -5.687 -5.100 1.00 1.94 ? 10 ILE A HG12 8  
ATOM 1328 H HG13 . ILE A 1 10 ? 1.858   -6.243 -3.643 1.00 2.04 ? 10 ILE A HG13 8  
ATOM 1329 H HG21 . ILE A 1 10 ? 2.606   -3.746 -3.452 1.00 1.79 ? 10 ILE A HG21 8  
ATOM 1330 H HG22 . ILE A 1 10 ? 1.351   -2.514 -3.315 1.00 2.09 ? 10 ILE A HG22 8  
ATOM 1331 H HG23 . ILE A 1 10 ? 1.601   -3.351 -4.847 1.00 1.89 ? 10 ILE A HG23 8  
ATOM 1332 H HD11 . ILE A 1 10 ? 0.143   -7.804 -4.378 1.00 2.11 ? 10 ILE A HD11 8  
ATOM 1333 H HD12 . ILE A 1 10 ? -1.078  -6.542 -4.228 1.00 1.93 ? 10 ILE A HD12 8  
ATOM 1334 H HD13 . ILE A 1 10 ? -0.237  -7.131 -2.794 1.00 2.22 ? 10 ILE A HD13 8  
ATOM 1335 N N    . SER A 1 11 ? 2.790   -4.120 -0.943 1.00 0.54 ? 11 SER A N    8  
ATOM 1336 C CA   . SER A 1 11 ? 4.169   -4.405 -0.568 1.00 0.74 ? 11 SER A CA   8  
ATOM 1337 C C    . SER A 1 11 ? 4.461   -4.017 0.882  1.00 0.91 ? 11 SER A C    8  
ATOM 1338 O O    . SER A 1 11 ? 5.014   -2.948 1.148  1.00 1.56 ? 11 SER A O    8  
ATOM 1339 C CB   . SER A 1 11 ? 5.122   -3.670 -1.513 1.00 1.26 ? 11 SER A CB   8  
ATOM 1340 O OG   . SER A 1 11 ? 4.848   -4.001 -2.865 1.00 2.26 ? 11 SER A OG   8  
ATOM 1341 H H    . SER A 1 11 ? 2.476   -3.197 -0.938 1.00 0.86 ? 11 SER A H    8  
ATOM 1342 H HA   . SER A 1 11 ? 4.324   -5.466 -0.678 1.00 0.80 ? 11 SER A HA   8  
ATOM 1343 H HB2  . SER A 1 11 ? 5.003   -2.604 -1.385 1.00 1.45 ? 11 SER A HB2  8  
ATOM 1344 H HB3  . SER A 1 11 ? 6.139   -3.950 -1.286 1.00 1.62 ? 11 SER A HB3  8  
ATOM 1345 H HG   . SER A 1 11 ? 4.657   -4.946 -2.929 1.00 2.81 ? 11 SER A HG   8  
ATOM 1346 N N    . ASN A 1 12 ? 4.061   -4.886 1.806  1.00 1.13 ? 12 ASN A N    8  
ATOM 1347 C CA   . ASN A 1 12 ? 4.407   -4.757 3.222  1.00 1.54 ? 12 ASN A CA   8  
ATOM 1348 C C    . ASN A 1 12 ? 3.778   -5.894 4.007  1.00 2.23 ? 12 ASN A C    8  
ATOM 1349 O O    . ASN A 1 12 ? 2.620   -5.746 4.455  1.00 2.89 ? 12 ASN A O    8  
ATOM 1350 C CB   . ASN A 1 12 ? 3.956   -3.418 3.817  1.00 1.64 ? 12 ASN A CB   8  
ATOM 1351 C CG   . ASN A 1 12 ? 4.480   -3.223 5.230  1.00 2.54 ? 12 ASN A CG   8  
ATOM 1352 O OD1  . ASN A 1 12 ? 5.530   -3.752 5.594  1.00 3.25 ? 12 ASN A OD1  8  
ATOM 1353 N ND2  . ASN A 1 12 ? 3.765   -2.450 6.030  1.00 3.14 ? 12 ASN A ND2  8  
ATOM 1354 O OXT  . ASN A 1 12 ? 4.425   -6.951 4.138  1.00 2.65 ? 12 ASN A OXT  8  
ATOM 1355 H H    . ASN A 1 12 ? 3.513   -5.651 1.526  1.00 1.47 ? 12 ASN A H    8  
ATOM 1356 H HA   . ASN A 1 12 ? 5.482   -4.835 3.305  1.00 1.73 ? 12 ASN A HA   8  
ATOM 1357 H HB2  . ASN A 1 12 ? 4.321   -2.611 3.199  1.00 1.94 ? 12 ASN A HB2  8  
ATOM 1358 H HB3  . ASN A 1 12 ? 2.875   -3.386 3.849  1.00 1.63 ? 12 ASN A HB3  8  
ATOM 1359 H HD21 . ASN A 1 12 ? 2.947   -2.044 5.671  1.00 3.13 ? 12 ASN A HD21 8  
ATOM 1360 H HD22 . ASN A 1 12 ? 4.077   -2.316 6.949  1.00 3.87 ? 12 ASN A HD22 8  
ATOM 1361 N N    . HIS A 1 1  ? -5.042  0.655  2.076  1.00 3.20 ? 1  HIS A N    9  
ATOM 1362 C CA   . HIS A 1 1  ? -6.431  1.149  1.920  1.00 2.79 ? 1  HIS A CA   9  
ATOM 1363 C C    . HIS A 1 1  ? -6.823  1.174  0.446  1.00 2.15 ? 1  HIS A C    9  
ATOM 1364 O O    . HIS A 1 1  ? -7.733  0.460  0.036  1.00 2.66 ? 1  HIS A O    9  
ATOM 1365 C CB   . HIS A 1 1  ? -6.592  2.546  2.536  1.00 3.59 ? 1  HIS A CB   9  
ATOM 1366 C CG   . HIS A 1 1  ? -6.354  2.586  4.015  1.00 4.44 ? 1  HIS A CG   9  
ATOM 1367 N ND1  . HIS A 1 1  ? -5.362  3.346  4.598  1.00 5.02 ? 1  HIS A ND1  9  
ATOM 1368 C CD2  . HIS A 1 1  ? -6.989  1.960  5.034  1.00 5.19 ? 1  HIS A CD2  9  
ATOM 1369 C CE1  . HIS A 1 1  ? -5.397  3.182  5.906  1.00 5.90 ? 1  HIS A CE1  9  
ATOM 1370 N NE2  . HIS A 1 1  ? -6.375  2.346  6.198  1.00 6.01 ? 1  HIS A NE2  9  
ATOM 1371 H H1   . HIS A 1 1  ? -4.378  1.285  1.590  1.00 3.14 ? 1  HIS A H1   9  
ATOM 1372 H H2   . HIS A 1 1  ? -4.958  -0.295 1.661  1.00 3.66 ? 1  HIS A H2   9  
ATOM 1373 H H3   . HIS A 1 1  ? -4.785  0.601  3.081  1.00 3.64 ? 1  HIS A H3   9  
ATOM 1374 H HA   . HIS A 1 1  ? -7.086  0.462  2.435  1.00 2.96 ? 1  HIS A HA   9  
ATOM 1375 H HB2  . HIS A 1 1  ? -5.890  3.219  2.072  1.00 4.02 ? 1  HIS A HB2  9  
ATOM 1376 H HB3  . HIS A 1 1  ? -7.596  2.898  2.353  1.00 3.65 ? 1  HIS A HB3  9  
ATOM 1377 H HD1  . HIS A 1 1  ? -4.735  3.938  4.120  1.00 5.04 ? 1  HIS A HD1  9  
ATOM 1378 H HD2  . HIS A 1 1  ? -7.821  1.277  4.944  1.00 5.39 ? 1  HIS A HD2  9  
ATOM 1379 H HE1  . HIS A 1 1  ? -4.736  3.654  6.619  1.00 6.61 ? 1  HIS A HE1  9  
ATOM 1380 H HE2  . HIS A 1 1  ? -6.740  2.207  7.102  1.00 6.72 ? 1  HIS A HE2  9  
ATOM 1381 N N    . GLU A 1 2  ? -6.135  1.989  -0.350 1.00 1.36 ? 2  GLU A N    9  
ATOM 1382 C CA   . GLU A 1 2  ? -6.401  2.029  -1.783 1.00 0.94 ? 2  GLU A CA   9  
ATOM 1383 C C    . GLU A 1 2  ? -5.293  1.312  -2.561 1.00 0.89 ? 2  GLU A C    9  
ATOM 1384 O O    . GLU A 1 2  ? -5.313  0.085  -2.675 1.00 1.36 ? 2  GLU A O    9  
ATOM 1385 C CB   . GLU A 1 2  ? -6.559  3.472  -2.273 1.00 0.96 ? 2  GLU A CB   9  
ATOM 1386 C CG   . GLU A 1 2  ? -6.989  3.581  -3.728 1.00 0.86 ? 2  GLU A CG   9  
ATOM 1387 C CD   . GLU A 1 2  ? -8.437  3.201  -3.940 1.00 1.36 ? 2  GLU A CD   9  
ATOM 1388 O OE1  . GLU A 1 2  ? -8.744  1.993  -3.933 1.00 1.95 ? 2  GLU A OE1  9  
ATOM 1389 O OE2  . GLU A 1 2  ? -9.278  4.108  -4.117 1.00 1.39 ? 2  GLU A OE2  9  
ATOM 1390 H H    . GLU A 1 2  ? -5.447  2.576  0.027  1.00 1.48 ? 2  GLU A H    9  
ATOM 1391 H HA   . GLU A 1 2  ? -7.329  1.503  -1.953 1.00 1.37 ? 2  GLU A HA   9  
ATOM 1392 H HB2  . GLU A 1 2  ? -7.305  3.964  -1.665 1.00 1.42 ? 2  GLU A HB2  9  
ATOM 1393 H HB3  . GLU A 1 2  ? -5.618  3.984  -2.156 1.00 1.39 ? 2  GLU A HB3  9  
ATOM 1394 H HG2  . GLU A 1 2  ? -6.848  4.600  -4.057 1.00 1.04 ? 2  GLU A HG2  9  
ATOM 1395 H HG3  . GLU A 1 2  ? -6.368  2.923  -4.321 1.00 0.98 ? 2  GLU A HG3  9  
ATOM 1396 N N    . VAL A 1 3  ? -4.312  2.061  -3.071 1.00 0.45 ? 3  VAL A N    9  
ATOM 1397 C CA   . VAL A 1 3  ? -3.226  1.457  -3.827 1.00 0.55 ? 3  VAL A CA   9  
ATOM 1398 C C    . VAL A 1 3  ? -1.991  2.391  -3.971 1.00 0.37 ? 3  VAL A C    9  
ATOM 1399 O O    . VAL A 1 3  ? -1.421  2.524  -5.054 1.00 0.62 ? 3  VAL A O    9  
ATOM 1400 C CB   . VAL A 1 3  ? -3.757  1.030  -5.214 1.00 0.90 ? 3  VAL A CB   9  
ATOM 1401 C CG1  . VAL A 1 3  ? -4.067  2.234  -6.096 1.00 1.63 ? 3  VAL A CG1  9  
ATOM 1402 C CG2  . VAL A 1 3  ? -2.808  0.059  -5.905 1.00 1.79 ? 3  VAL A CG2  9  
ATOM 1403 H H    . VAL A 1 3  ? -4.339  3.032  -2.966 1.00 0.32 ? 3  VAL A H    9  
ATOM 1404 H HA   . VAL A 1 3  ? -2.919  0.566  -3.302 1.00 0.73 ? 3  VAL A HA   9  
ATOM 1405 H HB   . VAL A 1 3  ? -4.692  0.518  -5.043 1.00 1.01 ? 3  VAL A HB   9  
ATOM 1406 H HG11 . VAL A 1 3  ? -4.836  2.834  -5.633 1.00 1.86 ? 3  VAL A HG11 9  
ATOM 1407 H HG12 . VAL A 1 3  ? -4.409  1.895  -7.063 1.00 2.18 ? 3  VAL A HG12 9  
ATOM 1408 H HG13 . VAL A 1 3  ? -3.174  2.829  -6.220 1.00 2.28 ? 3  VAL A HG13 9  
ATOM 1409 H HG21 . VAL A 1 3  ? -1.841  0.525  -6.019 1.00 2.37 ? 3  VAL A HG21 9  
ATOM 1410 H HG22 . VAL A 1 3  ? -3.200  -0.200 -6.876 1.00 2.34 ? 3  VAL A HG22 9  
ATOM 1411 H HG23 . VAL A 1 3  ? -2.708  -0.834 -5.307 1.00 2.05 ? 3  VAL A HG23 9  
ATOM 1412 N N    . PRO A 1 4  ? -1.517  3.028  -2.881 1.00 0.21 ? 4  PRO A N    9  
ATOM 1413 C CA   . PRO A 1 4  ? -0.350  3.904  -2.950 1.00 0.40 ? 4  PRO A CA   9  
ATOM 1414 C C    . PRO A 1 4  ? 0.961   3.124  -2.874 1.00 0.36 ? 4  PRO A C    9  
ATOM 1415 O O    . PRO A 1 4  ? 2.044   3.688  -3.033 1.00 0.45 ? 4  PRO A O    9  
ATOM 1416 C CB   . PRO A 1 4  ? -0.497  4.819  -1.727 1.00 0.61 ? 4  PRO A CB   9  
ATOM 1417 C CG   . PRO A 1 4  ? -1.669  4.309  -0.945 1.00 0.57 ? 4  PRO A CG   9  
ATOM 1418 C CD   . PRO A 1 4  ? -2.045  2.967  -1.516 1.00 0.37 ? 4  PRO A CD   9  
ATOM 1419 H HA   . PRO A 1 4  ? -0.360  4.499  -3.851 1.00 0.59 ? 4  PRO A HA   9  
ATOM 1420 H HB2  . PRO A 1 4  ? 0.408   4.780  -1.142 1.00 0.76 ? 4  PRO A HB2  9  
ATOM 1421 H HB3  . PRO A 1 4  ? -0.667  5.833  -2.057 1.00 0.79 ? 4  PRO A HB3  9  
ATOM 1422 H HG2  . PRO A 1 4  ? -1.392  4.203  0.094  1.00 0.79 ? 4  PRO A HG2  9  
ATOM 1423 H HG3  . PRO A 1 4  ? -2.492  5.000  -1.042 1.00 0.65 ? 4  PRO A HG3  9  
ATOM 1424 H HD2  . PRO A 1 4  ? -1.577  2.173  -0.956 1.00 0.53 ? 4  PRO A HD2  9  
ATOM 1425 H HD3  . PRO A 1 4  ? -3.118  2.846  -1.523 1.00 0.45 ? 4  PRO A HD3  9  
ATOM 1426 N N    . SER A 1 5  ? 0.837   1.818  -2.617 1.00 0.31 ? 5  SER A N    9  
ATOM 1427 C CA   . SER A 1 5  ? 1.981   0.913  -2.489 1.00 0.35 ? 5  SER A CA   9  
ATOM 1428 C C    . SER A 1 5  ? 2.941   1.359  -1.384 1.00 0.30 ? 5  SER A C    9  
ATOM 1429 O O    . SER A 1 5  ? 4.111   0.979  -1.374 1.00 0.54 ? 5  SER A O    9  
ATOM 1430 C CB   . SER A 1 5  ? 2.715   0.794  -3.828 1.00 0.49 ? 5  SER A CB   9  
ATOM 1431 O OG   . SER A 1 5  ? 1.857   0.271  -4.828 1.00 1.41 ? 5  SER A OG   9  
ATOM 1432 H H    . SER A 1 5  ? -0.063  1.449  -2.534 1.00 0.33 ? 5  SER A H    9  
ATOM 1433 H HA   . SER A 1 5  ? 1.591   -0.060 -2.225 1.00 0.38 ? 5  SER A HA   9  
ATOM 1434 H HB2  . SER A 1 5  ? 3.057   1.771  -4.138 1.00 0.85 ? 5  SER A HB2  9  
ATOM 1435 H HB3  . SER A 1 5  ? 3.563   0.134  -3.715 1.00 1.26 ? 5  SER A HB3  9  
ATOM 1436 H HG   . SER A 1 5  ? 2.268   -0.510 -5.223 1.00 1.96 ? 5  SER A HG   9  
ATOM 1437 N N    . GLY A 1 6  ? 2.430   2.147  -0.446 1.00 0.20 ? 6  GLY A N    9  
ATOM 1438 C CA   . GLY A 1 6  ? 3.259   2.665  0.622  1.00 0.29 ? 6  GLY A CA   9  
ATOM 1439 C C    . GLY A 1 6  ? 3.239   1.792  1.860  1.00 0.34 ? 6  GLY A C    9  
ATOM 1440 O O    . GLY A 1 6  ? 4.063   0.886  1.989  1.00 0.45 ? 6  GLY A O    9  
ATOM 1441 H H    . GLY A 1 6  ? 1.484   2.387  -0.486 1.00 0.34 ? 6  GLY A H    9  
ATOM 1442 H HA2  . GLY A 1 6  ? 4.276   2.740  0.265  1.00 0.39 ? 6  GLY A HA2  9  
ATOM 1443 H HA3  . GLY A 1 6  ? 2.910   3.652  0.886  1.00 0.35 ? 6  GLY A HA3  9  
ATOM 1444 N N    . PRO A 1 7  ? 2.291   2.035  2.786  1.00 0.39 ? 7  PRO A N    9  
ATOM 1445 C CA   . PRO A 1 7  ? 2.219   1.321  4.068  1.00 0.54 ? 7  PRO A CA   9  
ATOM 1446 C C    . PRO A 1 7  ? 2.078   -0.194 3.904  1.00 0.68 ? 7  PRO A C    9  
ATOM 1447 O O    . PRO A 1 7  ? 3.058   -0.931 4.029  1.00 1.75 ? 7  PRO A O    9  
ATOM 1448 C CB   . PRO A 1 7  ? 0.979   1.912  4.756  1.00 0.62 ? 7  PRO A CB   9  
ATOM 1449 C CG   . PRO A 1 7  ? 0.210   2.591  3.673  1.00 0.66 ? 7  PRO A CG   9  
ATOM 1450 C CD   . PRO A 1 7  ? 1.223   3.040  2.661  1.00 0.46 ? 7  PRO A CD   9  
ATOM 1451 H HA   . PRO A 1 7  ? 3.090   1.525  4.673  1.00 0.58 ? 7  PRO A HA   9  
ATOM 1452 H HB2  . PRO A 1 7  ? 0.402   1.116  5.206  1.00 0.79 ? 7  PRO A HB2  9  
ATOM 1453 H HB3  . PRO A 1 7  ? 1.287   2.612  5.517  1.00 0.76 ? 7  PRO A HB3  9  
ATOM 1454 H HG2  . PRO A 1 7  ? -0.483  1.895  3.224  1.00 1.01 ? 7  PRO A HG2  9  
ATOM 1455 H HG3  . PRO A 1 7  ? -0.319  3.441  4.076  1.00 0.91 ? 7  PRO A HG3  9  
ATOM 1456 H HD2  . PRO A 1 7  ? 0.798   3.029  1.668  1.00 0.60 ? 7  PRO A HD2  9  
ATOM 1457 H HD3  . PRO A 1 7  ? 1.591   4.025  2.905  1.00 0.58 ? 7  PRO A HD3  9  
ATOM 1458 N N    . ASN A 1 8  ? 0.865   -0.655 3.621  1.00 0.49 ? 8  ASN A N    9  
ATOM 1459 C CA   . ASN A 1 8  ? 0.626   -2.077 3.404  1.00 0.47 ? 8  ASN A CA   9  
ATOM 1460 C C    . ASN A 1 8  ? -0.500  -2.347 2.396  1.00 0.35 ? 8  ASN A C    9  
ATOM 1461 O O    . ASN A 1 8  ? -1.367  -3.176 2.654  1.00 0.75 ? 8  ASN A O    9  
ATOM 1462 C CB   . ASN A 1 8  ? 0.301   -2.761 4.735  1.00 0.83 ? 8  ASN A CB   9  
ATOM 1463 C CG   . ASN A 1 8  ? -0.766  -2.033 5.539  1.00 1.39 ? 8  ASN A CG   9  
ATOM 1464 O OD1  . ASN A 1 8  ? -1.962  -2.277 5.378  1.00 1.97 ? 8  ASN A OD1  9  
ATOM 1465 N ND2  . ASN A 1 8  ? -0.338  -1.143 6.420  1.00 2.07 ? 8  ASN A ND2  9  
ATOM 1466 H H    . ASN A 1 8  ? 0.112   -0.035 3.577  1.00 1.30 ? 8  ASN A H    9  
ATOM 1467 H HA   . ASN A 1 8  ? 1.538   -2.503 3.016  1.00 0.55 ? 8  ASN A HA   9  
ATOM 1468 H HB2  . ASN A 1 8  ? -0.050  -3.763 4.538  1.00 1.04 ? 8  ASN A HB2  9  
ATOM 1469 H HB3  . ASN A 1 8  ? 1.200   -2.813 5.324  1.00 1.28 ? 8  ASN A HB3  9  
ATOM 1470 H HD21 . ASN A 1 8  ? 0.631   -1.002 6.506  1.00 2.32 ? 8  ASN A HD21 9  
ATOM 1471 H HD22 . ASN A 1 8  ? -1.003  -0.662 6.955  1.00 2.62 ? 8  ASN A HD22 9  
ATOM 1472 N N    . PRO A 1 9  ? -0.517  -1.672 1.229  1.00 0.33 ? 9  PRO A N    9  
ATOM 1473 C CA   . PRO A 1 9  ? -1.509  -1.945 0.193  1.00 0.33 ? 9  PRO A CA   9  
ATOM 1474 C C    . PRO A 1 9  ? -1.148  -3.207 -0.583 1.00 0.31 ? 9  PRO A C    9  
ATOM 1475 O O    . PRO A 1 9  ? -1.809  -4.239 -0.468 1.00 0.44 ? 9  PRO A O    9  
ATOM 1476 C CB   . PRO A 1 9  ? -1.445  -0.705 -0.715 1.00 0.40 ? 9  PRO A CB   9  
ATOM 1477 C CG   . PRO A 1 9  ? -0.509  0.243  -0.033 1.00 0.53 ? 9  PRO A CG   9  
ATOM 1478 C CD   . PRO A 1 9  ? 0.391   -0.605 0.811  1.00 0.75 ? 9  PRO A CD   9  
ATOM 1479 H HA   . PRO A 1 9  ? -2.501  -2.047 0.609  1.00 0.49 ? 9  PRO A HA   9  
ATOM 1480 H HB2  . PRO A 1 9  ? -1.071  -0.990 -1.688 1.00 0.43 ? 9  PRO A HB2  9  
ATOM 1481 H HB3  . PRO A 1 9  ? -2.431  -0.278 -0.814 1.00 0.59 ? 9  PRO A HB3  9  
ATOM 1482 H HG2  . PRO A 1 9  ? 0.068   0.785  -0.766 1.00 0.53 ? 9  PRO A HG2  9  
ATOM 1483 H HG3  . PRO A 1 9  ? -1.068  0.927  0.590  1.00 0.68 ? 9  PRO A HG3  9  
ATOM 1484 H HD2  . PRO A 1 9  ? 1.209   -0.995 0.223  1.00 1.02 ? 9  PRO A HD2  9  
ATOM 1485 H HD3  . PRO A 1 9  ? 0.757   -0.049 1.660  1.00 1.15 ? 9  PRO A HD3  9  
ATOM 1486 N N    . ILE A 1 10 ? -0.082  -3.113 -1.364 1.00 0.34 ? 10 ILE A N    9  
ATOM 1487 C CA   . ILE A 1 10 ? 0.484   -4.272 -2.034 1.00 0.50 ? 10 ILE A CA   9  
ATOM 1488 C C    . ILE A 1 10 ? 1.824   -4.603 -1.382 1.00 0.58 ? 10 ILE A C    9  
ATOM 1489 O O    . ILE A 1 10 ? 2.411   -5.663 -1.602 1.00 1.16 ? 10 ILE A O    9  
ATOM 1490 C CB   . ILE A 1 10 ? 0.679   -4.004 -3.546 1.00 0.69 ? 10 ILE A CB   9  
ATOM 1491 C CG1  . ILE A 1 10 ? -0.608  -3.440 -4.157 1.00 1.46 ? 10 ILE A CG1  9  
ATOM 1492 C CG2  . ILE A 1 10 ? 1.089   -5.282 -4.273 1.00 1.47 ? 10 ILE A CG2  9  
ATOM 1493 C CD1  . ILE A 1 10 ? -0.484  -3.083 -5.624 1.00 1.75 ? 10 ILE A CD1  9  
ATOM 1494 H H    . ILE A 1 10 ? 0.331   -2.239 -1.501 1.00 0.35 ? 10 ILE A H    9  
ATOM 1495 H HA   . ILE A 1 10 ? -0.193  -5.106 -1.907 1.00 0.57 ? 10 ILE A HA   9  
ATOM 1496 H HB   . ILE A 1 10 ? 1.472   -3.281 -3.663 1.00 1.04 ? 10 ILE A HB   9  
ATOM 1497 H HG12 . ILE A 1 10 ? -1.395  -4.172 -4.062 1.00 1.94 ? 10 ILE A HG12 9  
ATOM 1498 H HG13 . ILE A 1 10 ? -0.889  -2.545 -3.621 1.00 2.04 ? 10 ILE A HG13 9  
ATOM 1499 H HG21 . ILE A 1 10 ? 2.021   -5.643 -3.864 1.00 1.79 ? 10 ILE A HG21 9  
ATOM 1500 H HG22 . ILE A 1 10 ? 1.215   -5.073 -5.325 1.00 2.09 ? 10 ILE A HG22 9  
ATOM 1501 H HG23 . ILE A 1 10 ? 0.323   -6.030 -4.143 1.00 1.89 ? 10 ILE A HG23 9  
ATOM 1502 H HD11 . ILE A 1 10 ? -0.225  -3.968 -6.188 1.00 2.11 ? 10 ILE A HD11 9  
ATOM 1503 H HD12 . ILE A 1 10 ? 0.286   -2.337 -5.749 1.00 1.93 ? 10 ILE A HD12 9  
ATOM 1504 H HD13 . ILE A 1 10 ? -1.425  -2.694 -5.981 1.00 2.22 ? 10 ILE A HD13 9  
ATOM 1505 N N    . SER A 1 11 ? 2.283   -3.680 -0.546 1.00 0.54 ? 11 SER A N    9  
ATOM 1506 C CA   . SER A 1 11 ? 3.563   -3.807 0.124  1.00 0.74 ? 11 SER A CA   9  
ATOM 1507 C C    . SER A 1 11 ? 3.387   -4.294 1.561  1.00 0.91 ? 11 SER A C    9  
ATOM 1508 O O    . SER A 1 11 ? 3.541   -3.532 2.519  1.00 1.56 ? 11 SER A O    9  
ATOM 1509 C CB   . SER A 1 11 ? 4.285   -2.459 0.091  1.00 1.26 ? 11 SER A CB   9  
ATOM 1510 O OG   . SER A 1 11 ? 3.389   -1.398 0.388  1.00 2.26 ? 11 SER A OG   9  
ATOM 1511 H H    . SER A 1 11 ? 1.737   -2.891 -0.366 1.00 0.86 ? 11 SER A H    9  
ATOM 1512 H HA   . SER A 1 11 ? 4.148   -4.530 -0.421 1.00 0.80 ? 11 SER A HA   9  
ATOM 1513 H HB2  . SER A 1 11 ? 5.077   -2.460 0.825  1.00 1.45 ? 11 SER A HB2  9  
ATOM 1514 H HB3  . SER A 1 11 ? 4.703   -2.298 -0.892 1.00 1.62 ? 11 SER A HB3  9  
ATOM 1515 H HG   . SER A 1 11 ? 3.855   -0.721 0.898  1.00 2.81 ? 11 SER A HG   9  
ATOM 1516 N N    . ASN A 1 12 ? 3.044   -5.564 1.702  1.00 1.13 ? 12 ASN A N    9  
ATOM 1517 C CA   . ASN A 1 12 ? 2.908   -6.184 3.010  1.00 1.54 ? 12 ASN A CA   9  
ATOM 1518 C C    . ASN A 1 12 ? 3.054   -7.698 2.893  1.00 2.23 ? 12 ASN A C    9  
ATOM 1519 O O    . ASN A 1 12 ? 2.030   -8.409 2.849  1.00 2.89 ? 12 ASN A O    9  
ATOM 1520 C CB   . ASN A 1 12 ? 1.574   -5.807 3.689  1.00 1.64 ? 12 ASN A CB   9  
ATOM 1521 C CG   . ASN A 1 12 ? 0.337   -6.101 2.850  1.00 2.54 ? 12 ASN A CG   9  
ATOM 1522 O OD1  . ASN A 1 12 ? 0.344   -5.995 1.623  1.00 3.25 ? 12 ASN A OD1  9  
ATOM 1523 N ND2  . ASN A 1 12 ? -0.739  -6.480 3.516  1.00 3.14 ? 12 ASN A ND2  9  
ATOM 1524 O OXT  . ASN A 1 12 ? 4.208   -8.167 2.817  1.00 2.65 ? 12 ASN A OXT  9  
ATOM 1525 H H    . ASN A 1 12 ? 2.877   -6.106 0.899  1.00 1.47 ? 12 ASN A H    9  
ATOM 1526 H HA   . ASN A 1 12 ? 3.721   -5.817 3.621  1.00 1.73 ? 12 ASN A HA   9  
ATOM 1527 H HB2  . ASN A 1 12 ? 1.488   -6.360 4.612  1.00 1.94 ? 12 ASN A HB2  9  
ATOM 1528 H HB3  . ASN A 1 12 ? 1.586   -4.747 3.918  1.00 1.63 ? 12 ASN A HB3  9  
ATOM 1529 H HD21 . ASN A 1 12 ? -0.678  -6.548 4.494  1.00 3.13 ? 12 ASN A HD21 9  
ATOM 1530 H HD22 . ASN A 1 12 ? -1.552  -6.684 3.008  1.00 3.87 ? 12 ASN A HD22 9  
ATOM 1531 N N    . HIS A 1 1  ? -6.868  0.378  1.907  1.00 3.20 ? 1  HIS A N    10 
ATOM 1532 C CA   . HIS A 1 1  ? -5.773  -0.147 1.059  1.00 2.79 ? 1  HIS A CA   10 
ATOM 1533 C C    . HIS A 1 1  ? -6.092  0.121  -0.405 1.00 2.15 ? 1  HIS A C    10 
ATOM 1534 O O    . HIS A 1 1  ? -6.422  -0.802 -1.152 1.00 2.66 ? 1  HIS A O    10 
ATOM 1535 C CB   . HIS A 1 1  ? -5.583  -1.662 1.261  1.00 3.59 ? 1  HIS A CB   10 
ATOM 1536 C CG   . HIS A 1 1  ? -5.332  -2.088 2.678  1.00 4.44 ? 1  HIS A CG   10 
ATOM 1537 N ND1  . HIS A 1 1  ? -4.167  -1.811 3.364  1.00 5.02 ? 1  HIS A ND1  10 
ATOM 1538 C CD2  . HIS A 1 1  ? -6.107  -2.794 3.537  1.00 5.19 ? 1  HIS A CD2  10 
ATOM 1539 C CE1  . HIS A 1 1  ? -4.240  -2.325 4.579  1.00 5.90 ? 1  HIS A CE1  10 
ATOM 1540 N NE2  . HIS A 1 1  ? -5.406  -2.926 4.708  1.00 6.01 ? 1  HIS A NE2  10 
ATOM 1541 H H1   . HIS A 1 1  ? -6.985  1.398  1.742  1.00 3.14 ? 1  HIS A H1   10 
ATOM 1542 H H2   . HIS A 1 1  ? -6.663  0.225  2.909  1.00 3.66 ? 1  HIS A H2   10 
ATOM 1543 H H3   . HIS A 1 1  ? -7.766  -0.096 1.671  1.00 3.64 ? 1  HIS A H3   10 
ATOM 1544 H HA   . HIS A 1 1  ? -4.860  0.364  1.322  1.00 2.96 ? 1  HIS A HA   10 
ATOM 1545 H HB2  . HIS A 1 1  ? -6.472  -2.171 0.923  1.00 4.02 ? 1  HIS A HB2  10 
ATOM 1546 H HB3  . HIS A 1 1  ? -4.744  -1.989 0.663  1.00 3.65 ? 1  HIS A HB3  10 
ATOM 1547 H HD1  . HIS A 1 1  ? -3.396  -1.307 3.016  1.00 5.04 ? 1  HIS A HD1  10 
ATOM 1548 H HD2  . HIS A 1 1  ? -7.094  -3.185 3.336  1.00 5.39 ? 1  HIS A HD2  10 
ATOM 1549 H HE1  . HIS A 1 1  ? -3.473  -2.268 5.337  1.00 6.61 ? 1  HIS A HE1  10 
ATOM 1550 H HE2  . HIS A 1 1  ? -5.767  -3.286 5.551  1.00 6.72 ? 1  HIS A HE2  10 
ATOM 1551 N N    . GLU A 1 2  ? -6.006  1.382  -0.818 1.00 1.36 ? 2  GLU A N    10 
ATOM 1552 C CA   . GLU A 1 2  ? -6.390  1.757  -2.171 1.00 0.94 ? 2  GLU A CA   10 
ATOM 1553 C C    . GLU A 1 2  ? -5.309  1.369  -3.178 1.00 0.89 ? 2  GLU A C    10 
ATOM 1554 O O    . GLU A 1 2  ? -5.342  0.269  -3.732 1.00 1.36 ? 2  GLU A O    10 
ATOM 1555 C CB   . GLU A 1 2  ? -6.697  3.255  -2.265 1.00 0.96 ? 2  GLU A CB   10 
ATOM 1556 C CG   . GLU A 1 2  ? -7.301  3.668  -3.599 1.00 0.86 ? 2  GLU A CG   10 
ATOM 1557 C CD   . GLU A 1 2  ? -8.682  3.088  -3.821 1.00 1.36 ? 2  GLU A CD   10 
ATOM 1558 O OE1  . GLU A 1 2  ? -9.677  3.723  -3.415 1.00 1.39 ? 2  GLU A OE1  10 
ATOM 1559 O OE2  . GLU A 1 2  ? -8.783  1.991  -4.405 1.00 1.95 ? 2  GLU A OE2  10 
ATOM 1560 H H    . GLU A 1 2  ? -5.678  2.072  -0.198 1.00 1.48 ? 2  GLU A H    10 
ATOM 1561 H HA   . GLU A 1 2  ? -7.289  1.208  -2.412 1.00 1.37 ? 2  GLU A HA   10 
ATOM 1562 H HB2  . GLU A 1 2  ? -7.393  3.516  -1.482 1.00 1.42 ? 2  GLU A HB2  10 
ATOM 1563 H HB3  . GLU A 1 2  ? -5.781  3.808  -2.120 1.00 1.39 ? 2  GLU A HB3  10 
ATOM 1564 H HG2  . GLU A 1 2  ? -7.369  4.744  -3.632 1.00 1.04 ? 2  GLU A HG2  10 
ATOM 1565 H HG3  . GLU A 1 2  ? -6.650  3.326  -4.393 1.00 0.98 ? 2  GLU A HG3  10 
ATOM 1566 N N    . VAL A 1 3  ? -4.345  2.257  -3.410 1.00 0.45 ? 3  VAL A N    10 
ATOM 1567 C CA   . VAL A 1 3  ? -3.269  1.966  -4.348 1.00 0.55 ? 3  VAL A CA   10 
ATOM 1568 C C    . VAL A 1 3  ? -2.064  2.931  -4.195 1.00 0.37 ? 3  VAL A C    10 
ATOM 1569 O O    . VAL A 1 3  ? -1.505  3.408  -5.182 1.00 0.62 ? 3  VAL A O    10 
ATOM 1570 C CB   . VAL A 1 3  ? -3.837  2.012  -5.788 1.00 0.90 ? 3  VAL A CB   10 
ATOM 1571 C CG1  . VAL A 1 3  ? -4.182  3.435  -6.217 1.00 1.63 ? 3  VAL A CG1  10 
ATOM 1572 C CG2  . VAL A 1 3  ? -2.899  1.342  -6.783 1.00 1.79 ? 3  VAL A CG2  10 
ATOM 1573 H H    . VAL A 1 3  ? -4.373  3.125  -2.972 1.00 0.32 ? 3  VAL A H    10 
ATOM 1574 H HA   . VAL A 1 3  ? -2.931  0.960  -4.157 1.00 0.73 ? 3  VAL A HA   10 
ATOM 1575 H HB   . VAL A 1 3  ? -4.760  1.456  -5.776 1.00 1.01 ? 3  VAL A HB   10 
ATOM 1576 H HG11 . VAL A 1 3  ? -4.561  3.423  -7.229 1.00 1.86 ? 3  VAL A HG11 10 
ATOM 1577 H HG12 . VAL A 1 3  ? -3.295  4.049  -6.173 1.00 2.18 ? 3  VAL A HG12 10 
ATOM 1578 H HG13 . VAL A 1 3  ? -4.932  3.838  -5.556 1.00 2.28 ? 3  VAL A HG13 10 
ATOM 1579 H HG21 . VAL A 1 3  ? -1.943  1.847  -6.773 1.00 2.37 ? 3  VAL A HG21 10 
ATOM 1580 H HG22 . VAL A 1 3  ? -3.325  1.398  -7.774 1.00 2.34 ? 3  VAL A HG22 10 
ATOM 1581 H HG23 . VAL A 1 3  ? -2.761  0.307  -6.508 1.00 2.05 ? 3  VAL A HG23 10 
ATOM 1582 N N    . PRO A 1 4  ? -1.604  3.219  -2.959 1.00 0.21 ? 4  PRO A N    10 
ATOM 1583 C CA   . PRO A 1 4  ? -0.502  4.143  -2.748 1.00 0.40 ? 4  PRO A CA   10 
ATOM 1584 C C    . PRO A 1 4  ? 0.851   3.440  -2.728 1.00 0.36 ? 4  PRO A C    10 
ATOM 1585 O O    . PRO A 1 4  ? 1.899   4.079  -2.692 1.00 0.45 ? 4  PRO A O    10 
ATOM 1586 C CB   . PRO A 1 4  ? -0.811  4.749  -1.378 1.00 0.61 ? 4  PRO A CB   10 
ATOM 1587 C CG   . PRO A 1 4  ? -1.787  3.819  -0.716 1.00 0.57 ? 4  PRO A CG   10 
ATOM 1588 C CD   . PRO A 1 4  ? -2.078  2.691  -1.679 1.00 0.37 ? 4  PRO A CD   10 
ATOM 1589 H HA   . PRO A 1 4  ? -0.490  4.922  -3.495 1.00 0.59 ? 4  PRO A HA   10 
ATOM 1590 H HB2  . PRO A 1 4  ? 0.103   4.827  -0.807 1.00 0.76 ? 4  PRO A HB2  10 
ATOM 1591 H HB3  . PRO A 1 4  ? -1.241  5.730  -1.508 1.00 0.79 ? 4  PRO A HB3  10 
ATOM 1592 H HG2  . PRO A 1 4  ? -1.355  3.427  0.192  1.00 0.79 ? 4  PRO A HG2  10 
ATOM 1593 H HG3  . PRO A 1 4  ? -2.695  4.359  -0.492 1.00 0.65 ? 4  PRO A HG3  10 
ATOM 1594 H HD2  . PRO A 1 4  ? -1.524  1.807  -1.398 1.00 0.53 ? 4  PRO A HD2  10 
ATOM 1595 H HD3  . PRO A 1 4  ? -3.137  2.483  -1.713 1.00 0.45 ? 4  PRO A HD3  10 
ATOM 1596 N N    . SER A 1 5  ? 0.798   2.102  -2.770 1.00 0.31 ? 5  SER A N    10 
ATOM 1597 C CA   . SER A 1 5  ? 1.982   1.240  -2.717 1.00 0.35 ? 5  SER A CA   10 
ATOM 1598 C C    . SER A 1 5  ? 2.949   1.659  -1.614 1.00 0.30 ? 5  SER A C    10 
ATOM 1599 O O    . SER A 1 5  ? 4.165   1.641  -1.796 1.00 0.54 ? 5  SER A O    10 
ATOM 1600 C CB   . SER A 1 5  ? 2.681   1.193  -4.085 1.00 0.49 ? 5  SER A CB   10 
ATOM 1601 O OG   . SER A 1 5  ? 2.762   2.478  -4.686 1.00 1.41 ? 5  SER A OG   10 
ATOM 1602 H H    . SER A 1 5  ? -0.080  1.681  -2.860 1.00 0.33 ? 5  SER A H    10 
ATOM 1603 H HA   . SER A 1 5  ? 1.633   0.248  -2.480 1.00 0.38 ? 5  SER A HA   10 
ATOM 1604 H HB2  . SER A 1 5  ? 3.682   0.809  -3.960 1.00 0.85 ? 5  SER A HB2  10 
ATOM 1605 H HB3  . SER A 1 5  ? 2.128   0.538  -4.742 1.00 1.26 ? 5  SER A HB3  10 
ATOM 1606 H HG   . SER A 1 5  ? 2.677   3.158  -4.001 1.00 1.96 ? 5  SER A HG   10 
ATOM 1607 N N    . GLY A 1 6  ? 2.393   1.998  -0.460 1.00 0.20 ? 6  GLY A N    10 
ATOM 1608 C CA   . GLY A 1 6  ? 3.198   2.503  0.630  1.00 0.29 ? 6  GLY A CA   10 
ATOM 1609 C C    . GLY A 1 6  ? 3.085   1.667  1.892  1.00 0.34 ? 6  GLY A C    10 
ATOM 1610 O O    . GLY A 1 6  ? 3.732   0.623  1.996  1.00 0.45 ? 6  GLY A O    10 
ATOM 1611 H H    . GLY A 1 6  ? 1.427   1.900  -0.352 1.00 0.34 ? 6  GLY A H    10 
ATOM 1612 H HA2  . GLY A 1 6  ? 4.229   2.520  0.316  1.00 0.39 ? 6  GLY A HA2  10 
ATOM 1613 H HA3  . GLY A 1 6  ? 2.888   3.514  0.853  1.00 0.35 ? 6  GLY A HA3  10 
ATOM 1614 N N    . PRO A 1 7  ? 2.243   2.098  2.854  1.00 0.39 ? 7  PRO A N    10 
ATOM 1615 C CA   . PRO A 1 7  ? 2.126   1.476  4.185  1.00 0.54 ? 7  PRO A CA   10 
ATOM 1616 C C    . PRO A 1 7  ? 1.988   -0.044 4.139  1.00 0.68 ? 7  PRO A C    10 
ATOM 1617 O O    . PRO A 1 7  ? 2.927   -0.765 4.467  1.00 1.75 ? 7  PRO A O    10 
ATOM 1618 C CB   . PRO A 1 7  ? 0.862   2.111  4.785  1.00 0.62 ? 7  PRO A CB   10 
ATOM 1619 C CG   . PRO A 1 7  ? 0.221   2.865  3.667  1.00 0.66 ? 7  PRO A CG   10 
ATOM 1620 C CD   . PRO A 1 7  ? 1.326   3.234  2.726  1.00 0.46 ? 7  PRO A CD   10 
ATOM 1621 H HA   . PRO A 1 7  ? 2.975   1.727  4.802  1.00 0.58 ? 7  PRO A HA   10 
ATOM 1622 H HB2  . PRO A 1 7  ? 0.211   1.334  5.157  1.00 0.79 ? 7  PRO A HB2  10 
ATOM 1623 H HB3  . PRO A 1 7  ? 1.139   2.771  5.594  1.00 0.76 ? 7  PRO A HB3  10 
ATOM 1624 H HG2  . PRO A 1 7  ? -0.502  2.238  3.168  1.00 1.01 ? 7  PRO A HG2  10 
ATOM 1625 H HG3  . PRO A 1 7  ? -0.257  3.754  4.051  1.00 0.91 ? 7  PRO A HG3  10 
ATOM 1626 H HD2  . PRO A 1 7  ? 0.952   3.321  1.715  1.00 0.60 ? 7  PRO A HD2  10 
ATOM 1627 H HD3  . PRO A 1 7  ? 1.801   4.152  3.038  1.00 0.58 ? 7  PRO A HD3  10 
ATOM 1628 N N    . ASN A 1 8  ? 0.825   -0.532 3.734  1.00 0.49 ? 8  ASN A N    10 
ATOM 1629 C CA   . ASN A 1 8  ? 0.618   -1.968 3.602  1.00 0.47 ? 8  ASN A CA   10 
ATOM 1630 C C    . ASN A 1 8  ? -0.517  -2.297 2.628  1.00 0.35 ? 8  ASN A C    10 
ATOM 1631 O O    . ASN A 1 8  ? -1.462  -3.002 2.976  1.00 0.75 ? 8  ASN A O    10 
ATOM 1632 C CB   . ASN A 1 8  ? 0.354   -2.597 4.978  1.00 0.83 ? 8  ASN A CB   10 
ATOM 1633 C CG   . ASN A 1 8  ? -0.886  -2.049 5.676  1.00 1.39 ? 8  ASN A CG   10 
ATOM 1634 O OD1  . ASN A 1 8  ? -1.305  -0.914 5.446  1.00 1.97 ? 8  ASN A OD1  10 
ATOM 1635 N ND2  . ASN A 1 8  ? -1.477  -2.855 6.544  1.00 2.07 ? 8  ASN A ND2  10 
ATOM 1636 H H    . ASN A 1 8  ? 0.087   0.079  3.540  1.00 1.30 ? 8  ASN A H    10 
ATOM 1637 H HA   . ASN A 1 8  ? 1.530   -2.385 3.205  1.00 0.55 ? 8  ASN A HA   10 
ATOM 1638 H HB2  . ASN A 1 8  ? 0.227   -3.663 4.858  1.00 1.04 ? 8  ASN A HB2  10 
ATOM 1639 H HB3  . ASN A 1 8  ? 1.211   -2.414 5.608  1.00 1.28 ? 8  ASN A HB3  10 
ATOM 1640 H HD21 . ASN A 1 8  ? -1.088  -3.746 6.688  1.00 2.32 ? 8  ASN A HD21 10 
ATOM 1641 H HD22 . ASN A 1 8  ? -2.274  -2.530 7.009  1.00 2.62 ? 8  ASN A HD22 10 
ATOM 1642 N N    . PRO A 1 9  ? -0.448  -1.797 1.383  1.00 0.33 ? 9  PRO A N    10 
ATOM 1643 C CA   . PRO A 1 9  ? -1.426  -2.128 0.357  1.00 0.33 ? 9  PRO A CA   10 
ATOM 1644 C C    . PRO A 1 9  ? -1.101  -3.467 -0.295 1.00 0.31 ? 9  PRO A C    10 
ATOM 1645 O O    . PRO A 1 9  ? -1.810  -4.453 -0.099 1.00 0.44 ? 9  PRO A O    10 
ATOM 1646 C CB   . PRO A 1 9  ? -1.295  -0.980 -0.661 1.00 0.40 ? 9  PRO A CB   10 
ATOM 1647 C CG   . PRO A 1 9  ? -0.256  -0.055 -0.103 1.00 0.53 ? 9  PRO A CG   10 
ATOM 1648 C CD   . PRO A 1 9  ? 0.554   -0.868 0.862  1.00 0.75 ? 9  PRO A CD   10 
ATOM 1649 H HA   . PRO A 1 9  ? -2.429  -2.153 0.757  1.00 0.49 ? 9  PRO A HA   10 
ATOM 1650 H HB2  . PRO A 1 9  ? -0.993  -1.380 -1.616 1.00 0.43 ? 9  PRO A HB2  10 
ATOM 1651 H HB3  . PRO A 1 9  ? -2.248  -0.482 -0.762 1.00 0.59 ? 9  PRO A HB3  10 
ATOM 1652 H HG2  . PRO A 1 9  ? 0.372   0.314  -0.900 1.00 0.53 ? 9  PRO A HG2  10 
ATOM 1653 H HG3  . PRO A 1 9  ? -0.732  0.767  0.409  1.00 0.68 ? 9  PRO A HG3  10 
ATOM 1654 H HD2  . PRO A 1 9  ? 1.345   -1.394 0.350  1.00 1.02 ? 9  PRO A HD2  10 
ATOM 1655 H HD3  . PRO A 1 9  ? 0.952   -0.246 1.650  1.00 1.15 ? 9  PRO A HD3  10 
ATOM 1656 N N    . ILE A 1 10 ? -0.007  -3.501 -1.045 1.00 0.34 ? 10 ILE A N    10 
ATOM 1657 C CA   . ILE A 1 10 ? 0.435   -4.722 -1.699 1.00 0.50 ? 10 ILE A CA   10 
ATOM 1658 C C    . ILE A 1 10 ? 1.793   -5.160 -1.154 1.00 0.58 ? 10 ILE A C    10 
ATOM 1659 O O    . ILE A 1 10 ? 2.020   -6.343 -0.903 1.00 1.16 ? 10 ILE A O    10 
ATOM 1660 C CB   . ILE A 1 10 ? 0.535   -4.532 -3.227 1.00 0.69 ? 10 ILE A CB   10 
ATOM 1661 C CG1  . ILE A 1 10 ? -0.804  -4.049 -3.789 1.00 1.46 ? 10 ILE A CG1  10 
ATOM 1662 C CG2  . ILE A 1 10 ? 0.962   -5.828 -3.901 1.00 1.47 ? 10 ILE A CG2  10 
ATOM 1663 C CD1  . ILE A 1 10 ? -0.757  -3.708 -5.261 1.00 1.75 ? 10 ILE A CD1  10 
ATOM 1664 H H    . ILE A 1 10 ? 0.507   -2.679 -1.175 1.00 0.35 ? 10 ILE A H    10 
ATOM 1665 H HA   . ILE A 1 10 ? -0.291  -5.494 -1.496 1.00 0.57 ? 10 ILE A HA   10 
ATOM 1666 H HB   . ILE A 1 10 ? 1.288   -3.788 -3.428 1.00 1.04 ? 10 ILE A HB   10 
ATOM 1667 H HG12 . ILE A 1 10 ? -1.544  -4.822 -3.653 1.00 1.94 ? 10 ILE A HG12 10 
ATOM 1668 H HG13 . ILE A 1 10 ? -1.112  -3.164 -3.253 1.00 2.04 ? 10 ILE A HG13 10 
ATOM 1669 H HG21 . ILE A 1 10 ? 1.927   -6.129 -3.521 1.00 1.79 ? 10 ILE A HG21 10 
ATOM 1670 H HG22 . ILE A 1 10 ? 1.026   -5.674 -4.968 1.00 2.09 ? 10 ILE A HG22 10 
ATOM 1671 H HG23 . ILE A 1 10 ? 0.236   -6.599 -3.689 1.00 1.89 ? 10 ILE A HG23 10 
ATOM 1672 H HD11 . ILE A 1 10 ? -1.739  -3.400 -5.590 1.00 2.11 ? 10 ILE A HD11 10 
ATOM 1673 H HD12 . ILE A 1 10 ? -0.445  -4.577 -5.823 1.00 1.93 ? 10 ILE A HD12 10 
ATOM 1674 H HD13 . ILE A 1 10 ? -0.057  -2.904 -5.423 1.00 2.22 ? 10 ILE A HD13 10 
ATOM 1675 N N    . SER A 1 11 ? 2.685   -4.187 -0.966 1.00 0.54 ? 11 SER A N    10 
ATOM 1676 C CA   . SER A 1 11 ? 4.043   -4.449 -0.499 1.00 0.74 ? 11 SER A CA   10 
ATOM 1677 C C    . SER A 1 11 ? 4.041   -5.228 0.818  1.00 0.91 ? 11 SER A C    10 
ATOM 1678 O O    . SER A 1 11 ? 4.639   -6.303 0.911  1.00 1.56 ? 11 SER A O    10 
ATOM 1679 C CB   . SER A 1 11 ? 4.803   -3.128 -0.334 1.00 1.26 ? 11 SER A CB   10 
ATOM 1680 O OG   . SER A 1 11 ? 6.170   -3.352 -0.032 1.00 2.26 ? 11 SER A OG   10 
ATOM 1681 H H    . SER A 1 11 ? 2.426   -3.264 -1.167 1.00 0.86 ? 11 SER A H    10 
ATOM 1682 H HA   . SER A 1 11 ? 4.539   -5.044 -1.252 1.00 0.80 ? 11 SER A HA   10 
ATOM 1683 H HB2  . SER A 1 11 ? 4.740   -2.561 -1.251 1.00 1.45 ? 11 SER A HB2  10 
ATOM 1684 H HB3  . SER A 1 11 ? 4.358   -2.559 0.469  1.00 1.62 ? 11 SER A HB3  10 
ATOM 1685 H HG   . SER A 1 11 ? 6.648   -2.513 -0.072 1.00 2.81 ? 11 SER A HG   10 
ATOM 1686 N N    . ASN A 1 12 ? 3.368   -4.692 1.825  1.00 1.13 ? 12 ASN A N    10 
ATOM 1687 C CA   . ASN A 1 12 ? 3.294   -5.357 3.120  1.00 1.54 ? 12 ASN A CA   10 
ATOM 1688 C C    . ASN A 1 12 ? 1.975   -6.099 3.252  1.00 2.23 ? 12 ASN A C    10 
ATOM 1689 O O    . ASN A 1 12 ? 1.955   -7.322 3.003  1.00 2.89 ? 12 ASN A O    10 
ATOM 1690 C CB   . ASN A 1 12 ? 3.466   -4.354 4.270  1.00 1.64 ? 12 ASN A CB   10 
ATOM 1691 C CG   . ASN A 1 12 ? 4.864   -3.766 4.322  1.00 2.54 ? 12 ASN A CG   10 
ATOM 1692 O OD1  . ASN A 1 12 ? 5.843   -4.420 3.954  1.00 3.25 ? 12 ASN A OD1  10 
ATOM 1693 N ND2  . ASN A 1 12 ? 4.974   -2.528 4.774  1.00 3.14 ? 12 ASN A ND2  10 
ATOM 1694 O OXT  . ASN A 1 12 ? 0.958   -5.459 3.581  1.00 2.65 ? 12 ASN A OXT  10 
ATOM 1695 H H    . ASN A 1 12 ? 2.903   -3.844 1.698  1.00 1.47 ? 12 ASN A H    10 
ATOM 1696 H HA   . ASN A 1 12 ? 4.099   -6.077 3.160  1.00 1.73 ? 12 ASN A HA   10 
ATOM 1697 H HB2  . ASN A 1 12 ? 2.756   -3.545 4.155  1.00 1.94 ? 12 ASN A HB2  10 
ATOM 1698 H HB3  . ASN A 1 12 ? 3.274   -4.858 5.205  1.00 1.63 ? 12 ASN A HB3  10 
ATOM 1699 H HD21 . ASN A 1 12 ? 4.154   -2.056 5.051  1.00 3.13 ? 12 ASN A HD21 10 
ATOM 1700 H HD22 . ASN A 1 12 ? 5.868   -2.127 4.820  1.00 3.87 ? 12 ASN A HD22 10 
# 
